data_5ONH
#
_entry.id   5ONH
#
_cell.length_a   159.110
_cell.length_b   70.380
_cell.length_c   229.830
_cell.angle_alpha   90.00
_cell.angle_beta   104.47
_cell.angle_gamma   90.00
#
_symmetry.space_group_name_H-M   'C 1 2 1'
#
loop_
_entity.id
_entity.type
_entity.pdbx_description
1 polymer 'Leucine--tRNA ligase'
2 polymer L-leucyl-tRNA(Leu)
3 non-polymer 'ZINC ION'
4 non-polymer "5'-O-(L-leucylsulfamoyl)adenosine"
5 non-polymer "2'-(L-NORVALYL)AMINO-2'-DEOXYADENOSINE"
6 non-polymer 'MAGNESIUM ION'
#
loop_
_entity_poly.entity_id
_entity_poly.type
_entity_poly.pdbx_seq_one_letter_code
_entity_poly.pdbx_strand_id
1 'polypeptide(L)'
;MGSSHHHHHHSSGLVPRGSHMQEQYRPEEIESKVQLHWDEKRTFEVTEDESKEKYYCLSMLPYPSGRLHMGHVRNYTIGD
VIARYQRMLGKNVLQPIGWDAFGLPAEGAAVKNNTAPAPWTYDNIAYMKNQLKMLGFGYDWSRELATCTPEYYRWEQKFF
TELYKKGLVYKKTSAVNWCPNDQTVLANEQVIDGCCWRCDTKVERKEIPQWFIKITAYADELLNDLDKLDHWPDTVKTMQ
RNWIGRSEGVEITFNVNDYDNTLTVYTTRPDTFMGCTYLAVAAGHPLAQKAAENNPELAAFIDECRNTKVAEAEMATMEK
KGVDTGFKAVHPLTGEEIPVWAANFVLMEYGTGAVMAVPGHDQRDYEFASKYGLNIKPVILAADGSEPDLSQQALTEKGV
LFNSGEFNGLDHEAAFNAIADKLTAMGVGERKVNYRLRDWGVSRQRYWGAPIPMVTLEDGTVMPTPDDQLPVILPEDVVM
DGITSPIKADPEWAKTTVNGMPALRETDTFDTFMESSWYYARYTCPQYKEGMLDSEAANYWLPVDIYIGGIEHAIMHLLY
FRFFHKLMRDAGMVNSDEPAKQLLCQGMVLADAFYYVGENGERNWVSPVDAIVERDEKGRIVKAKDAAGHELVYTGMSKM
SKSKNNGIDPQVMVERYGADTVRLFMMFASPADMTLEWQESGVEGANRFLKRVWKLVYEHTAKGDVAALNVDALTENQKA
LRRDVHKTIAKVTDDIGRRQTFNTAIAAIMELMNKLAKAPTDGEQDRALMQEALLAVVRMLNPFTPHICFTLWQELKGEG
DIDNAPWPVADEKAMVEDSTLVVVQVNGKVRAKITVPVDATEEQVRERAGQEHLVAKYLDGVTVRKVIYVPGKLLNLVVG
;
A,D
2 'polyribonucleotide'
;GCCCGGAUGGUGGAAUCGGUAGACACAAGGGAUUUAAAAUCCCUCGGCGUUCGCGCUGUGCGGGUUCAAGUCCCGCUCCG
GGUACCA
;
B,E
#
loop_
_chem_comp.id
_chem_comp.type
_chem_comp.name
_chem_comp.formula
A RNA linking ADENOSINE-5'-MONOPHOSPHATE 'C10 H14 N5 O7 P'
C RNA linking CYTIDINE-5'-MONOPHOSPHATE 'C9 H14 N3 O8 P'
G RNA linking GUANOSINE-5'-MONOPHOSPHATE 'C10 H14 N5 O8 P'
LSS non-polymer 5'-O-(L-leucylsulfamoyl)adenosine 'C16 H25 N7 O7 S'
MG non-polymer 'MAGNESIUM ION' 'Mg 2'
U RNA linking URIDINE-5'-MONOPHOSPHATE 'C9 H13 N2 O9 P'
VRT non-polymer 2'-(L-NORVALYL)AMINO-2'-DEOXYADENOSINE 'C15 H23 N7 O4'
ZN non-polymer 'ZINC ION' 'Zn 2'
#
# COMPACT_ATOMS: atom_id res chain seq x y z
N MET A 21 15.35 -13.78 -36.75
CA MET A 21 14.94 -14.19 -35.37
C MET A 21 16.10 -14.07 -34.38
N GLN A 22 15.86 -13.34 -33.29
CA GLN A 22 16.82 -13.25 -32.18
C GLN A 22 16.84 -14.53 -31.36
N GLU A 23 17.94 -14.76 -30.65
CA GLU A 23 18.08 -15.93 -29.76
C GLU A 23 17.15 -15.77 -28.55
N GLN A 24 17.21 -14.61 -27.92
CA GLN A 24 16.37 -14.32 -26.75
C GLN A 24 14.94 -13.99 -27.16
N TYR A 25 13.97 -14.50 -26.39
CA TYR A 25 12.56 -14.20 -26.59
C TYR A 25 12.22 -12.87 -25.93
N ARG A 26 11.89 -11.86 -26.74
CA ARG A 26 11.54 -10.52 -26.26
C ARG A 26 10.08 -10.18 -26.62
N PRO A 27 9.15 -10.30 -25.64
CA PRO A 27 7.73 -9.99 -25.89
C PRO A 27 7.45 -8.54 -26.29
N GLU A 28 8.07 -7.58 -25.60
CA GLU A 28 7.87 -6.14 -25.87
C GLU A 28 8.08 -5.71 -27.32
N GLU A 29 9.04 -6.34 -28.00
CA GLU A 29 9.32 -6.06 -29.41
C GLU A 29 8.35 -6.80 -30.36
N ILE A 30 7.93 -8.01 -29.98
CA ILE A 30 7.09 -8.86 -30.82
C ILE A 30 5.60 -8.48 -30.77
N GLU A 31 5.05 -8.40 -29.57
CA GLU A 31 3.58 -8.40 -29.36
C GLU A 31 2.87 -7.17 -29.93
N SER A 32 3.42 -5.98 -29.68
CA SER A 32 2.85 -4.73 -30.19
C SER A 32 2.90 -4.65 -31.72
N LYS A 33 3.90 -5.28 -32.33
CA LYS A 33 4.04 -5.34 -33.78
C LYS A 33 2.99 -6.24 -34.43
N VAL A 34 2.70 -7.38 -33.79
CA VAL A 34 1.68 -8.32 -34.27
C VAL A 34 0.26 -7.76 -34.11
N GLN A 35 0.02 -7.05 -33.00
CA GLN A 35 -1.27 -6.38 -32.76
C GLN A 35 -1.59 -5.31 -33.81
N LEU A 36 -0.56 -4.58 -34.25
CA LEU A 36 -0.69 -3.59 -35.33
C LEU A 36 -1.05 -4.24 -36.67
N HIS A 37 -0.48 -5.42 -36.94
CA HIS A 37 -0.80 -6.18 -38.15
C HIS A 37 -2.28 -6.62 -38.18
N TRP A 38 -2.80 -7.07 -37.04
CA TRP A 38 -4.21 -7.46 -36.93
C TRP A 38 -5.17 -6.27 -37.15
N ASP A 39 -4.79 -5.09 -36.66
CA ASP A 39 -5.60 -3.88 -36.79
C ASP A 39 -5.62 -3.35 -38.23
N GLU A 40 -4.43 -3.26 -38.83
CA GLU A 40 -4.28 -2.70 -40.19
C GLU A 40 -4.89 -3.60 -41.27
N LYS A 41 -4.60 -4.89 -41.21
CA LYS A 41 -5.15 -5.86 -42.17
C LYS A 41 -6.59 -6.31 -41.86
N ARG A 42 -7.11 -5.94 -40.68
CA ARG A 42 -8.50 -6.19 -40.29
C ARG A 42 -8.81 -7.70 -40.27
N THR A 43 -7.95 -8.44 -39.58
CA THR A 43 -7.98 -9.91 -39.60
C THR A 43 -9.29 -10.49 -39.02
N PHE A 44 -9.68 -9.98 -37.85
CA PHE A 44 -10.85 -10.50 -37.13
C PHE A 44 -12.15 -9.74 -37.37
N GLU A 45 -12.15 -8.81 -38.34
CA GLU A 45 -13.38 -8.18 -38.82
C GLU A 45 -14.03 -9.09 -39.85
N VAL A 46 -15.32 -9.38 -39.68
CA VAL A 46 -16.04 -10.32 -40.53
C VAL A 46 -17.42 -9.80 -40.93
N THR A 47 -17.84 -10.19 -42.13
CA THR A 47 -19.17 -9.85 -42.67
C THR A 47 -20.03 -11.11 -42.73
N GLU A 48 -21.28 -10.94 -43.14
CA GLU A 48 -22.24 -12.05 -43.20
C GLU A 48 -22.01 -12.87 -44.47
N ASP A 49 -20.97 -13.71 -44.43
CA ASP A 49 -20.51 -14.47 -45.60
C ASP A 49 -21.29 -15.78 -45.74
N GLU A 50 -22.08 -15.89 -46.80
CA GLU A 50 -22.90 -17.08 -47.05
C GLU A 50 -22.10 -18.34 -47.40
N SER A 51 -20.91 -18.17 -47.98
CA SER A 51 -20.07 -19.30 -48.38
C SER A 51 -19.48 -20.06 -47.19
N LYS A 52 -18.93 -19.32 -46.22
CA LYS A 52 -18.37 -19.90 -45.00
C LYS A 52 -19.47 -20.38 -44.04
N GLU A 53 -19.09 -21.29 -43.14
CA GLU A 53 -19.95 -21.74 -42.05
C GLU A 53 -19.72 -20.83 -40.84
N LYS A 54 -20.80 -20.30 -40.28
CA LYS A 54 -20.70 -19.30 -39.20
C LYS A 54 -20.40 -19.92 -37.83
N TYR A 55 -19.77 -19.12 -36.96
CA TYR A 55 -19.61 -19.45 -35.54
C TYR A 55 -19.63 -18.17 -34.71
N TYR A 56 -20.66 -18.02 -33.88
CA TYR A 56 -20.80 -16.86 -32.98
C TYR A 56 -20.23 -17.24 -31.61
N CYS A 57 -19.00 -16.79 -31.34
CA CYS A 57 -18.34 -16.99 -30.05
C CYS A 57 -18.45 -15.73 -29.20
N LEU A 58 -19.40 -15.71 -28.27
CA LEU A 58 -19.73 -14.53 -27.49
C LEU A 58 -19.26 -14.64 -26.04
N SER A 59 -18.53 -13.61 -25.59
CA SER A 59 -18.19 -13.42 -24.18
C SER A 59 -19.02 -12.25 -23.64
N MET A 60 -19.40 -12.31 -22.37
CA MET A 60 -20.26 -11.28 -21.77
C MET A 60 -19.54 -9.95 -21.66
N LEU A 61 -20.18 -8.88 -22.12
CA LEU A 61 -19.56 -7.55 -22.19
C LEU A 61 -19.35 -6.97 -20.78
N PRO A 62 -18.22 -6.26 -20.57
CA PRO A 62 -17.90 -5.78 -19.22
C PRO A 62 -18.53 -4.44 -18.86
N TYR A 63 -18.64 -4.17 -17.56
CA TYR A 63 -18.98 -2.83 -17.06
C TYR A 63 -17.67 -2.05 -17.04
N PRO A 64 -17.66 -0.84 -17.61
CA PRO A 64 -16.42 -0.04 -17.61
C PRO A 64 -16.13 0.56 -16.22
N SER A 65 -15.54 -0.26 -15.35
CA SER A 65 -15.24 0.15 -13.98
C SER A 65 -14.04 1.10 -13.90
N GLY A 66 -13.00 0.80 -14.67
CA GLY A 66 -11.80 1.62 -14.73
C GLY A 66 -10.60 0.83 -15.21
N ARG A 67 -10.22 -0.17 -14.41
CA ARG A 67 -9.16 -1.11 -14.75
C ARG A 67 -9.78 -2.47 -15.03
N LEU A 68 -9.04 -3.32 -15.74
CA LEU A 68 -9.37 -4.74 -15.82
C LEU A 68 -8.81 -5.45 -14.59
N HIS A 69 -9.34 -6.64 -14.31
CA HIS A 69 -8.79 -7.53 -13.29
C HIS A 69 -8.77 -8.95 -13.83
N MET A 70 -8.17 -9.88 -13.09
CA MET A 70 -7.93 -11.25 -13.58
C MET A 70 -9.22 -12.05 -13.82
N GLY A 71 -10.32 -11.63 -13.20
CA GLY A 71 -11.66 -12.13 -13.54
C GLY A 71 -12.05 -11.84 -14.98
N HIS A 72 -11.82 -10.61 -15.44
CA HIS A 72 -12.04 -10.22 -16.84
C HIS A 72 -11.14 -11.01 -17.78
N VAL A 73 -9.87 -11.13 -17.42
CA VAL A 73 -8.86 -11.76 -18.29
C VAL A 73 -9.16 -13.25 -18.51
N ARG A 74 -9.62 -13.94 -17.48
CA ARG A 74 -9.99 -15.35 -17.60
C ARG A 74 -11.18 -15.54 -18.55
N ASN A 75 -12.20 -14.69 -18.41
CA ASN A 75 -13.40 -14.74 -19.24
C ASN A 75 -13.06 -14.59 -20.73
N TYR A 76 -12.22 -13.61 -21.06
CA TYR A 76 -11.93 -13.25 -22.45
C TYR A 76 -10.78 -14.03 -23.08
N THR A 77 -9.90 -14.63 -22.27
CA THR A 77 -8.91 -15.58 -22.78
C THR A 77 -9.57 -16.89 -23.17
N ILE A 78 -10.58 -17.32 -22.41
CA ILE A 78 -11.35 -18.53 -22.75
C ILE A 78 -12.06 -18.36 -24.09
N GLY A 79 -12.72 -17.22 -24.28
CA GLY A 79 -13.44 -16.92 -25.53
C GLY A 79 -12.53 -16.77 -26.74
N ASP A 80 -11.40 -16.10 -26.55
CA ASP A 80 -10.43 -15.89 -27.63
C ASP A 80 -9.76 -17.20 -28.06
N VAL A 81 -9.52 -18.10 -27.09
CA VAL A 81 -9.04 -19.45 -27.37
C VAL A 81 -10.03 -20.23 -28.24
N ILE A 82 -11.31 -20.15 -27.90
CA ILE A 82 -12.37 -20.82 -28.67
C ILE A 82 -12.53 -20.17 -30.05
N ALA A 83 -12.51 -18.83 -30.10
CA ALA A 83 -12.67 -18.09 -31.36
C ALA A 83 -11.52 -18.32 -32.34
N ARG A 84 -10.30 -18.39 -31.82
CA ARG A 84 -9.12 -18.69 -32.64
C ARG A 84 -9.07 -20.16 -33.06
N TYR A 85 -9.49 -21.06 -32.17
CA TYR A 85 -9.61 -22.49 -32.48
C TYR A 85 -10.61 -22.72 -33.61
N GLN A 86 -11.81 -22.18 -33.46
CA GLN A 86 -12.87 -22.31 -34.46
C GLN A 86 -12.54 -21.62 -35.79
N ARG A 87 -11.75 -20.55 -35.73
CA ARG A 87 -11.23 -19.89 -36.94
C ARG A 87 -10.30 -20.81 -37.73
N MET A 88 -9.43 -21.52 -37.02
CA MET A 88 -8.50 -22.47 -37.64
C MET A 88 -9.18 -23.73 -38.20
N LEU A 89 -10.38 -24.05 -37.71
CA LEU A 89 -11.20 -25.11 -38.32
C LEU A 89 -11.82 -24.73 -39.67
N GLY A 90 -11.77 -23.44 -40.04
CA GLY A 90 -12.22 -22.95 -41.35
C GLY A 90 -13.63 -22.38 -41.34
N LYS A 91 -13.92 -21.57 -40.31
CA LYS A 91 -15.24 -20.99 -40.11
C LYS A 91 -15.15 -19.48 -40.00
N ASN A 92 -16.24 -18.79 -40.35
CA ASN A 92 -16.34 -17.33 -40.21
C ASN A 92 -16.73 -17.03 -38.76
N VAL A 93 -15.75 -16.64 -37.95
CA VAL A 93 -15.92 -16.48 -36.50
C VAL A 93 -16.23 -15.03 -36.13
N LEU A 94 -17.33 -14.83 -35.42
CA LEU A 94 -17.70 -13.53 -34.86
C LEU A 94 -17.39 -13.52 -33.36
N GLN A 95 -16.39 -12.74 -32.97
CA GLN A 95 -16.09 -12.48 -31.55
C GLN A 95 -16.22 -10.97 -31.32
N PRO A 96 -17.39 -10.51 -30.82
CA PRO A 96 -17.61 -9.09 -30.60
C PRO A 96 -17.24 -8.61 -29.20
N ILE A 97 -17.08 -7.29 -29.06
CA ILE A 97 -16.77 -6.65 -27.78
C ILE A 97 -17.48 -5.31 -27.70
N GLY A 98 -18.12 -5.06 -26.55
CA GLY A 98 -18.86 -3.82 -26.30
C GLY A 98 -18.71 -3.37 -24.85
N TRP A 99 -19.62 -2.51 -24.39
CA TRP A 99 -19.54 -1.93 -23.04
C TRP A 99 -20.92 -1.74 -22.41
N ASP A 100 -21.15 -2.42 -21.28
CA ASP A 100 -22.37 -2.24 -20.48
C ASP A 100 -22.16 -0.97 -19.63
N ALA A 101 -22.37 0.18 -20.26
CA ALA A 101 -21.88 1.47 -19.74
C ALA A 101 -22.69 2.07 -18.58
N PHE A 102 -24.02 1.92 -18.62
CA PHE A 102 -24.88 2.44 -17.55
C PHE A 102 -24.70 1.65 -16.24
N GLY A 103 -24.94 2.31 -15.11
CA GLY A 103 -24.77 1.70 -13.79
C GLY A 103 -24.68 2.66 -12.63
N LEU A 104 -24.75 2.09 -11.42
CA LEU A 104 -24.62 2.84 -10.17
C LEU A 104 -23.19 3.37 -9.93
N PRO A 105 -22.15 2.52 -10.08
CA PRO A 105 -20.77 2.95 -9.73
C PRO A 105 -20.27 4.22 -10.43
N ALA A 106 -20.80 4.53 -11.61
CA ALA A 106 -20.47 5.76 -12.32
C ALA A 106 -20.90 7.02 -11.58
N GLU A 107 -22.04 6.96 -10.87
CA GLU A 107 -22.56 8.12 -10.14
C GLU A 107 -21.74 8.46 -8.89
N GLY A 108 -21.41 7.44 -8.10
CA GLY A 108 -20.61 7.60 -6.89
C GLY A 108 -19.20 8.12 -7.16
N ALA A 109 -18.57 7.57 -8.18
CA ALA A 109 -17.22 7.99 -8.60
C ALA A 109 -17.20 9.41 -9.20
N ALA A 110 -18.27 9.76 -9.92
CA ALA A 110 -18.40 11.10 -10.52
C ALA A 110 -18.45 12.22 -9.48
N VAL A 111 -19.21 11.99 -8.41
CA VAL A 111 -19.32 12.95 -7.31
C VAL A 111 -18.00 13.02 -6.51
N LYS A 112 -17.38 11.87 -6.28
CA LYS A 112 -16.14 11.78 -5.51
C LYS A 112 -14.95 12.44 -6.22
N ASN A 113 -14.86 12.26 -7.54
CA ASN A 113 -13.79 12.85 -8.35
C ASN A 113 -14.11 14.21 -8.99
N ASN A 114 -15.31 14.74 -8.73
CA ASN A 114 -15.75 16.05 -9.22
C ASN A 114 -15.83 16.10 -10.76
N THR A 115 -16.65 15.22 -11.31
CA THR A 115 -16.90 15.12 -12.76
C THR A 115 -18.37 14.75 -12.97
N ALA A 116 -18.76 14.62 -14.24
CA ALA A 116 -20.06 14.04 -14.60
C ALA A 116 -19.89 12.53 -14.87
N PRO A 117 -20.98 11.74 -14.76
CA PRO A 117 -20.86 10.29 -15.00
C PRO A 117 -20.51 9.88 -16.44
N ALA A 118 -20.95 10.67 -17.44
CA ALA A 118 -20.69 10.36 -18.85
C ALA A 118 -19.18 10.34 -19.22
N PRO A 119 -18.45 11.46 -18.99
CA PRO A 119 -17.01 11.46 -19.32
C PRO A 119 -16.16 10.48 -18.50
N TRP A 120 -16.59 10.21 -17.26
CA TRP A 120 -15.95 9.18 -16.43
C TRP A 120 -16.03 7.80 -17.08
N THR A 121 -17.18 7.49 -17.68
CA THR A 121 -17.42 6.21 -18.33
C THR A 121 -16.63 6.05 -19.63
N TYR A 122 -16.57 7.10 -20.44
CA TYR A 122 -15.83 7.05 -21.73
C TYR A 122 -14.30 6.98 -21.54
N ASP A 123 -13.79 7.59 -20.48
CA ASP A 123 -12.37 7.47 -20.11
C ASP A 123 -12.03 6.06 -19.63
N ASN A 124 -12.93 5.44 -18.88
CA ASN A 124 -12.79 4.04 -18.45
C ASN A 124 -12.87 3.07 -19.64
N ILE A 125 -13.79 3.35 -20.57
CA ILE A 125 -13.86 2.62 -21.84
C ILE A 125 -12.57 2.77 -22.64
N ALA A 126 -12.04 4.00 -22.68
CA ALA A 126 -10.78 4.30 -23.39
C ALA A 126 -9.58 3.55 -22.78
N TYR A 127 -9.51 3.52 -21.45
CA TYR A 127 -8.43 2.84 -20.74
C TYR A 127 -8.50 1.32 -20.93
N MET A 128 -9.69 0.75 -20.73
CA MET A 128 -9.89 -0.70 -20.82
C MET A 128 -9.79 -1.25 -22.25
N LYS A 129 -10.13 -0.44 -23.24
CA LYS A 129 -9.95 -0.81 -24.65
C LYS A 129 -8.46 -1.04 -24.97
N ASN A 130 -7.60 -0.19 -24.44
CA ASN A 130 -6.15 -0.34 -24.59
C ASN A 130 -5.63 -1.63 -23.95
N GLN A 131 -6.12 -1.94 -22.76
CA GLN A 131 -5.74 -3.16 -22.05
C GLN A 131 -6.15 -4.44 -22.79
N LEU A 132 -7.36 -4.43 -23.35
CA LEU A 132 -7.85 -5.56 -24.15
C LEU A 132 -7.05 -5.76 -25.44
N LYS A 133 -6.73 -4.65 -26.11
CA LYS A 133 -5.87 -4.69 -27.30
C LYS A 133 -4.46 -5.18 -26.98
N MET A 134 -3.90 -4.73 -25.85
CA MET A 134 -2.56 -5.17 -25.41
C MET A 134 -2.52 -6.65 -25.02
N LEU A 135 -3.60 -7.16 -24.46
CA LEU A 135 -3.75 -8.60 -24.21
C LEU A 135 -3.92 -9.40 -25.51
N GLY A 136 -4.43 -8.74 -26.55
CA GLY A 136 -4.38 -9.27 -27.91
C GLY A 136 -5.51 -10.24 -28.22
N PHE A 137 -6.72 -9.89 -27.81
CA PHE A 137 -7.90 -10.68 -28.11
C PHE A 137 -8.39 -10.28 -29.50
N GLY A 138 -8.47 -11.26 -30.40
CA GLY A 138 -8.95 -11.04 -31.76
C GLY A 138 -10.43 -10.73 -31.81
N TYR A 139 -10.77 -9.47 -31.51
CA TYR A 139 -12.15 -8.98 -31.53
C TYR A 139 -12.47 -8.29 -32.85
N ASP A 140 -13.75 -8.28 -33.20
CA ASP A 140 -14.26 -7.47 -34.31
C ASP A 140 -14.54 -6.06 -33.76
N TRP A 141 -13.53 -5.18 -33.87
CA TRP A 141 -13.62 -3.81 -33.36
C TRP A 141 -14.53 -2.88 -34.18
N SER A 142 -14.89 -3.28 -35.40
CA SER A 142 -15.87 -2.54 -36.20
C SER A 142 -17.29 -2.60 -35.62
N ARG A 143 -17.61 -3.69 -34.90
CA ARG A 143 -18.93 -3.89 -34.29
C ARG A 143 -18.95 -3.49 -32.80
N GLU A 144 -18.28 -2.40 -32.44
CA GLU A 144 -18.19 -1.97 -31.05
C GLU A 144 -19.48 -1.23 -30.63
N LEU A 145 -19.91 -1.46 -29.39
CA LEU A 145 -21.14 -0.88 -28.85
C LEU A 145 -20.91 -0.30 -27.46
N ALA A 146 -21.32 0.95 -27.27
CA ALA A 146 -21.44 1.56 -25.95
C ALA A 146 -22.92 1.75 -25.68
N THR A 147 -23.43 1.09 -24.64
CA THR A 147 -24.86 1.14 -24.32
C THR A 147 -25.33 2.51 -23.77
N CYS A 148 -24.39 3.35 -23.33
CA CYS A 148 -24.72 4.70 -22.85
C CYS A 148 -25.06 5.70 -23.96
N THR A 149 -24.72 5.37 -25.21
CA THR A 149 -25.05 6.23 -26.35
C THR A 149 -26.54 6.10 -26.72
N PRO A 150 -27.15 7.18 -27.23
CA PRO A 150 -28.55 7.11 -27.67
C PRO A 150 -28.76 6.28 -28.94
N GLU A 151 -27.70 6.02 -29.70
CA GLU A 151 -27.75 5.10 -30.85
C GLU A 151 -28.18 3.69 -30.43
N TYR A 152 -27.79 3.28 -29.23
CA TYR A 152 -28.16 1.98 -28.68
C TYR A 152 -29.55 2.00 -28.01
N TYR A 153 -29.71 2.82 -26.97
CA TYR A 153 -30.92 2.78 -26.14
C TYR A 153 -32.20 3.31 -26.79
N ARG A 154 -32.10 3.95 -27.96
CA ARG A 154 -33.29 4.35 -28.73
C ARG A 154 -34.20 3.17 -29.09
N TRP A 155 -33.60 2.01 -29.35
CA TRP A 155 -34.34 0.84 -29.83
C TRP A 155 -35.03 0.06 -28.72
N GLU A 156 -34.40 -0.01 -27.54
CA GLU A 156 -35.06 -0.62 -26.36
C GLU A 156 -36.22 0.25 -25.85
N GLN A 157 -36.07 1.58 -25.97
CA GLN A 157 -37.18 2.52 -25.70
C GLN A 157 -38.34 2.30 -26.67
N LYS A 158 -38.01 2.19 -27.96
CA LYS A 158 -39.00 1.86 -28.99
C LYS A 158 -39.64 0.50 -28.76
N PHE A 159 -38.83 -0.47 -28.30
CA PHE A 159 -39.31 -1.80 -27.96
C PHE A 159 -40.20 -1.81 -26.72
N PHE A 160 -39.88 -0.97 -25.73
CA PHE A 160 -40.65 -0.84 -24.49
C PHE A 160 -42.07 -0.31 -24.75
N THR A 161 -42.19 0.70 -25.62
CA THR A 161 -43.50 1.25 -26.00
C THR A 161 -44.34 0.24 -26.80
N GLU A 162 -43.69 -0.54 -27.65
CA GLU A 162 -44.34 -1.66 -28.35
C GLU A 162 -44.76 -2.76 -27.37
N LEU A 163 -43.93 -3.03 -26.37
CA LEU A 163 -44.26 -3.96 -25.28
C LEU A 163 -45.46 -3.51 -24.44
N TYR A 164 -45.59 -2.18 -24.24
CA TYR A 164 -46.75 -1.62 -23.51
C TYR A 164 -48.06 -1.81 -24.27
N LYS A 165 -48.03 -1.59 -25.59
CA LYS A 165 -49.22 -1.75 -26.43
C LYS A 165 -49.70 -3.21 -26.57
N LYS A 166 -48.78 -4.17 -26.43
CA LYS A 166 -49.15 -5.60 -26.39
C LYS A 166 -49.73 -6.07 -25.05
N GLY A 167 -49.60 -5.25 -24.01
CA GLY A 167 -50.13 -5.57 -22.68
C GLY A 167 -49.18 -6.36 -21.80
N LEU A 168 -47.88 -6.31 -22.12
CA LEU A 168 -46.84 -6.99 -21.34
C LEU A 168 -46.19 -6.08 -20.28
N VAL A 169 -46.55 -4.81 -20.28
CA VAL A 169 -46.05 -3.83 -19.29
C VAL A 169 -47.21 -3.32 -18.45
N TYR A 170 -46.97 -3.15 -17.16
CA TYR A 170 -47.95 -2.57 -16.24
C TYR A 170 -47.25 -1.88 -15.06
N LYS A 171 -48.01 -1.03 -14.35
CA LYS A 171 -47.49 -0.26 -13.23
C LYS A 171 -48.14 -0.72 -11.92
N LYS A 172 -47.33 -0.90 -10.88
CA LYS A 172 -47.83 -1.22 -9.55
C LYS A 172 -46.88 -0.77 -8.43
N THR A 173 -47.39 -0.84 -7.20
CA THR A 173 -46.62 -0.49 -6.00
C THR A 173 -45.59 -1.57 -5.69
N SER A 174 -44.42 -1.15 -5.21
CA SER A 174 -43.31 -2.06 -4.91
C SER A 174 -42.43 -1.53 -3.77
N ALA A 175 -41.93 -2.44 -2.94
CA ALA A 175 -41.08 -2.07 -1.79
C ALA A 175 -39.68 -1.66 -2.24
N VAL A 176 -39.17 -0.59 -1.65
CA VAL A 176 -37.87 0.01 -2.03
C VAL A 176 -37.16 0.52 -0.78
N ASN A 177 -35.82 0.37 -0.74
CA ASN A 177 -35.00 0.91 0.35
C ASN A 177 -34.94 2.43 0.25
N TRP A 178 -35.13 3.12 1.38
CA TRP A 178 -35.34 4.56 1.41
C TRP A 178 -34.73 5.19 2.67
N CYS A 179 -33.64 5.93 2.49
CA CYS A 179 -33.08 6.75 3.58
C CYS A 179 -33.98 7.97 3.75
N PRO A 180 -34.66 8.10 4.91
CA PRO A 180 -35.74 9.09 5.07
C PRO A 180 -35.31 10.57 5.10
N ASN A 181 -34.13 10.86 5.65
CA ASN A 181 -33.64 12.24 5.76
C ASN A 181 -33.29 12.85 4.41
N ASP A 182 -32.46 12.15 3.64
CA ASP A 182 -32.07 12.60 2.31
C ASP A 182 -33.19 12.50 1.27
N GLN A 183 -34.11 11.53 1.46
CA GLN A 183 -35.25 11.26 0.57
C GLN A 183 -34.80 10.78 -0.81
N THR A 184 -33.98 9.73 -0.80
CA THR A 184 -33.45 9.12 -2.03
C THR A 184 -33.50 7.60 -1.92
N VAL A 185 -33.73 6.94 -3.06
CA VAL A 185 -33.74 5.48 -3.14
C VAL A 185 -32.30 4.95 -3.14
N LEU A 186 -32.04 3.97 -2.29
CA LEU A 186 -30.74 3.29 -2.20
C LEU A 186 -30.84 1.87 -2.77
N ALA A 187 -29.71 1.35 -3.24
CA ALA A 187 -29.62 -0.05 -3.65
C ALA A 187 -29.40 -0.95 -2.43
N ASN A 188 -29.41 -2.26 -2.64
CA ASN A 188 -29.14 -3.23 -1.58
C ASN A 188 -27.69 -3.15 -1.09
N GLU A 189 -26.77 -2.96 -2.04
CA GLU A 189 -25.33 -2.82 -1.74
C GLU A 189 -25.02 -1.60 -0.85
N GLN A 190 -25.74 -0.51 -1.06
CA GLN A 190 -25.51 0.73 -0.30
C GLN A 190 -25.99 0.69 1.17
N VAL A 191 -26.83 -0.28 1.51
CA VAL A 191 -27.22 -0.53 2.91
C VAL A 191 -26.24 -1.52 3.54
N ILE A 192 -25.73 -1.19 4.72
CA ILE A 192 -24.74 -2.03 5.42
C ILE A 192 -24.91 -1.96 6.95
N ASP A 193 -25.08 -3.13 7.58
CA ASP A 193 -25.26 -3.26 9.03
C ASP A 193 -26.43 -2.44 9.57
N GLY A 194 -27.57 -2.51 8.87
CA GLY A 194 -28.77 -1.76 9.24
C GLY A 194 -28.81 -0.36 8.68
N CYS A 195 -27.88 0.48 9.11
CA CYS A 195 -27.81 1.89 8.70
C CYS A 195 -27.35 2.09 7.24
N CYS A 196 -27.55 3.31 6.76
CA CYS A 196 -27.16 3.72 5.40
C CYS A 196 -25.67 4.14 5.40
N TRP A 197 -24.96 3.79 4.33
CA TRP A 197 -23.50 3.96 4.26
C TRP A 197 -22.97 5.40 4.13
N ARG A 198 -23.84 6.36 3.79
CA ARG A 198 -23.47 7.78 3.77
C ARG A 198 -23.68 8.44 5.13
N CYS A 199 -24.93 8.43 5.60
CA CYS A 199 -25.38 9.22 6.76
C CYS A 199 -25.89 8.32 7.89
N ASP A 200 -25.83 8.84 9.11
CA ASP A 200 -26.19 8.07 10.32
C ASP A 200 -27.69 8.06 10.60
N THR A 201 -28.41 7.18 9.90
CA THR A 201 -29.83 6.91 10.18
C THR A 201 -30.26 5.56 9.58
N LYS A 202 -31.30 4.96 10.16
CA LYS A 202 -31.75 3.63 9.75
C LYS A 202 -32.60 3.68 8.48
N VAL A 203 -32.41 2.68 7.62
CA VAL A 203 -33.10 2.60 6.32
C VAL A 203 -34.47 1.98 6.53
N GLU A 204 -35.44 2.41 5.72
CA GLU A 204 -36.84 1.97 5.84
C GLU A 204 -37.44 1.56 4.50
N ARG A 205 -38.48 0.71 4.56
CA ARG A 205 -39.25 0.34 3.39
C ARG A 205 -40.17 1.50 3.02
N LYS A 206 -40.32 1.76 1.72
CA LYS A 206 -41.29 2.74 1.22
C LYS A 206 -42.00 2.18 -0.01
N GLU A 207 -43.32 2.25 0.01
CA GLU A 207 -44.16 1.76 -1.08
C GLU A 207 -44.21 2.82 -2.17
N ILE A 208 -43.71 2.49 -3.36
CA ILE A 208 -43.55 3.44 -4.46
C ILE A 208 -44.00 2.81 -5.79
N PRO A 209 -44.75 3.57 -6.63
CA PRO A 209 -45.22 3.01 -7.91
C PRO A 209 -44.09 2.90 -8.94
N GLN A 210 -44.02 1.74 -9.60
CA GLN A 210 -42.93 1.42 -10.53
C GLN A 210 -43.41 0.56 -11.70
N TRP A 211 -42.70 0.65 -12.83
CA TRP A 211 -43.04 -0.12 -14.04
C TRP A 211 -42.51 -1.55 -13.95
N PHE A 212 -43.34 -2.50 -14.39
CA PHE A 212 -42.99 -3.93 -14.42
C PHE A 212 -43.27 -4.52 -15.79
N ILE A 213 -42.46 -5.50 -16.18
CA ILE A 213 -42.68 -6.27 -17.41
C ILE A 213 -43.10 -7.69 -17.03
N LYS A 214 -44.10 -8.22 -17.73
CA LYS A 214 -44.69 -9.52 -17.39
C LYS A 214 -43.81 -10.69 -17.86
N ILE A 215 -42.78 -10.99 -17.08
CA ILE A 215 -41.95 -12.18 -17.32
C ILE A 215 -42.68 -13.47 -16.91
N THR A 216 -43.62 -13.38 -15.97
CA THR A 216 -44.44 -14.52 -15.55
C THR A 216 -45.36 -15.05 -16.66
N ALA A 217 -45.68 -14.20 -17.64
CA ALA A 217 -46.37 -14.63 -18.87
C ALA A 217 -45.59 -15.71 -19.62
N TYR A 218 -44.26 -15.58 -19.65
CA TYR A 218 -43.36 -16.56 -20.27
C TYR A 218 -42.74 -17.53 -19.25
N ALA A 219 -43.44 -17.80 -18.15
CA ALA A 219 -42.89 -18.64 -17.07
C ALA A 219 -42.78 -20.11 -17.50
N ASP A 220 -43.86 -20.65 -18.05
CA ASP A 220 -43.89 -22.04 -18.52
C ASP A 220 -42.97 -22.27 -19.72
N GLU A 221 -42.89 -21.28 -20.62
CA GLU A 221 -42.02 -21.36 -21.79
C GLU A 221 -40.54 -21.40 -21.39
N LEU A 222 -40.14 -20.52 -20.47
CA LEU A 222 -38.78 -20.51 -19.94
C LEU A 222 -38.45 -21.79 -19.16
N LEU A 223 -39.43 -22.32 -18.43
CA LEU A 223 -39.25 -23.53 -17.64
C LEU A 223 -39.13 -24.79 -18.50
N ASN A 224 -40.08 -24.96 -19.43
CA ASN A 224 -40.12 -26.16 -20.28
C ASN A 224 -38.99 -26.23 -21.31
N ASP A 225 -38.54 -25.08 -21.83
CA ASP A 225 -37.45 -25.04 -22.82
C ASP A 225 -36.05 -25.38 -22.26
N LEU A 226 -35.91 -25.47 -20.94
CA LEU A 226 -34.68 -26.01 -20.32
C LEU A 226 -34.38 -27.45 -20.74
N ASP A 227 -35.42 -28.22 -21.05
CA ASP A 227 -35.27 -29.59 -21.57
C ASP A 227 -34.56 -29.63 -22.93
N LYS A 228 -34.86 -28.65 -23.79
CA LYS A 228 -34.22 -28.54 -25.11
C LYS A 228 -32.76 -28.09 -25.05
N LEU A 229 -32.37 -27.35 -24.01
CA LEU A 229 -30.99 -26.87 -23.84
C LEU A 229 -30.08 -27.97 -23.26
N ASP A 230 -29.76 -28.96 -24.07
CA ASP A 230 -28.92 -30.11 -23.64
C ASP A 230 -27.45 -29.72 -23.44
N HIS A 231 -26.96 -28.75 -24.20
CA HIS A 231 -25.56 -28.27 -24.09
C HIS A 231 -25.35 -27.15 -23.06
N TRP A 232 -26.37 -26.84 -22.26
CA TRP A 232 -26.22 -26.02 -21.05
C TRP A 232 -25.89 -26.96 -19.87
N PRO A 233 -25.10 -26.48 -18.89
CA PRO A 233 -24.79 -27.31 -17.73
C PRO A 233 -25.98 -27.43 -16.77
N ASP A 234 -26.09 -28.57 -16.08
CA ASP A 234 -27.20 -28.83 -15.15
C ASP A 234 -27.20 -27.93 -13.91
N THR A 235 -26.04 -27.37 -13.56
CA THR A 235 -25.92 -26.41 -12.47
C THR A 235 -26.77 -25.15 -12.72
N VAL A 236 -26.67 -24.61 -13.94
CA VAL A 236 -27.39 -23.40 -14.33
C VAL A 236 -28.88 -23.68 -14.52
N LYS A 237 -29.21 -24.80 -15.15
CA LYS A 237 -30.60 -25.16 -15.44
C LYS A 237 -31.41 -25.47 -14.18
N THR A 238 -30.85 -26.28 -13.29
CA THR A 238 -31.50 -26.62 -12.01
C THR A 238 -31.70 -25.40 -11.11
N MET A 239 -30.76 -24.46 -11.16
CA MET A 239 -30.92 -23.17 -10.45
C MET A 239 -32.09 -22.35 -10.99
N GLN A 240 -32.24 -22.31 -12.32
CA GLN A 240 -33.34 -21.58 -12.97
C GLN A 240 -34.70 -22.22 -12.73
N ARG A 241 -34.77 -23.55 -12.72
CA ARG A 241 -36.01 -24.28 -12.37
C ARG A 241 -36.49 -23.92 -10.96
N ASN A 242 -35.57 -23.97 -10.01
CA ASN A 242 -35.87 -23.65 -8.60
C ASN A 242 -36.18 -22.17 -8.40
N TRP A 243 -35.57 -21.30 -9.20
CA TRP A 243 -35.85 -19.86 -9.18
C TRP A 243 -37.25 -19.54 -9.68
N ILE A 244 -37.62 -20.13 -10.82
CA ILE A 244 -38.95 -19.95 -11.41
C ILE A 244 -39.99 -20.54 -10.47
N GLY A 245 -39.77 -21.79 -10.07
CA GLY A 245 -40.55 -22.44 -9.02
C GLY A 245 -42.03 -22.57 -9.35
N ARG A 246 -42.35 -23.29 -10.41
CA ARG A 246 -43.74 -23.57 -10.77
C ARG A 246 -44.36 -24.49 -9.73
N SER A 247 -45.65 -24.29 -9.48
CA SER A 247 -46.32 -24.90 -8.34
C SER A 247 -47.84 -24.89 -8.52
N GLU A 248 -48.43 -26.08 -8.64
CA GLU A 248 -49.88 -26.24 -8.74
C GLU A 248 -50.48 -26.39 -7.35
N GLY A 249 -51.46 -25.54 -7.02
CA GLY A 249 -52.08 -25.53 -5.69
C GLY A 249 -53.49 -24.98 -5.68
N VAL A 250 -53.91 -24.47 -4.53
CA VAL A 250 -55.27 -23.98 -4.31
C VAL A 250 -55.24 -22.65 -3.54
N GLU A 251 -55.92 -21.64 -4.06
CA GLU A 251 -56.15 -20.38 -3.32
C GLU A 251 -57.44 -20.48 -2.50
N ILE A 252 -57.31 -20.55 -1.18
CA ILE A 252 -58.46 -20.65 -0.28
C ILE A 252 -58.85 -19.26 0.22
N THR A 253 -60.16 -18.97 0.25
CA THR A 253 -60.69 -17.68 0.70
C THR A 253 -61.36 -17.83 2.07
N PHE A 254 -61.28 -16.77 2.88
CA PHE A 254 -61.82 -16.75 4.25
C PHE A 254 -62.73 -15.54 4.48
N ASN A 255 -63.58 -15.66 5.50
CA ASN A 255 -64.37 -14.55 6.02
C ASN A 255 -63.90 -14.22 7.43
N VAL A 256 -64.14 -12.98 7.85
CA VAL A 256 -63.76 -12.48 9.18
C VAL A 256 -65.00 -11.86 9.84
N ASN A 257 -65.06 -11.92 11.17
CA ASN A 257 -66.26 -11.54 11.92
C ASN A 257 -66.59 -10.05 11.87
N ASP A 258 -65.73 -9.22 12.45
CA ASP A 258 -65.95 -7.76 12.51
C ASP A 258 -65.09 -7.05 11.46
N TYR A 259 -65.21 -7.49 10.21
CA TYR A 259 -64.38 -6.99 9.11
C TYR A 259 -64.99 -7.40 7.77
N ASP A 260 -65.08 -6.44 6.84
CA ASP A 260 -65.81 -6.62 5.58
C ASP A 260 -65.03 -7.43 4.53
N ASN A 261 -63.73 -7.14 4.40
CA ASN A 261 -62.92 -7.72 3.33
C ASN A 261 -62.49 -9.16 3.63
N THR A 262 -62.40 -9.97 2.58
CA THR A 262 -62.02 -11.39 2.68
C THR A 262 -60.51 -11.59 2.57
N LEU A 263 -60.01 -12.63 3.22
CA LEU A 263 -58.60 -13.03 3.16
C LEU A 263 -58.43 -14.23 2.24
N THR A 264 -57.68 -14.06 1.15
CA THR A 264 -57.33 -15.16 0.24
C THR A 264 -55.91 -15.62 0.55
N VAL A 265 -55.70 -16.93 0.58
CA VAL A 265 -54.37 -17.54 0.86
C VAL A 265 -54.09 -18.70 -0.08
N TYR A 266 -52.83 -18.81 -0.53
CA TYR A 266 -52.40 -19.90 -1.43
C TYR A 266 -51.69 -21.01 -0.66
N THR A 267 -51.84 -22.24 -1.15
CA THR A 267 -51.19 -23.42 -0.57
C THR A 267 -51.06 -24.57 -1.57
N THR A 268 -49.98 -25.34 -1.45
CA THR A 268 -49.77 -26.56 -2.22
C THR A 268 -50.20 -27.82 -1.47
N ARG A 269 -50.59 -27.67 -0.21
CA ARG A 269 -51.04 -28.78 0.62
C ARG A 269 -52.46 -28.52 1.14
N PRO A 270 -53.47 -28.55 0.24
CA PRO A 270 -54.87 -28.47 0.67
C PRO A 270 -55.35 -29.73 1.41
N ASP A 271 -54.63 -30.85 1.28
CA ASP A 271 -54.87 -32.04 2.11
C ASP A 271 -54.74 -31.75 3.61
N THR A 272 -53.79 -30.89 3.98
CA THR A 272 -53.58 -30.51 5.39
C THR A 272 -54.49 -29.37 5.90
N PHE A 273 -55.50 -28.99 5.12
CA PHE A 273 -56.36 -27.83 5.42
C PHE A 273 -57.18 -27.97 6.71
N MET A 274 -57.62 -29.19 7.02
CA MET A 274 -58.39 -29.45 8.24
C MET A 274 -57.57 -29.36 9.54
N GLY A 275 -56.24 -29.34 9.41
CA GLY A 275 -55.34 -29.07 10.54
C GLY A 275 -54.83 -27.63 10.62
N CYS A 276 -55.52 -26.70 9.96
CA CYS A 276 -55.17 -25.28 9.99
C CYS A 276 -55.70 -24.64 11.29
N THR A 277 -54.79 -24.33 12.21
CA THR A 277 -55.14 -23.76 13.52
C THR A 277 -55.04 -22.24 13.60
N TYR A 278 -54.29 -21.61 12.69
CA TYR A 278 -54.22 -20.14 12.61
C TYR A 278 -53.82 -19.64 11.23
N LEU A 279 -53.98 -18.33 11.01
CA LEU A 279 -53.59 -17.68 9.77
C LEU A 279 -52.51 -16.63 10.04
N ALA A 280 -51.51 -16.57 9.17
CA ALA A 280 -50.44 -15.58 9.23
C ALA A 280 -50.53 -14.62 8.05
N VAL A 281 -50.13 -13.36 8.28
CA VAL A 281 -50.19 -12.31 7.24
C VAL A 281 -48.97 -11.41 7.32
N ALA A 282 -48.62 -10.78 6.19
CA ALA A 282 -47.53 -9.81 6.12
C ALA A 282 -47.93 -8.49 6.78
N ALA A 283 -46.93 -7.65 7.06
CA ALA A 283 -47.13 -6.39 7.78
C ALA A 283 -47.96 -5.36 7.00
N GLY A 284 -47.81 -5.34 5.67
CA GLY A 284 -48.51 -4.38 4.81
C GLY A 284 -49.84 -4.87 4.26
N HIS A 285 -50.74 -5.30 5.15
CA HIS A 285 -52.05 -5.79 4.77
C HIS A 285 -53.13 -4.85 5.35
N PRO A 286 -54.24 -4.63 4.61
CA PRO A 286 -55.38 -3.83 5.11
C PRO A 286 -55.97 -4.28 6.46
N LEU A 287 -55.93 -5.60 6.73
CA LEU A 287 -56.38 -6.16 8.01
C LEU A 287 -55.48 -5.75 9.17
N ALA A 288 -54.16 -5.76 8.93
CA ALA A 288 -53.18 -5.36 9.94
C ALA A 288 -53.30 -3.88 10.34
N GLN A 289 -53.60 -3.02 9.35
CA GLN A 289 -53.80 -1.58 9.59
C GLN A 289 -55.13 -1.30 10.31
N LYS A 290 -56.17 -2.04 9.95
CA LYS A 290 -57.48 -1.97 10.61
C LYS A 290 -57.38 -2.30 12.11
N ALA A 291 -56.67 -3.37 12.43
CA ALA A 291 -56.48 -3.82 13.81
C ALA A 291 -55.56 -2.91 14.65
N ALA A 292 -54.60 -2.26 13.98
CA ALA A 292 -53.60 -1.43 14.66
C ALA A 292 -54.12 -0.09 15.21
N GLU A 293 -55.33 0.31 14.83
CA GLU A 293 -55.95 1.53 15.38
C GLU A 293 -56.25 1.40 16.87
N ASN A 294 -56.87 0.29 17.26
CA ASN A 294 -57.22 0.01 18.67
C ASN A 294 -56.05 -0.59 19.44
N ASN A 295 -55.41 -1.59 18.86
CA ASN A 295 -54.31 -2.33 19.53
C ASN A 295 -53.00 -1.52 19.46
N PRO A 296 -52.44 -1.14 20.63
CA PRO A 296 -51.17 -0.39 20.62
C PRO A 296 -49.92 -1.25 20.37
N GLU A 297 -49.91 -2.49 20.86
CA GLU A 297 -48.78 -3.41 20.67
C GLU A 297 -48.63 -3.84 19.21
N LEU A 298 -49.75 -4.06 18.53
CA LEU A 298 -49.75 -4.38 17.09
C LEU A 298 -49.27 -3.20 16.24
N ALA A 299 -49.64 -1.99 16.64
CA ALA A 299 -49.16 -0.76 15.98
C ALA A 299 -47.64 -0.61 16.08
N ALA A 300 -47.08 -0.96 17.25
CA ALA A 300 -45.63 -0.96 17.46
C ALA A 300 -44.91 -2.00 16.60
N PHE A 301 -45.55 -3.15 16.38
CA PHE A 301 -45.01 -4.22 15.54
C PHE A 301 -44.95 -3.86 14.05
N ILE A 302 -45.98 -3.17 13.55
CA ILE A 302 -46.05 -2.78 12.13
C ILE A 302 -44.99 -1.71 11.80
N ASP A 303 -44.80 -0.75 12.69
CA ASP A 303 -43.74 0.27 12.53
C ASP A 303 -42.32 -0.32 12.67
N GLU A 304 -42.18 -1.40 13.43
CA GLU A 304 -40.91 -2.15 13.50
C GLU A 304 -40.57 -2.84 12.17
N CYS A 305 -41.60 -3.30 11.45
CA CYS A 305 -41.42 -3.94 10.14
C CYS A 305 -40.95 -3.01 9.02
N ARG A 306 -40.98 -1.70 9.24
CA ARG A 306 -40.33 -0.74 8.32
C ARG A 306 -38.83 -0.99 8.18
N ASN A 307 -38.18 -1.32 9.30
CA ASN A 307 -36.72 -1.58 9.32
C ASN A 307 -36.30 -2.88 8.63
N THR A 308 -37.26 -3.78 8.35
CA THR A 308 -37.03 -4.98 7.55
C THR A 308 -36.50 -4.62 6.15
N LYS A 309 -35.29 -5.07 5.83
CA LYS A 309 -34.64 -4.70 4.55
C LYS A 309 -35.24 -5.48 3.38
N VAL A 310 -35.18 -4.89 2.18
CA VAL A 310 -35.68 -5.51 0.96
C VAL A 310 -34.65 -6.51 0.42
N ALA A 311 -34.63 -7.70 1.02
CA ALA A 311 -33.72 -8.79 0.63
C ALA A 311 -34.18 -10.09 1.28
N GLU A 312 -34.15 -11.18 0.51
CA GLU A 312 -34.57 -12.50 1.00
C GLU A 312 -33.59 -13.08 2.03
N ALA A 313 -32.33 -12.69 1.96
CA ALA A 313 -31.29 -13.16 2.88
C ALA A 313 -31.59 -12.76 4.32
N GLU A 314 -31.71 -11.46 4.57
CA GLU A 314 -31.99 -10.95 5.92
C GLU A 314 -33.44 -11.16 6.38
N MET A 315 -34.36 -11.43 5.44
CA MET A 315 -35.75 -11.77 5.78
C MET A 315 -35.89 -13.14 6.46
N ALA A 316 -35.12 -14.13 5.97
CA ALA A 316 -35.17 -15.50 6.50
C ALA A 316 -34.24 -15.71 7.71
N THR A 317 -33.08 -15.05 7.70
CA THR A 317 -32.08 -15.21 8.77
C THR A 317 -32.53 -14.66 10.13
N MET A 318 -33.32 -13.59 10.13
CA MET A 318 -33.86 -13.00 11.37
C MET A 318 -34.82 -13.96 12.09
N GLU A 319 -35.04 -13.67 13.38
CA GLU A 319 -35.94 -14.47 14.21
C GLU A 319 -37.39 -14.23 13.79
N LYS A 320 -38.14 -15.31 13.65
CA LYS A 320 -39.51 -15.25 13.14
C LYS A 320 -40.47 -14.75 14.21
N LYS A 321 -40.55 -13.43 14.35
CA LYS A 321 -41.41 -12.78 15.33
C LYS A 321 -42.85 -12.66 14.84
N GLY A 322 -43.74 -12.27 15.74
CA GLY A 322 -45.15 -12.06 15.41
C GLY A 322 -45.99 -11.58 16.58
N VAL A 323 -47.13 -10.95 16.25
CA VAL A 323 -48.10 -10.49 17.25
C VAL A 323 -49.51 -10.86 16.78
N ASP A 324 -50.38 -11.20 17.74
CA ASP A 324 -51.78 -11.54 17.44
C ASP A 324 -52.53 -10.30 16.95
N THR A 325 -53.27 -10.46 15.86
CA THR A 325 -53.99 -9.34 15.23
C THR A 325 -55.21 -8.93 16.07
N GLY A 326 -55.97 -9.92 16.55
CA GLY A 326 -57.20 -9.68 17.30
C GLY A 326 -58.41 -10.21 16.56
N PHE A 327 -58.46 -9.99 15.25
CA PHE A 327 -59.53 -10.51 14.41
C PHE A 327 -59.44 -12.02 14.26
N LYS A 328 -60.60 -12.65 14.10
CA LYS A 328 -60.74 -14.12 14.07
C LYS A 328 -61.38 -14.54 12.75
N ALA A 329 -60.60 -15.20 11.90
CA ALA A 329 -61.11 -15.71 10.62
C ALA A 329 -61.89 -17.01 10.83
N VAL A 330 -62.98 -17.17 10.06
CA VAL A 330 -63.83 -18.36 10.15
C VAL A 330 -63.29 -19.43 9.19
N HIS A 331 -62.95 -20.59 9.75
CA HIS A 331 -62.52 -21.74 8.95
C HIS A 331 -63.75 -22.30 8.23
N PRO A 332 -63.77 -22.29 6.88
CA PRO A 332 -64.99 -22.60 6.13
C PRO A 332 -65.58 -23.99 6.32
N LEU A 333 -64.72 -25.01 6.47
CA LEU A 333 -65.17 -26.41 6.62
C LEU A 333 -65.56 -26.76 8.05
N THR A 334 -64.62 -26.59 8.99
CA THR A 334 -64.85 -26.91 10.41
C THR A 334 -65.78 -25.91 11.12
N GLY A 335 -65.87 -24.68 10.61
CA GLY A 335 -66.68 -23.63 11.22
C GLY A 335 -66.08 -23.02 12.46
N GLU A 336 -64.79 -23.24 12.69
CA GLU A 336 -64.10 -22.77 13.90
C GLU A 336 -63.48 -21.39 13.66
N GLU A 337 -63.51 -20.56 14.70
CA GLU A 337 -62.83 -19.27 14.67
C GLU A 337 -61.33 -19.51 14.94
N ILE A 338 -60.49 -19.00 14.04
CA ILE A 338 -59.03 -19.14 14.17
C ILE A 338 -58.37 -17.75 14.16
N PRO A 339 -57.35 -17.54 15.03
CA PRO A 339 -56.78 -16.20 15.16
C PRO A 339 -55.86 -15.82 14.01
N VAL A 340 -55.99 -14.59 13.52
CA VAL A 340 -55.09 -14.04 12.51
C VAL A 340 -53.88 -13.45 13.24
N TRP A 341 -52.70 -13.65 12.65
CA TRP A 341 -51.43 -13.19 13.24
C TRP A 341 -50.60 -12.44 12.20
N ALA A 342 -49.77 -11.51 12.67
CA ALA A 342 -48.77 -10.84 11.84
C ALA A 342 -47.45 -11.58 11.97
N ALA A 343 -46.62 -11.54 10.92
CA ALA A 343 -45.34 -12.26 10.90
C ALA A 343 -44.33 -11.68 9.91
N ASN A 344 -43.06 -12.00 10.14
CA ASN A 344 -41.95 -11.52 9.32
C ASN A 344 -41.77 -12.38 8.07
N PHE A 345 -41.72 -13.70 8.27
CA PHE A 345 -41.50 -14.68 7.18
C PHE A 345 -42.58 -14.70 6.09
N VAL A 346 -43.79 -14.24 6.41
CA VAL A 346 -44.88 -14.16 5.42
C VAL A 346 -44.56 -13.05 4.41
N LEU A 347 -44.13 -13.46 3.22
CA LEU A 347 -43.76 -12.52 2.16
C LEU A 347 -45.01 -11.89 1.54
N MET A 348 -44.98 -10.56 1.38
CA MET A 348 -45.99 -9.83 0.62
C MET A 348 -45.92 -10.20 -0.86
N GLU A 349 -44.71 -10.44 -1.35
CA GLU A 349 -44.44 -10.67 -2.76
C GLU A 349 -44.96 -12.02 -3.26
N TYR A 350 -44.53 -13.10 -2.60
CA TYR A 350 -44.93 -14.47 -2.93
C TYR A 350 -46.38 -14.70 -2.50
N GLY A 351 -47.14 -15.42 -3.34
CA GLY A 351 -48.52 -15.79 -3.02
C GLY A 351 -49.46 -14.60 -3.03
N THR A 352 -50.37 -14.56 -2.06
CA THR A 352 -51.36 -13.47 -1.91
C THR A 352 -50.99 -12.46 -0.83
N GLY A 353 -49.79 -12.60 -0.24
CA GLY A 353 -49.41 -11.84 0.94
C GLY A 353 -50.05 -12.35 2.23
N ALA A 354 -50.41 -13.64 2.23
CA ALA A 354 -51.08 -14.26 3.36
C ALA A 354 -51.08 -15.78 3.19
N VAL A 355 -51.05 -16.51 4.30
CA VAL A 355 -50.95 -17.96 4.30
C VAL A 355 -51.86 -18.62 5.33
N MET A 356 -52.29 -19.84 5.03
CA MET A 356 -52.83 -20.73 6.05
C MET A 356 -51.61 -21.37 6.72
N ALA A 357 -51.67 -21.50 8.05
CA ALA A 357 -50.57 -22.05 8.82
C ALA A 357 -50.97 -23.37 9.47
N VAL A 358 -50.37 -24.46 9.00
CA VAL A 358 -50.58 -25.80 9.56
C VAL A 358 -49.30 -26.19 10.28
N PRO A 359 -49.21 -25.93 11.61
CA PRO A 359 -47.98 -26.22 12.34
C PRO A 359 -47.67 -27.71 12.48
N GLY A 360 -48.69 -28.56 12.43
CA GLY A 360 -48.52 -30.01 12.48
C GLY A 360 -47.72 -30.62 11.34
N HIS A 361 -47.73 -29.98 10.17
CA HIS A 361 -47.04 -30.49 8.97
C HIS A 361 -46.31 -29.39 8.19
N ASP A 362 -45.62 -28.53 8.92
CA ASP A 362 -44.77 -27.49 8.33
C ASP A 362 -43.77 -27.05 9.40
N GLN A 363 -42.48 -27.20 9.11
CA GLN A 363 -41.42 -26.94 10.09
C GLN A 363 -41.30 -25.46 10.47
N ARG A 364 -41.64 -24.58 9.53
CA ARG A 364 -41.63 -23.13 9.77
C ARG A 364 -42.76 -22.72 10.72
N ASP A 365 -43.97 -23.22 10.46
CA ASP A 365 -45.14 -22.94 11.31
C ASP A 365 -45.10 -23.66 12.67
N TYR A 366 -44.43 -24.81 12.73
CA TYR A 366 -44.21 -25.53 14.00
C TYR A 366 -43.38 -24.70 14.98
N GLU A 367 -42.31 -24.09 14.46
CA GLU A 367 -41.46 -23.18 15.24
C GLU A 367 -42.22 -21.93 15.72
N PHE A 368 -43.10 -21.42 14.87
CA PHE A 368 -43.94 -20.27 15.21
C PHE A 368 -45.00 -20.61 16.26
N ALA A 369 -45.65 -21.76 16.10
CA ALA A 369 -46.66 -22.24 17.05
C ALA A 369 -46.06 -22.64 18.41
N SER A 370 -44.86 -23.22 18.38
CA SER A 370 -44.14 -23.60 19.61
C SER A 370 -43.69 -22.39 20.44
N LYS A 371 -43.27 -21.32 19.76
CA LYS A 371 -42.80 -20.10 20.42
C LYS A 371 -43.96 -19.36 21.11
N TYR A 372 -45.00 -19.05 20.34
CA TYR A 372 -46.13 -18.26 20.83
C TYR A 372 -47.26 -19.10 21.45
N GLY A 373 -47.11 -20.43 21.49
CA GLY A 373 -48.04 -21.31 22.19
C GLY A 373 -49.40 -21.44 21.52
N LEU A 374 -49.38 -21.58 20.19
CA LEU A 374 -50.60 -21.79 19.41
C LEU A 374 -50.92 -23.27 19.32
N ASN A 375 -52.15 -23.58 18.90
CA ASN A 375 -52.62 -24.97 18.83
C ASN A 375 -51.94 -25.73 17.69
N ILE A 376 -51.51 -26.95 17.97
CA ILE A 376 -50.84 -27.82 17.01
C ILE A 376 -51.71 -29.06 16.77
N LYS A 377 -52.44 -29.06 15.66
CA LYS A 377 -53.39 -30.12 15.32
C LYS A 377 -52.76 -31.13 14.35
N PRO A 378 -52.74 -32.44 14.72
CA PRO A 378 -52.31 -33.50 13.80
C PRO A 378 -53.47 -33.99 12.93
N VAL A 379 -53.28 -33.93 11.61
CA VAL A 379 -54.29 -34.39 10.64
C VAL A 379 -53.80 -35.34 9.52
N ILE A 380 -52.53 -35.76 9.56
CA ILE A 380 -51.97 -36.65 8.56
C ILE A 380 -51.29 -37.83 9.27
N LEU A 381 -51.67 -39.05 8.90
CA LEU A 381 -51.08 -40.26 9.46
C LEU A 381 -49.65 -40.46 8.97
N ALA A 382 -48.88 -41.24 9.72
CA ALA A 382 -47.51 -41.58 9.37
C ALA A 382 -47.48 -42.67 8.28
N ALA A 383 -46.27 -43.06 7.85
CA ALA A 383 -46.11 -44.10 6.83
C ALA A 383 -46.71 -45.45 7.22
N ASP A 384 -46.60 -45.81 8.50
CA ASP A 384 -47.15 -47.09 9.01
C ASP A 384 -48.69 -47.12 9.11
N GLY A 385 -49.32 -45.95 9.18
CA GLY A 385 -50.77 -45.81 9.36
C GLY A 385 -51.19 -45.53 10.80
N SER A 386 -50.25 -45.06 11.62
CA SER A 386 -50.50 -44.71 13.02
C SER A 386 -50.42 -43.19 13.18
N GLU A 387 -50.92 -42.70 14.32
CA GLU A 387 -50.97 -41.25 14.58
C GLU A 387 -49.57 -40.69 14.83
N PRO A 388 -49.30 -39.46 14.34
CA PRO A 388 -47.93 -38.93 14.35
C PRO A 388 -47.45 -38.46 15.73
N ASP A 389 -46.13 -38.46 15.91
CA ASP A 389 -45.48 -37.96 17.12
C ASP A 389 -44.99 -36.53 16.86
N LEU A 390 -45.72 -35.55 17.38
CA LEU A 390 -45.41 -34.12 17.17
C LEU A 390 -44.93 -33.43 18.47
N SER A 391 -44.06 -34.12 19.21
CA SER A 391 -43.42 -33.53 20.40
C SER A 391 -42.13 -32.81 20.05
N GLN A 392 -41.38 -33.34 19.08
CA GLN A 392 -40.09 -32.78 18.65
C GLN A 392 -40.22 -31.90 17.41
N GLN A 393 -40.87 -32.42 16.36
CA GLN A 393 -40.98 -31.73 15.07
C GLN A 393 -42.27 -32.09 14.31
N ALA A 394 -42.54 -31.34 13.24
CA ALA A 394 -43.70 -31.57 12.37
C ALA A 394 -43.46 -32.74 11.42
N LEU A 395 -44.55 -33.36 10.98
CA LEU A 395 -44.50 -34.46 10.00
C LEU A 395 -44.71 -33.90 8.59
N THR A 396 -43.60 -33.56 7.93
CA THR A 396 -43.63 -32.95 6.59
C THR A 396 -44.04 -33.91 5.46
N GLU A 397 -43.92 -35.22 5.67
CA GLU A 397 -44.26 -36.22 4.65
C GLU A 397 -45.76 -36.29 4.38
N LYS A 398 -46.11 -36.68 3.15
CA LYS A 398 -47.50 -36.80 2.71
C LYS A 398 -48.05 -38.18 3.02
N GLY A 399 -49.32 -38.25 3.40
CA GLY A 399 -49.96 -39.52 3.79
C GLY A 399 -51.46 -39.46 3.90
N VAL A 400 -52.03 -40.44 4.60
CA VAL A 400 -53.48 -40.61 4.72
C VAL A 400 -54.05 -39.66 5.79
N LEU A 401 -55.25 -39.14 5.55
CA LEU A 401 -55.91 -38.21 6.46
C LEU A 401 -56.60 -38.90 7.63
N PHE A 402 -56.48 -38.29 8.81
CA PHE A 402 -57.35 -38.57 9.95
C PHE A 402 -57.63 -37.25 10.66
N ASN A 403 -58.59 -37.25 11.58
CA ASN A 403 -58.99 -36.04 12.33
C ASN A 403 -59.39 -34.90 11.36
N SER A 404 -60.15 -35.27 10.33
CA SER A 404 -60.52 -34.36 9.23
C SER A 404 -61.99 -34.53 8.78
N GLY A 405 -62.86 -34.95 9.70
CA GLY A 405 -64.30 -35.11 9.43
C GLY A 405 -64.62 -36.11 8.34
N GLU A 406 -65.23 -35.63 7.26
CA GLU A 406 -65.60 -36.47 6.12
C GLU A 406 -64.42 -36.94 5.27
N PHE A 407 -63.30 -36.22 5.34
CA PHE A 407 -62.12 -36.51 4.50
C PHE A 407 -61.18 -37.59 5.06
N ASN A 408 -61.54 -38.23 6.18
CA ASN A 408 -60.72 -39.31 6.77
C ASN A 408 -60.61 -40.52 5.83
N GLY A 409 -59.43 -41.15 5.84
CA GLY A 409 -59.15 -42.34 5.03
C GLY A 409 -58.56 -42.10 3.65
N LEU A 410 -58.67 -40.87 3.13
CA LEU A 410 -58.19 -40.56 1.78
C LEU A 410 -56.68 -40.37 1.74
N ASP A 411 -56.06 -40.80 0.64
CA ASP A 411 -54.63 -40.61 0.39
C ASP A 411 -54.35 -39.17 -0.09
N HIS A 412 -53.08 -38.87 -0.39
CA HIS A 412 -52.67 -37.51 -0.79
C HIS A 412 -53.36 -36.99 -2.05
N GLU A 413 -53.44 -37.82 -3.08
CA GLU A 413 -54.05 -37.43 -4.36
C GLU A 413 -55.54 -37.16 -4.25
N ALA A 414 -56.26 -38.06 -3.59
CA ALA A 414 -57.71 -37.92 -3.38
C ALA A 414 -58.07 -36.77 -2.44
N ALA A 415 -57.30 -36.62 -1.37
CA ALA A 415 -57.49 -35.50 -0.41
C ALA A 415 -57.24 -34.12 -1.03
N PHE A 416 -56.27 -34.05 -1.95
CA PHE A 416 -56.01 -32.82 -2.70
C PHE A 416 -57.22 -32.42 -3.53
N ASN A 417 -57.73 -33.37 -4.31
CA ASN A 417 -58.84 -33.13 -5.23
C ASN A 417 -60.18 -32.95 -4.50
N ALA A 418 -60.42 -33.73 -3.46
CA ALA A 418 -61.67 -33.68 -2.70
C ALA A 418 -61.87 -32.32 -2.02
N ILE A 419 -60.84 -31.83 -1.34
CA ILE A 419 -60.87 -30.53 -0.67
C ILE A 419 -60.86 -29.38 -1.69
N ALA A 420 -60.23 -29.59 -2.84
CA ALA A 420 -60.28 -28.62 -3.95
C ALA A 420 -61.69 -28.51 -4.52
N ASP A 421 -62.30 -29.64 -4.84
CA ASP A 421 -63.68 -29.68 -5.38
C ASP A 421 -64.73 -29.16 -4.40
N LYS A 422 -64.53 -29.44 -3.11
CA LYS A 422 -65.39 -28.94 -2.04
C LYS A 422 -65.36 -27.41 -2.00
N LEU A 423 -64.17 -26.85 -1.90
CA LEU A 423 -63.98 -25.40 -1.82
C LEU A 423 -64.30 -24.66 -3.12
N THR A 424 -64.17 -25.36 -4.26
CA THR A 424 -64.66 -24.84 -5.54
C THR A 424 -66.19 -24.81 -5.58
N ALA A 425 -66.82 -25.89 -5.09
CA ALA A 425 -68.28 -25.98 -5.03
C ALA A 425 -68.89 -24.96 -4.06
N MET A 426 -68.26 -24.77 -2.91
CA MET A 426 -68.68 -23.73 -1.94
C MET A 426 -68.52 -22.31 -2.47
N GLY A 427 -67.54 -22.09 -3.34
CA GLY A 427 -67.28 -20.78 -3.93
C GLY A 427 -66.38 -19.90 -3.08
N VAL A 428 -65.43 -20.53 -2.39
CA VAL A 428 -64.39 -19.83 -1.63
C VAL A 428 -63.03 -20.54 -1.84
N GLY A 429 -62.80 -20.95 -3.08
CA GLY A 429 -61.61 -21.73 -3.43
C GLY A 429 -61.48 -21.98 -4.91
N GLU A 430 -60.25 -22.14 -5.39
CA GLU A 430 -59.98 -22.40 -6.81
C GLU A 430 -58.58 -22.94 -7.04
N ARG A 431 -58.44 -23.80 -8.05
CA ARG A 431 -57.13 -24.33 -8.45
C ARG A 431 -56.38 -23.25 -9.21
N LYS A 432 -55.07 -23.15 -8.98
CA LYS A 432 -54.24 -22.10 -9.61
C LYS A 432 -52.78 -22.52 -9.71
N VAL A 433 -52.16 -22.21 -10.85
CA VAL A 433 -50.72 -22.36 -11.04
C VAL A 433 -50.06 -21.09 -10.48
N ASN A 434 -49.10 -21.28 -9.57
CA ASN A 434 -48.39 -20.18 -8.93
C ASN A 434 -46.90 -20.34 -9.18
N TYR A 435 -46.22 -19.20 -9.40
CA TYR A 435 -44.77 -19.18 -9.64
C TYR A 435 -44.06 -18.43 -8.52
N ARG A 436 -42.86 -18.90 -8.18
CA ARG A 436 -41.95 -18.16 -7.31
C ARG A 436 -41.48 -16.90 -8.05
N LEU A 437 -41.21 -17.04 -9.35
CA LEU A 437 -40.82 -15.92 -10.22
C LEU A 437 -41.84 -14.79 -10.12
N ARG A 438 -41.32 -13.58 -9.87
CA ARG A 438 -42.10 -12.36 -9.87
C ARG A 438 -41.81 -11.60 -11.15
N ASP A 439 -42.62 -10.57 -11.40
CA ASP A 439 -42.46 -9.74 -12.60
C ASP A 439 -41.23 -8.84 -12.49
N TRP A 440 -40.63 -8.55 -13.64
CA TRP A 440 -39.36 -7.83 -13.73
C TRP A 440 -39.57 -6.33 -13.57
N GLY A 441 -39.31 -5.81 -12.38
CA GLY A 441 -39.40 -4.37 -12.08
C GLY A 441 -38.20 -3.63 -12.63
N VAL A 442 -38.44 -2.72 -13.58
CA VAL A 442 -37.38 -2.04 -14.33
C VAL A 442 -37.22 -0.54 -14.05
N SER A 443 -38.06 0.03 -13.19
CA SER A 443 -37.95 1.43 -12.80
C SER A 443 -36.84 1.61 -11.79
N ARG A 444 -35.83 2.41 -12.16
CA ARG A 444 -34.82 2.90 -11.24
C ARG A 444 -34.96 4.41 -11.17
N GLN A 445 -34.61 4.99 -10.02
CA GLN A 445 -34.64 6.44 -9.82
C GLN A 445 -33.22 6.94 -9.56
N ARG A 446 -32.37 6.70 -10.55
CA ARG A 446 -31.01 7.25 -10.61
C ARG A 446 -30.86 7.97 -11.95
N TYR A 447 -29.78 8.74 -12.07
CA TYR A 447 -29.51 9.50 -13.30
C TYR A 447 -28.97 8.61 -14.41
N TRP A 448 -27.85 7.94 -14.14
CA TRP A 448 -27.08 7.26 -15.20
C TRP A 448 -27.75 5.95 -15.65
N GLY A 449 -28.76 6.12 -16.51
CA GLY A 449 -29.54 5.02 -17.06
C GLY A 449 -30.40 5.50 -18.23
N ALA A 450 -30.87 4.57 -19.05
CA ALA A 450 -31.73 4.90 -20.19
C ALA A 450 -33.11 5.36 -19.69
N PRO A 451 -33.55 6.58 -20.07
CA PRO A 451 -34.87 7.05 -19.62
C PRO A 451 -36.04 6.19 -20.11
N ILE A 452 -37.05 6.02 -19.25
CA ILE A 452 -38.22 5.21 -19.58
C ILE A 452 -39.17 6.05 -20.44
N PRO A 453 -39.57 5.55 -21.63
CA PRO A 453 -40.44 6.32 -22.51
C PRO A 453 -41.92 6.20 -22.13
N MET A 454 -42.31 6.97 -21.11
CA MET A 454 -43.70 7.09 -20.66
C MET A 454 -43.99 8.55 -20.29
N VAL A 455 -45.21 8.98 -20.56
CA VAL A 455 -45.61 10.38 -20.45
C VAL A 455 -46.91 10.52 -19.66
N THR A 456 -46.90 11.37 -18.63
CA THR A 456 -48.09 11.73 -17.87
C THR A 456 -48.59 13.09 -18.39
N LEU A 457 -49.80 13.11 -18.95
CA LEU A 457 -50.36 14.32 -19.55
C LEU A 457 -50.95 15.26 -18.50
N GLU A 458 -51.38 16.44 -18.96
CA GLU A 458 -52.14 17.38 -18.13
C GLU A 458 -53.51 16.82 -17.72
N ASP A 459 -54.06 15.94 -18.55
CA ASP A 459 -55.28 15.17 -18.24
C ASP A 459 -55.20 14.42 -16.91
N GLY A 460 -54.04 13.82 -16.64
CA GLY A 460 -53.87 12.85 -15.56
C GLY A 460 -53.57 11.46 -16.11
N THR A 461 -53.92 11.23 -17.37
CA THR A 461 -53.70 9.94 -18.04
C THR A 461 -52.24 9.71 -18.38
N VAL A 462 -51.77 8.48 -18.17
CA VAL A 462 -50.41 8.07 -18.51
C VAL A 462 -50.44 7.27 -19.81
N MET A 463 -49.49 7.52 -20.70
CA MET A 463 -49.37 6.81 -21.98
C MET A 463 -47.93 6.83 -22.48
N PRO A 464 -47.59 5.95 -23.45
CA PRO A 464 -46.20 5.93 -23.96
C PRO A 464 -45.79 7.21 -24.68
N THR A 465 -44.48 7.46 -24.70
CA THR A 465 -43.90 8.57 -25.47
C THR A 465 -44.09 8.25 -26.96
N PRO A 466 -44.59 9.22 -27.75
CA PRO A 466 -44.84 8.94 -29.18
C PRO A 466 -43.54 8.79 -29.99
N ASP A 467 -43.66 8.18 -31.16
CA ASP A 467 -42.50 7.77 -31.97
C ASP A 467 -41.64 8.93 -32.48
N ASP A 468 -42.26 10.07 -32.77
CA ASP A 468 -41.53 11.27 -33.20
C ASP A 468 -40.60 11.85 -32.11
N GLN A 469 -40.95 11.65 -30.84
CA GLN A 469 -40.14 12.13 -29.70
C GLN A 469 -39.08 11.14 -29.21
N LEU A 470 -39.13 9.88 -29.68
CA LEU A 470 -38.05 8.92 -29.40
C LEU A 470 -36.84 9.26 -30.28
N PRO A 471 -35.62 9.13 -29.77
CA PRO A 471 -35.31 8.70 -28.40
C PRO A 471 -35.39 9.82 -27.37
N VAL A 472 -35.81 9.48 -26.16
CA VAL A 472 -35.74 10.39 -25.02
C VAL A 472 -34.28 10.38 -24.56
N ILE A 473 -33.52 11.37 -25.03
CA ILE A 473 -32.08 11.42 -24.81
C ILE A 473 -31.76 11.89 -23.38
N LEU A 474 -30.87 11.17 -22.70
CA LEU A 474 -30.37 11.58 -21.39
C LEU A 474 -29.29 12.65 -21.61
N PRO A 475 -29.36 13.79 -20.88
CA PRO A 475 -28.36 14.83 -21.06
C PRO A 475 -27.05 14.48 -20.36
N GLU A 476 -25.96 14.39 -21.13
CA GLU A 476 -24.64 14.01 -20.60
C GLU A 476 -23.96 15.15 -19.84
N ASP A 477 -24.07 16.37 -20.38
CA ASP A 477 -23.47 17.56 -19.76
C ASP A 477 -24.30 18.03 -18.55
N VAL A 478 -23.92 17.55 -17.36
CA VAL A 478 -24.62 17.88 -16.10
C VAL A 478 -23.66 18.02 -14.91
N VAL A 479 -24.19 18.53 -13.81
CA VAL A 479 -23.48 18.58 -12.52
C VAL A 479 -24.37 17.94 -11.45
N MET A 480 -23.76 17.15 -10.57
CA MET A 480 -24.49 16.30 -9.63
C MET A 480 -24.18 16.64 -8.18
N ASP A 481 -25.21 17.08 -7.45
CA ASP A 481 -25.12 17.30 -6.00
C ASP A 481 -24.91 16.01 -5.20
N GLY A 482 -25.40 14.88 -5.73
CA GLY A 482 -25.24 13.57 -5.10
C GLY A 482 -26.53 13.01 -4.54
N ILE A 483 -27.36 13.88 -3.96
CA ILE A 483 -28.61 13.47 -3.33
C ILE A 483 -29.66 13.12 -4.39
N THR A 484 -30.03 14.10 -5.20
CA THR A 484 -31.09 13.96 -6.21
C THR A 484 -30.50 13.89 -7.62
N SER A 485 -31.22 13.24 -8.53
CA SER A 485 -30.85 13.18 -9.94
C SER A 485 -31.04 14.55 -10.61
N PRO A 486 -30.09 14.98 -11.48
CA PRO A 486 -30.22 16.29 -12.14
C PRO A 486 -31.44 16.43 -13.08
N ILE A 487 -31.81 15.36 -13.77
CA ILE A 487 -33.05 15.36 -14.58
C ILE A 487 -34.33 15.49 -13.74
N LYS A 488 -34.30 14.99 -12.52
CA LYS A 488 -35.40 15.17 -11.56
C LYS A 488 -35.36 16.56 -10.90
N ALA A 489 -34.16 17.02 -10.56
CA ALA A 489 -33.98 18.32 -9.89
C ALA A 489 -34.41 19.50 -10.77
N ASP A 490 -34.01 19.47 -12.04
CA ASP A 490 -34.44 20.47 -13.02
C ASP A 490 -35.85 20.14 -13.50
N PRO A 491 -36.84 21.03 -13.22
CA PRO A 491 -38.22 20.76 -13.68
C PRO A 491 -38.46 21.04 -15.17
N GLU A 492 -37.56 21.76 -15.83
CA GLU A 492 -37.70 22.10 -17.25
C GLU A 492 -37.51 20.89 -18.18
N TRP A 493 -36.62 19.96 -17.81
CA TRP A 493 -36.32 18.78 -18.63
C TRP A 493 -37.53 17.87 -18.86
N ALA A 494 -38.34 17.67 -17.82
CA ALA A 494 -39.51 16.80 -17.90
C ALA A 494 -40.61 17.30 -18.85
N LYS A 495 -40.66 18.60 -19.09
CA LYS A 495 -41.71 19.20 -19.94
C LYS A 495 -41.68 18.72 -21.40
N THR A 496 -42.88 18.59 -21.97
CA THR A 496 -43.05 18.24 -23.40
C THR A 496 -44.48 18.58 -23.84
N THR A 497 -44.82 18.23 -25.07
CA THR A 497 -46.18 18.47 -25.62
C THR A 497 -46.67 17.26 -26.43
N VAL A 498 -47.73 16.61 -25.94
CA VAL A 498 -48.32 15.43 -26.58
C VAL A 498 -49.83 15.64 -26.71
N ASN A 499 -50.37 15.24 -27.87
CA ASN A 499 -51.79 15.43 -28.21
C ASN A 499 -52.28 16.88 -28.09
N GLY A 500 -51.40 17.83 -28.40
CA GLY A 500 -51.70 19.26 -28.32
C GLY A 500 -51.96 19.78 -26.92
N MET A 501 -51.23 19.28 -25.93
CA MET A 501 -51.31 19.77 -24.55
C MET A 501 -50.05 19.45 -23.75
N PRO A 502 -49.76 20.24 -22.68
CA PRO A 502 -48.58 19.99 -21.85
C PRO A 502 -48.56 18.61 -21.19
N ALA A 503 -47.35 18.10 -20.95
CA ALA A 503 -47.15 16.79 -20.34
C ALA A 503 -45.79 16.69 -19.65
N LEU A 504 -45.67 15.69 -18.77
CA LEU A 504 -44.44 15.45 -18.01
C LEU A 504 -43.97 14.02 -18.24
N ARG A 505 -42.85 13.88 -18.96
CA ARG A 505 -42.26 12.56 -19.25
C ARG A 505 -41.54 11.97 -18.03
N GLU A 506 -41.43 10.65 -18.03
CA GLU A 506 -40.93 9.87 -16.89
C GLU A 506 -39.44 10.16 -16.64
N THR A 507 -39.11 10.50 -15.40
CA THR A 507 -37.72 10.81 -15.00
C THR A 507 -36.98 9.59 -14.42
N ASP A 508 -37.71 8.51 -14.11
CA ASP A 508 -37.09 7.21 -13.80
C ASP A 508 -36.31 6.68 -15.01
N THR A 509 -35.26 5.91 -14.71
CA THR A 509 -34.42 5.28 -15.74
C THR A 509 -34.50 3.77 -15.65
N PHE A 510 -34.05 3.10 -16.71
CA PHE A 510 -34.13 1.64 -16.82
C PHE A 510 -33.11 0.92 -15.96
N ASP A 511 -33.42 -0.34 -15.66
CA ASP A 511 -32.48 -1.27 -15.04
C ASP A 511 -31.39 -1.62 -16.05
N THR A 512 -30.13 -1.70 -15.59
CA THR A 512 -29.00 -1.96 -16.51
C THR A 512 -29.01 -3.36 -17.14
N PHE A 513 -29.77 -4.30 -16.57
CA PHE A 513 -30.04 -5.59 -17.21
C PHE A 513 -30.78 -5.47 -18.55
N MET A 514 -31.60 -4.41 -18.70
CA MET A 514 -32.31 -4.13 -19.95
C MET A 514 -31.38 -4.01 -21.15
N GLU A 515 -30.28 -3.29 -20.99
CA GLU A 515 -29.30 -3.09 -22.07
C GLU A 515 -28.51 -4.36 -22.37
N SER A 516 -28.25 -5.17 -21.34
CA SER A 516 -27.54 -6.44 -21.50
C SER A 516 -28.43 -7.64 -21.88
N SER A 517 -29.74 -7.42 -22.04
CA SER A 517 -30.66 -8.48 -22.44
C SER A 517 -30.79 -8.68 -23.95
N TRP A 518 -30.31 -7.72 -24.76
CA TRP A 518 -30.33 -7.84 -26.23
C TRP A 518 -29.06 -7.41 -26.99
N TYR A 519 -27.98 -7.07 -26.26
CA TYR A 519 -26.70 -6.65 -26.89
C TYR A 519 -26.11 -7.70 -27.84
N TYR A 520 -26.31 -8.98 -27.51
CA TYR A 520 -25.91 -10.10 -28.37
C TYR A 520 -26.54 -10.02 -29.78
N ALA A 521 -27.79 -9.58 -29.84
CA ALA A 521 -28.51 -9.43 -31.11
C ALA A 521 -28.00 -8.22 -31.90
N ARG A 522 -27.77 -7.12 -31.19
CA ARG A 522 -27.33 -5.86 -31.82
C ARG A 522 -25.91 -5.92 -32.40
N TYR A 523 -25.07 -6.84 -31.92
CA TYR A 523 -23.74 -7.07 -32.50
C TYR A 523 -23.77 -7.50 -33.97
N THR A 524 -24.85 -8.15 -34.40
CA THR A 524 -25.02 -8.59 -35.79
C THR A 524 -25.19 -7.43 -36.78
N CYS A 525 -25.65 -6.28 -36.30
CA CYS A 525 -25.87 -5.10 -37.14
C CYS A 525 -25.91 -3.83 -36.27
N PRO A 526 -24.74 -3.44 -35.71
CA PRO A 526 -24.69 -2.34 -34.73
C PRO A 526 -24.87 -0.93 -35.31
N GLN A 527 -24.51 -0.74 -36.58
CA GLN A 527 -24.68 0.56 -37.27
C GLN A 527 -25.96 0.63 -38.11
N TYR A 528 -26.90 -0.29 -37.89
CA TYR A 528 -28.17 -0.34 -38.62
C TYR A 528 -29.10 0.74 -38.09
N LYS A 529 -29.34 1.77 -38.90
CA LYS A 529 -30.13 2.94 -38.49
C LYS A 529 -31.65 2.80 -38.72
N GLU A 530 -32.07 1.75 -39.42
CA GLU A 530 -33.47 1.63 -39.88
C GLU A 530 -34.40 1.11 -38.76
N GLY A 531 -33.92 0.13 -38.00
CA GLY A 531 -34.69 -0.48 -36.91
C GLY A 531 -33.82 -1.03 -35.79
N MET A 532 -34.43 -1.86 -34.95
CA MET A 532 -33.73 -2.51 -33.83
C MET A 532 -32.75 -3.58 -34.31
N LEU A 533 -33.16 -4.38 -35.28
CA LEU A 533 -32.32 -5.42 -35.87
C LEU A 533 -32.54 -5.56 -37.37
N ASP A 534 -31.45 -5.77 -38.10
CA ASP A 534 -31.49 -6.19 -39.51
C ASP A 534 -31.62 -7.72 -39.49
N SER A 535 -32.80 -8.22 -39.87
CA SER A 535 -33.11 -9.65 -39.74
C SER A 535 -32.28 -10.58 -40.63
N GLU A 536 -31.81 -10.08 -41.77
CA GLU A 536 -30.86 -10.83 -42.61
C GLU A 536 -29.56 -11.10 -41.87
N ALA A 537 -29.00 -10.06 -41.26
CA ALA A 537 -27.77 -10.16 -40.48
C ALA A 537 -27.97 -10.93 -39.17
N ALA A 538 -29.12 -10.72 -38.53
CA ALA A 538 -29.43 -11.37 -37.25
C ALA A 538 -29.60 -12.88 -37.39
N ASN A 539 -30.42 -13.31 -38.35
CA ASN A 539 -30.69 -14.73 -38.58
C ASN A 539 -29.51 -15.52 -39.16
N TYR A 540 -28.54 -14.83 -39.75
CA TYR A 540 -27.29 -15.46 -40.19
C TYR A 540 -26.46 -15.91 -38.98
N TRP A 541 -26.20 -14.97 -38.06
CA TRP A 541 -25.34 -15.23 -36.89
C TRP A 541 -26.06 -16.00 -35.78
N LEU A 542 -27.28 -15.58 -35.44
CA LEU A 542 -28.04 -16.20 -34.35
C LEU A 542 -28.54 -17.61 -34.75
N PRO A 543 -28.69 -18.53 -33.79
CA PRO A 543 -28.40 -18.33 -32.36
C PRO A 543 -26.91 -18.37 -32.03
N VAL A 544 -26.58 -18.02 -30.79
CA VAL A 544 -25.19 -18.00 -30.32
C VAL A 544 -24.71 -19.44 -30.10
N ASP A 545 -23.54 -19.76 -30.63
CA ASP A 545 -23.00 -21.12 -30.56
C ASP A 545 -22.42 -21.42 -29.19
N ILE A 546 -21.62 -20.49 -28.66
CA ILE A 546 -21.06 -20.58 -27.31
C ILE A 546 -21.19 -19.21 -26.62
N TYR A 547 -21.71 -19.22 -25.39
CA TYR A 547 -21.92 -18.00 -24.60
C TYR A 547 -21.18 -18.13 -23.27
N ILE A 548 -20.08 -17.39 -23.15
CA ILE A 548 -19.12 -17.55 -22.05
C ILE A 548 -19.29 -16.41 -21.04
N GLY A 549 -19.46 -16.78 -19.77
CA GLY A 549 -19.68 -15.80 -18.71
C GLY A 549 -19.46 -16.36 -17.32
N GLY A 550 -19.75 -15.55 -16.31
CA GLY A 550 -19.64 -15.97 -14.92
C GLY A 550 -20.81 -16.82 -14.48
N ILE A 551 -20.57 -17.70 -13.51
CA ILE A 551 -21.64 -18.42 -12.82
C ILE A 551 -22.49 -17.47 -11.95
N GLU A 552 -21.92 -16.31 -11.59
CA GLU A 552 -22.66 -15.20 -10.99
C GLU A 552 -23.93 -14.78 -11.76
N HIS A 553 -23.90 -14.91 -13.08
CA HIS A 553 -25.04 -14.61 -13.95
C HIS A 553 -25.88 -15.85 -14.31
N ALA A 554 -25.83 -16.90 -13.47
CA ALA A 554 -26.55 -18.16 -13.74
C ALA A 554 -28.05 -17.95 -13.88
N ILE A 555 -28.62 -17.12 -12.99
CA ILE A 555 -30.05 -16.87 -12.94
C ILE A 555 -30.42 -15.51 -13.52
N MET A 556 -30.07 -14.43 -12.81
CA MET A 556 -30.56 -13.06 -13.11
C MET A 556 -30.46 -12.67 -14.59
N HIS A 557 -29.23 -12.52 -15.08
CA HIS A 557 -29.00 -12.09 -16.47
C HIS A 557 -29.44 -13.14 -17.48
N LEU A 558 -29.07 -14.40 -17.26
CA LEU A 558 -29.39 -15.48 -18.21
C LEU A 558 -30.90 -15.75 -18.37
N LEU A 559 -31.70 -15.43 -17.35
CA LEU A 559 -33.16 -15.56 -17.46
C LEU A 559 -33.77 -14.42 -18.26
N TYR A 560 -33.28 -13.19 -18.07
CA TYR A 560 -33.70 -12.04 -18.89
C TYR A 560 -33.22 -12.18 -20.33
N PHE A 561 -31.95 -12.55 -20.48
CA PHE A 561 -31.31 -12.91 -21.75
C PHE A 561 -32.18 -13.83 -22.62
N ARG A 562 -32.70 -14.90 -22.02
CA ARG A 562 -33.60 -15.84 -22.71
C ARG A 562 -34.99 -15.23 -22.93
N PHE A 563 -35.54 -14.64 -21.87
CA PHE A 563 -36.87 -13.98 -21.92
C PHE A 563 -36.96 -12.93 -23.03
N PHE A 564 -35.92 -12.10 -23.15
CA PHE A 564 -35.89 -11.02 -24.13
C PHE A 564 -35.79 -11.56 -25.57
N HIS A 565 -35.10 -12.68 -25.76
CA HIS A 565 -35.03 -13.35 -27.07
C HIS A 565 -36.41 -13.77 -27.57
N LYS A 566 -37.22 -14.32 -26.67
CA LYS A 566 -38.58 -14.78 -27.00
C LYS A 566 -39.52 -13.61 -27.35
N LEU A 567 -39.33 -12.46 -26.71
CA LEU A 567 -40.07 -11.24 -27.04
C LEU A 567 -39.73 -10.74 -28.45
N MET A 568 -38.45 -10.78 -28.80
CA MET A 568 -37.99 -10.41 -30.16
C MET A 568 -38.41 -11.45 -31.21
N ARG A 569 -38.52 -12.72 -30.80
CA ARG A 569 -39.05 -13.77 -31.66
C ARG A 569 -40.55 -13.56 -31.94
N ASP A 570 -41.31 -13.25 -30.89
CA ASP A 570 -42.74 -12.95 -31.03
C ASP A 570 -43.02 -11.63 -31.76
N ALA A 571 -42.06 -10.71 -31.73
CA ALA A 571 -42.11 -9.48 -32.54
C ALA A 571 -41.81 -9.74 -34.02
N GLY A 572 -41.19 -10.88 -34.34
CA GLY A 572 -40.86 -11.26 -35.71
C GLY A 572 -39.48 -10.78 -36.15
N MET A 573 -38.55 -10.68 -35.20
CA MET A 573 -37.19 -10.21 -35.46
C MET A 573 -36.19 -11.36 -35.65
N VAL A 574 -36.37 -12.46 -34.91
CA VAL A 574 -35.47 -13.62 -34.95
C VAL A 574 -36.25 -14.95 -35.05
N ASN A 575 -35.61 -15.95 -35.67
CA ASN A 575 -36.25 -17.24 -35.95
C ASN A 575 -36.19 -18.23 -34.78
N SER A 576 -35.03 -18.30 -34.11
CA SER A 576 -34.78 -19.31 -33.08
C SER A 576 -35.60 -19.10 -31.80
N ASP A 577 -35.92 -20.22 -31.13
CA ASP A 577 -36.66 -20.20 -29.86
C ASP A 577 -35.77 -19.86 -28.66
N GLU A 578 -34.50 -20.26 -28.71
CA GLU A 578 -33.52 -19.95 -27.67
C GLU A 578 -32.33 -19.16 -28.26
N PRO A 579 -31.73 -18.27 -27.47
CA PRO A 579 -30.63 -17.44 -27.96
C PRO A 579 -29.27 -18.14 -28.05
N ALA A 580 -28.95 -19.02 -27.08
CA ALA A 580 -27.63 -19.63 -26.97
C ALA A 580 -27.70 -21.16 -26.97
N LYS A 581 -26.86 -21.79 -27.79
CA LYS A 581 -26.80 -23.26 -27.89
C LYS A 581 -26.01 -23.86 -26.72
N GLN A 582 -24.78 -23.38 -26.55
CA GLN A 582 -23.89 -23.84 -25.48
C GLN A 582 -23.58 -22.70 -24.51
N LEU A 583 -23.50 -23.04 -23.22
CA LEU A 583 -23.16 -22.10 -22.16
C LEU A 583 -21.94 -22.62 -21.41
N LEU A 584 -20.92 -21.78 -21.26
CA LEU A 584 -19.70 -22.11 -20.50
C LEU A 584 -19.55 -21.15 -19.34
N CYS A 585 -20.16 -21.49 -18.21
CA CYS A 585 -20.07 -20.68 -17.00
C CYS A 585 -18.73 -20.92 -16.31
N GLN A 586 -17.77 -20.03 -16.57
CA GLN A 586 -16.46 -20.07 -15.91
C GLN A 586 -16.59 -19.80 -14.41
N GLY A 587 -15.68 -20.37 -13.63
CA GLY A 587 -15.63 -20.14 -12.19
C GLY A 587 -15.09 -18.76 -11.85
N MET A 588 -15.39 -18.30 -10.65
CA MET A 588 -14.98 -16.96 -10.20
C MET A 588 -13.50 -16.95 -9.86
N VAL A 589 -12.82 -15.85 -10.23
CA VAL A 589 -11.45 -15.59 -9.82
C VAL A 589 -11.55 -14.86 -8.48
N LEU A 590 -11.21 -15.58 -7.41
CA LEU A 590 -11.39 -15.07 -6.04
C LEU A 590 -10.15 -14.34 -5.52
N ALA A 591 -10.37 -13.52 -4.50
CA ALA A 591 -9.29 -12.78 -3.83
C ALA A 591 -9.77 -12.29 -2.46
N ASP A 592 -8.82 -12.03 -1.56
CA ASP A 592 -9.15 -11.54 -0.22
C ASP A 592 -9.71 -10.12 -0.28
N ALA A 593 -10.52 -9.77 0.72
CA ALA A 593 -11.16 -8.45 0.78
C ALA A 593 -11.09 -7.89 2.20
N PHE A 594 -10.60 -6.67 2.32
CA PHE A 594 -10.41 -5.99 3.61
C PHE A 594 -11.05 -4.61 3.58
N TYR A 595 -11.41 -4.10 4.76
CA TYR A 595 -11.92 -2.73 4.89
C TYR A 595 -11.76 -2.21 6.33
N TYR A 596 -11.76 -0.89 6.48
CA TYR A 596 -11.84 -0.22 7.78
C TYR A 596 -12.94 0.82 7.77
N VAL A 597 -13.56 1.04 8.93
CA VAL A 597 -14.64 2.02 9.07
C VAL A 597 -14.03 3.42 9.16
N GLY A 598 -14.57 4.34 8.36
CA GLY A 598 -14.09 5.72 8.32
C GLY A 598 -14.53 6.54 9.52
N GLU A 599 -14.32 7.85 9.43
CA GLU A 599 -14.62 8.77 10.53
C GLU A 599 -16.12 8.96 10.75
N ASN A 600 -16.90 8.99 9.66
CA ASN A 600 -18.36 9.13 9.72
C ASN A 600 -19.09 7.84 9.30
N GLY A 601 -18.52 6.68 9.65
CA GLY A 601 -19.16 5.39 9.39
C GLY A 601 -19.27 5.02 7.92
N GLU A 602 -18.16 5.16 7.20
CA GLU A 602 -18.09 4.84 5.76
C GLU A 602 -17.05 3.75 5.51
N ARG A 603 -17.45 2.69 4.81
CA ARG A 603 -16.57 1.54 4.55
C ARG A 603 -15.53 1.86 3.48
N ASN A 604 -14.27 2.00 3.89
CA ASN A 604 -13.14 2.19 2.98
C ASN A 604 -12.47 0.84 2.71
N TRP A 605 -12.73 0.25 1.55
CA TRP A 605 -12.17 -1.05 1.19
C TRP A 605 -10.70 -0.93 0.77
N VAL A 606 -9.83 -1.66 1.48
CA VAL A 606 -8.39 -1.69 1.21
C VAL A 606 -8.05 -2.94 0.37
N SER A 607 -7.08 -2.80 -0.54
CA SER A 607 -6.65 -3.90 -1.39
C SER A 607 -5.72 -4.86 -0.64
N PRO A 608 -5.70 -6.16 -1.05
CA PRO A 608 -4.75 -7.14 -0.47
C PRO A 608 -3.26 -6.80 -0.63
N VAL A 609 -2.90 -6.03 -1.67
CA VAL A 609 -1.51 -5.60 -1.88
C VAL A 609 -1.08 -4.61 -0.79
N ASP A 610 -1.99 -3.72 -0.39
CA ASP A 610 -1.74 -2.74 0.68
C ASP A 610 -1.77 -3.36 2.09
N ALA A 611 -2.59 -4.39 2.29
CA ALA A 611 -2.82 -4.96 3.62
C ALA A 611 -1.68 -5.85 4.12
N ILE A 612 -1.13 -5.50 5.28
CA ILE A 612 -0.15 -6.33 5.99
C ILE A 612 -0.93 -7.33 6.86
N VAL A 613 -0.58 -8.62 6.74
CA VAL A 613 -1.37 -9.71 7.31
C VAL A 613 -0.50 -10.67 8.13
N GLU A 614 -1.05 -11.13 9.25
CA GLU A 614 -0.45 -12.17 10.09
C GLU A 614 -1.35 -13.40 10.07
N ARG A 615 -0.82 -14.52 9.57
CA ARG A 615 -1.62 -15.72 9.30
C ARG A 615 -1.58 -16.76 10.43
N ASP A 616 -2.53 -17.70 10.37
CA ASP A 616 -2.63 -18.84 11.27
C ASP A 616 -1.69 -19.95 10.78
N GLU A 617 -1.40 -20.91 11.65
CA GLU A 617 -0.62 -22.11 11.28
C GLU A 617 -1.26 -22.92 10.15
N LYS A 618 -2.59 -22.99 10.11
CA LYS A 618 -3.33 -23.66 9.03
C LYS A 618 -3.23 -22.90 7.70
N GLY A 619 -3.29 -21.57 7.78
CA GLY A 619 -3.31 -20.71 6.58
C GLY A 619 -4.29 -19.55 6.65
N ARG A 620 -5.29 -19.63 7.53
CA ARG A 620 -6.32 -18.59 7.66
C ARG A 620 -5.76 -17.28 8.22
N ILE A 621 -6.38 -16.17 7.83
CA ILE A 621 -5.94 -14.83 8.27
C ILE A 621 -6.47 -14.55 9.68
N VAL A 622 -5.60 -14.00 10.53
CA VAL A 622 -5.91 -13.74 11.95
C VAL A 622 -6.02 -12.23 12.19
N LYS A 623 -4.93 -11.51 11.92
CA LYS A 623 -4.88 -10.04 12.04
C LYS A 623 -4.75 -9.41 10.65
N ALA A 624 -5.02 -8.11 10.57
CA ALA A 624 -4.93 -7.38 9.31
C ALA A 624 -4.74 -5.87 9.53
N LYS A 625 -3.52 -5.39 9.29
CA LYS A 625 -3.20 -3.96 9.29
C LYS A 625 -2.96 -3.48 7.85
N ASP A 626 -2.72 -2.19 7.69
CA ASP A 626 -2.27 -1.60 6.42
C ASP A 626 -1.05 -0.71 6.67
N ALA A 627 -0.48 -0.17 5.59
CA ALA A 627 0.72 0.67 5.66
C ALA A 627 0.58 1.90 6.56
N ALA A 628 -0.61 2.50 6.58
CA ALA A 628 -0.90 3.67 7.41
C ALA A 628 -1.01 3.30 8.89
N GLY A 629 -2.02 2.50 9.22
CA GLY A 629 -2.29 2.07 10.60
C GLY A 629 -3.78 2.03 10.92
N HIS A 630 -4.50 1.12 10.28
CA HIS A 630 -5.92 0.87 10.54
C HIS A 630 -6.14 -0.62 10.76
N GLU A 631 -6.95 -0.97 11.76
CA GLU A 631 -7.30 -2.36 12.03
C GLU A 631 -8.34 -2.82 11.01
N LEU A 632 -7.89 -3.52 9.98
CA LEU A 632 -8.75 -3.95 8.87
C LEU A 632 -9.60 -5.14 9.25
N VAL A 633 -10.86 -5.13 8.81
CA VAL A 633 -11.80 -6.24 9.04
C VAL A 633 -11.77 -7.16 7.82
N TYR A 634 -11.40 -8.42 8.05
CA TYR A 634 -11.28 -9.42 6.99
C TYR A 634 -12.64 -10.05 6.69
N THR A 635 -13.06 -9.98 5.42
CA THR A 635 -14.36 -10.52 4.98
C THR A 635 -14.20 -11.77 4.10
N GLY A 636 -13.20 -12.59 4.39
CA GLY A 636 -12.94 -13.81 3.63
C GLY A 636 -12.46 -13.55 2.20
N MET A 637 -12.40 -14.62 1.42
CA MET A 637 -12.23 -14.53 -0.02
C MET A 637 -13.54 -14.05 -0.65
N SER A 638 -13.43 -13.37 -1.79
CA SER A 638 -14.61 -13.00 -2.58
C SER A 638 -14.22 -12.74 -4.03
N LYS A 639 -15.21 -12.59 -4.89
CA LYS A 639 -14.97 -12.30 -6.31
C LYS A 639 -14.27 -10.94 -6.48
N MET A 640 -13.31 -10.88 -7.39
CA MET A 640 -12.64 -9.63 -7.75
C MET A 640 -13.64 -8.62 -8.31
N SER A 641 -13.62 -7.41 -7.74
CA SER A 641 -14.45 -6.30 -8.23
C SER A 641 -13.96 -4.97 -7.67
N LYS A 642 -14.36 -3.89 -8.34
CA LYS A 642 -14.04 -2.53 -7.89
C LYS A 642 -14.85 -2.13 -6.64
N SER A 643 -16.00 -2.81 -6.43
CA SER A 643 -16.82 -2.60 -5.23
C SER A 643 -16.06 -2.88 -3.94
N LYS A 644 -15.46 -4.07 -3.86
CA LYS A 644 -14.67 -4.48 -2.70
C LYS A 644 -13.18 -4.15 -2.81
N ASN A 645 -12.78 -3.56 -3.95
CA ASN A 645 -11.43 -3.01 -4.15
C ASN A 645 -10.33 -4.07 -4.06
N ASN A 646 -10.61 -5.25 -4.60
CA ASN A 646 -9.71 -6.41 -4.53
C ASN A 646 -9.34 -6.98 -5.91
N GLY A 647 -9.47 -6.17 -6.96
CA GLY A 647 -9.08 -6.56 -8.31
C GLY A 647 -7.59 -6.36 -8.52
N ILE A 648 -6.96 -7.32 -9.20
CA ILE A 648 -5.51 -7.27 -9.48
C ILE A 648 -5.31 -6.96 -10.96
N ASP A 649 -4.64 -5.84 -11.25
CA ASP A 649 -4.48 -5.32 -12.61
C ASP A 649 -3.48 -6.19 -13.40
N PRO A 650 -3.88 -6.68 -14.60
CA PRO A 650 -2.93 -7.43 -15.44
C PRO A 650 -1.84 -6.59 -16.13
N GLN A 651 -2.00 -5.26 -16.17
CA GLN A 651 -1.05 -4.35 -16.85
C GLN A 651 0.40 -4.46 -16.36
N VAL A 652 0.59 -4.79 -15.08
CA VAL A 652 1.93 -4.97 -14.51
C VAL A 652 2.58 -6.25 -15.06
N MET A 653 1.85 -7.36 -15.00
CA MET A 653 2.36 -8.66 -15.48
C MET A 653 2.54 -8.72 -17.00
N VAL A 654 1.68 -8.02 -17.75
CA VAL A 654 1.80 -7.96 -19.22
C VAL A 654 3.08 -7.23 -19.61
N GLU A 655 3.36 -6.10 -18.96
CA GLU A 655 4.60 -5.33 -19.20
C GLU A 655 5.85 -6.06 -18.73
N ARG A 656 5.72 -6.90 -17.70
CA ARG A 656 6.84 -7.69 -17.19
C ARG A 656 7.10 -8.92 -18.07
N TYR A 657 6.13 -9.83 -18.13
CA TYR A 657 6.31 -11.15 -18.77
C TYR A 657 5.75 -11.28 -20.20
N GLY A 658 4.73 -10.49 -20.52
CA GLY A 658 4.08 -10.54 -21.83
C GLY A 658 2.66 -11.06 -21.75
N ALA A 659 1.81 -10.64 -22.69
CA ALA A 659 0.42 -11.09 -22.78
C ALA A 659 0.28 -12.61 -22.89
N ASP A 660 1.08 -13.22 -23.75
CA ASP A 660 1.08 -14.68 -23.95
C ASP A 660 1.32 -15.45 -22.65
N THR A 661 2.29 -14.98 -21.85
CA THR A 661 2.59 -15.57 -20.55
C THR A 661 1.41 -15.42 -19.58
N VAL A 662 0.79 -14.25 -19.56
CA VAL A 662 -0.37 -13.99 -18.70
C VAL A 662 -1.55 -14.87 -19.13
N ARG A 663 -1.84 -14.88 -20.43
CA ARG A 663 -2.94 -15.68 -20.99
C ARG A 663 -2.78 -17.16 -20.70
N LEU A 664 -1.59 -17.70 -20.97
CA LEU A 664 -1.30 -19.12 -20.79
C LEU A 664 -1.43 -19.56 -19.33
N PHE A 665 -1.00 -18.71 -18.40
CA PHE A 665 -1.08 -19.00 -16.96
C PHE A 665 -2.53 -19.11 -16.48
N MET A 666 -3.40 -18.23 -16.97
CA MET A 666 -4.83 -18.25 -16.58
C MET A 666 -5.55 -19.51 -17.07
N MET A 667 -5.19 -20.00 -18.25
CA MET A 667 -5.76 -21.23 -18.80
C MET A 667 -5.14 -22.49 -18.18
N PHE A 668 -3.86 -22.42 -17.83
CA PHE A 668 -3.12 -23.56 -17.26
C PHE A 668 -3.43 -23.84 -15.79
N ALA A 669 -3.70 -22.79 -15.01
CA ALA A 669 -3.86 -22.91 -13.56
C ALA A 669 -4.99 -23.85 -13.11
N SER A 670 -6.13 -23.78 -13.79
CA SER A 670 -7.34 -24.54 -13.40
C SER A 670 -8.28 -24.68 -14.61
N PRO A 671 -9.15 -25.72 -14.61
CA PRO A 671 -10.17 -25.80 -15.67
C PRO A 671 -11.17 -24.64 -15.61
N ALA A 672 -11.73 -24.30 -16.76
CA ALA A 672 -12.56 -23.09 -16.94
C ALA A 672 -13.69 -22.98 -15.92
N ASP A 673 -14.48 -24.04 -15.80
CA ASP A 673 -15.66 -24.06 -14.90
C ASP A 673 -15.35 -24.00 -13.40
N MET A 674 -14.14 -24.38 -12.99
CA MET A 674 -13.78 -24.45 -11.56
C MET A 674 -13.41 -23.08 -10.97
N THR A 675 -13.75 -22.88 -9.71
CA THR A 675 -13.52 -21.61 -9.01
C THR A 675 -12.06 -21.49 -8.55
N LEU A 676 -11.36 -20.49 -9.08
CA LEU A 676 -9.93 -20.28 -8.81
C LEU A 676 -9.71 -19.23 -7.72
N GLU A 677 -8.83 -19.53 -6.77
CA GLU A 677 -8.29 -18.53 -5.84
C GLU A 677 -7.02 -17.95 -6.48
N TRP A 678 -6.96 -16.62 -6.58
CA TRP A 678 -5.85 -15.95 -7.28
C TRP A 678 -4.55 -16.03 -6.50
N GLN A 679 -3.45 -16.28 -7.23
CA GLN A 679 -2.10 -16.29 -6.66
C GLN A 679 -1.06 -15.92 -7.72
N GLU A 680 0.00 -15.22 -7.30
CA GLU A 680 1.08 -14.82 -8.20
C GLU A 680 2.00 -15.98 -8.57
N SER A 681 2.15 -16.94 -7.66
CA SER A 681 2.98 -18.14 -7.90
C SER A 681 2.41 -19.00 -9.04
N GLY A 682 3.25 -19.34 -10.00
CA GLY A 682 2.85 -20.10 -11.19
C GLY A 682 3.15 -19.41 -12.52
N VAL A 683 3.21 -18.08 -12.50
CA VAL A 683 3.49 -17.27 -13.71
C VAL A 683 4.85 -17.56 -14.35
N GLU A 684 5.85 -17.90 -13.52
CA GLU A 684 7.22 -18.12 -14.00
C GLU A 684 7.37 -19.40 -14.83
N GLY A 685 6.50 -20.38 -14.58
CA GLY A 685 6.46 -21.61 -15.40
C GLY A 685 6.01 -21.38 -16.83
N ALA A 686 5.06 -20.47 -17.02
CA ALA A 686 4.57 -20.09 -18.35
C ALA A 686 5.63 -19.35 -19.17
N ASN A 687 6.35 -18.42 -18.52
CA ASN A 687 7.42 -17.66 -19.18
C ASN A 687 8.59 -18.56 -19.59
N ARG A 688 8.99 -19.45 -18.69
CA ARG A 688 10.03 -20.44 -18.98
C ARG A 688 9.63 -21.43 -20.08
N PHE A 689 8.35 -21.81 -20.12
CA PHE A 689 7.85 -22.73 -21.15
C PHE A 689 7.91 -22.12 -22.54
N LEU A 690 7.52 -20.85 -22.67
CA LEU A 690 7.59 -20.15 -23.95
C LEU A 690 9.04 -19.93 -24.44
N LYS A 691 9.97 -19.78 -23.50
CA LYS A 691 11.40 -19.74 -23.83
C LYS A 691 11.91 -21.09 -24.36
N ARG A 692 11.42 -22.19 -23.78
CA ARG A 692 11.75 -23.54 -24.27
C ARG A 692 11.19 -23.82 -25.68
N VAL A 693 10.00 -23.31 -25.97
CA VAL A 693 9.40 -23.39 -27.31
C VAL A 693 10.20 -22.55 -28.31
N TRP A 694 10.57 -21.33 -27.88
CA TRP A 694 11.36 -20.41 -28.70
C TRP A 694 12.76 -20.98 -29.01
N LYS A 695 13.42 -21.54 -28.00
CA LYS A 695 14.75 -22.13 -28.16
C LYS A 695 14.76 -23.32 -29.12
N LEU A 696 13.76 -24.20 -29.01
CA LEU A 696 13.68 -25.40 -29.85
C LEU A 696 13.45 -25.06 -31.33
N VAL A 697 12.65 -24.03 -31.60
CA VAL A 697 12.42 -23.54 -32.96
C VAL A 697 13.65 -22.76 -33.47
N TYR A 698 14.29 -22.00 -32.58
CA TYR A 698 15.51 -21.25 -32.93
C TYR A 698 16.64 -22.17 -33.38
N GLU A 699 16.91 -23.21 -32.60
CA GLU A 699 17.95 -24.20 -32.92
C GLU A 699 17.63 -25.03 -34.16
N HIS A 700 16.34 -25.29 -34.39
CA HIS A 700 15.88 -26.05 -35.55
C HIS A 700 16.01 -25.27 -36.85
N THR A 701 15.45 -24.06 -36.89
CA THR A 701 15.42 -23.22 -38.09
C THR A 701 16.79 -22.64 -38.48
N ALA A 702 17.68 -22.47 -37.50
CA ALA A 702 19.04 -21.98 -37.76
C ALA A 702 19.87 -22.92 -38.64
N LYS A 703 19.58 -24.22 -38.55
CA LYS A 703 20.23 -25.22 -39.41
C LYS A 703 19.84 -25.08 -40.89
N GLY A 704 18.58 -24.75 -41.14
CA GLY A 704 18.09 -24.44 -42.50
C GLY A 704 16.81 -25.16 -42.85
N ASP A 705 16.55 -25.30 -44.15
CA ASP A 705 15.36 -26.00 -44.65
C ASP A 705 15.47 -27.51 -44.42
N VAL A 706 14.36 -28.22 -44.64
CA VAL A 706 14.28 -29.66 -44.35
C VAL A 706 13.83 -30.48 -45.57
N ALA A 707 14.11 -31.78 -45.51
CA ALA A 707 13.75 -32.73 -46.56
C ALA A 707 12.31 -33.21 -46.41
N ALA A 708 11.81 -33.88 -47.44
CA ALA A 708 10.47 -34.49 -47.40
C ALA A 708 10.49 -35.72 -46.51
N LEU A 709 9.47 -35.87 -45.67
CA LEU A 709 9.41 -36.94 -44.67
C LEU A 709 8.92 -38.24 -45.29
N ASN A 710 9.80 -39.26 -45.28
CA ASN A 710 9.42 -40.62 -45.68
C ASN A 710 8.70 -41.27 -44.50
N VAL A 711 7.43 -41.61 -44.69
CA VAL A 711 6.56 -42.09 -43.60
C VAL A 711 6.94 -43.50 -43.15
N ASP A 712 7.20 -44.38 -44.11
CA ASP A 712 7.55 -45.79 -43.84
C ASP A 712 9.05 -46.05 -44.00
N ALA A 713 9.84 -45.29 -43.24
CA ALA A 713 11.30 -45.45 -43.20
C ALA A 713 11.86 -44.80 -41.93
N LEU A 714 11.33 -45.20 -40.78
CA LEU A 714 11.67 -44.62 -39.48
C LEU A 714 12.05 -45.71 -38.48
N THR A 715 12.95 -45.37 -37.56
CA THR A 715 13.32 -46.26 -36.46
C THR A 715 12.20 -46.31 -35.40
N GLU A 716 12.33 -47.23 -34.45
CA GLU A 716 11.33 -47.38 -33.38
C GLU A 716 11.24 -46.16 -32.46
N ASN A 717 12.38 -45.49 -32.25
CA ASN A 717 12.41 -44.22 -31.51
C ASN A 717 11.71 -43.09 -32.28
N GLN A 718 11.93 -43.05 -33.59
CA GLN A 718 11.28 -42.07 -34.48
C GLN A 718 9.78 -42.36 -34.70
N LYS A 719 9.42 -43.64 -34.77
CA LYS A 719 8.00 -44.06 -34.90
C LYS A 719 7.20 -43.73 -33.63
N ALA A 720 7.81 -43.97 -32.47
CA ALA A 720 7.18 -43.68 -31.18
C ALA A 720 7.00 -42.18 -30.94
N LEU A 721 7.99 -41.38 -31.37
CA LEU A 721 7.93 -39.92 -31.28
C LEU A 721 6.78 -39.35 -32.10
N ARG A 722 6.66 -39.83 -33.34
CA ARG A 722 5.58 -39.41 -34.24
C ARG A 722 4.19 -39.85 -33.75
N ARG A 723 4.13 -41.00 -33.06
CA ARG A 723 2.90 -41.46 -32.40
C ARG A 723 2.45 -40.46 -31.34
N ASP A 724 3.41 -39.98 -30.54
CA ASP A 724 3.13 -39.01 -29.48
C ASP A 724 2.71 -37.63 -30.02
N VAL A 725 3.27 -37.23 -31.17
CA VAL A 725 2.89 -35.97 -31.82
C VAL A 725 1.42 -36.01 -32.23
N HIS A 726 1.04 -37.06 -32.96
CA HIS A 726 -0.35 -37.22 -33.43
C HIS A 726 -1.34 -37.55 -32.30
N LYS A 727 -0.90 -38.25 -31.27
CA LYS A 727 -1.73 -38.51 -30.07
C LYS A 727 -2.02 -37.23 -29.28
N THR A 728 -1.04 -36.33 -29.20
CA THR A 728 -1.23 -35.01 -28.58
C THR A 728 -2.25 -34.16 -29.36
N ILE A 729 -2.20 -34.23 -30.69
CA ILE A 729 -3.17 -33.53 -31.55
C ILE A 729 -4.60 -34.02 -31.27
N ALA A 730 -4.77 -35.34 -31.13
CA ALA A 730 -6.07 -35.93 -30.81
C ALA A 730 -6.59 -35.51 -29.44
N LYS A 731 -5.70 -35.44 -28.45
CA LYS A 731 -6.06 -35.00 -27.09
C LYS A 731 -6.39 -33.50 -27.05
N VAL A 732 -5.50 -32.68 -27.58
CA VAL A 732 -5.65 -31.22 -27.56
C VAL A 732 -6.90 -30.76 -28.33
N THR A 733 -7.19 -31.40 -29.46
CA THR A 733 -8.42 -31.15 -30.22
C THR A 733 -9.68 -31.50 -29.41
N ASP A 734 -9.62 -32.61 -28.67
CA ASP A 734 -10.74 -33.04 -27.80
C ASP A 734 -10.89 -32.16 -26.57
N ASP A 735 -9.76 -31.85 -25.91
CA ASP A 735 -9.77 -31.05 -24.69
C ASP A 735 -10.27 -29.61 -24.89
N ILE A 736 -9.91 -28.99 -26.02
CA ILE A 736 -10.42 -27.67 -26.39
C ILE A 736 -11.85 -27.76 -26.92
N GLY A 737 -12.07 -28.64 -27.90
CA GLY A 737 -13.33 -28.74 -28.62
C GLY A 737 -14.54 -29.18 -27.80
N ARG A 738 -14.40 -30.32 -27.13
CA ARG A 738 -15.51 -30.94 -26.39
C ARG A 738 -15.51 -30.55 -24.90
N ARG A 739 -14.38 -30.77 -24.24
CA ARG A 739 -14.29 -30.68 -22.78
C ARG A 739 -14.08 -29.26 -22.25
N GLN A 740 -13.43 -28.40 -23.03
CA GLN A 740 -12.99 -27.06 -22.60
C GLN A 740 -12.06 -27.11 -21.36
N THR A 741 -11.29 -28.18 -21.24
CA THR A 741 -10.31 -28.34 -20.16
C THR A 741 -8.96 -27.92 -20.72
N PHE A 742 -8.69 -26.62 -20.66
CA PHE A 742 -7.48 -26.05 -21.28
C PHE A 742 -6.20 -26.39 -20.54
N ASN A 743 -6.30 -26.58 -19.23
CA ASN A 743 -5.14 -26.99 -18.42
C ASN A 743 -4.59 -28.37 -18.81
N THR A 744 -5.48 -29.31 -19.13
CA THR A 744 -5.07 -30.65 -19.58
C THR A 744 -4.55 -30.63 -21.03
N ALA A 745 -5.05 -29.70 -21.84
CA ALA A 745 -4.57 -29.50 -23.21
C ALA A 745 -3.16 -28.89 -23.23
N ILE A 746 -2.93 -27.88 -22.40
CA ILE A 746 -1.62 -27.23 -22.28
C ILE A 746 -0.59 -28.21 -21.70
N ALA A 747 -0.99 -28.96 -20.68
CA ALA A 747 -0.14 -30.00 -20.08
C ALA A 747 0.27 -31.09 -21.08
N ALA A 748 -0.66 -31.46 -21.96
CA ALA A 748 -0.39 -32.43 -23.02
C ALA A 748 0.67 -31.94 -24.02
N ILE A 749 0.69 -30.64 -24.29
CA ILE A 749 1.68 -30.04 -25.18
C ILE A 749 3.05 -29.89 -24.48
N MET A 750 3.03 -29.58 -23.18
CA MET A 750 4.26 -29.52 -22.37
C MET A 750 5.00 -30.86 -22.35
N GLU A 751 4.25 -31.96 -22.27
CA GLU A 751 4.82 -33.32 -22.36
C GLU A 751 5.51 -33.56 -23.69
N LEU A 752 4.83 -33.21 -24.78
CA LEU A 752 5.37 -33.37 -26.14
C LEU A 752 6.62 -32.52 -26.38
N MET A 753 6.64 -31.30 -25.82
CA MET A 753 7.81 -30.43 -25.90
C MET A 753 9.04 -31.02 -25.20
N ASN A 754 8.82 -31.67 -24.06
CA ASN A 754 9.91 -32.31 -23.31
C ASN A 754 10.49 -33.52 -24.06
N LYS A 755 9.63 -34.26 -24.77
CA LYS A 755 10.07 -35.38 -25.62
C LYS A 755 10.81 -34.90 -26.87
N LEU A 756 10.33 -33.82 -27.48
CA LEU A 756 10.99 -33.21 -28.65
C LEU A 756 12.35 -32.57 -28.31
N ALA A 757 12.50 -32.11 -27.06
CA ALA A 757 13.78 -31.56 -26.59
C ALA A 757 14.84 -32.65 -26.46
N LYS A 758 14.47 -33.78 -25.86
CA LYS A 758 15.37 -34.92 -25.69
C LYS A 758 15.67 -35.68 -27.00
N ALA A 759 14.79 -35.56 -28.00
CA ALA A 759 14.96 -36.26 -29.27
C ALA A 759 16.14 -35.67 -30.08
N PRO A 760 17.02 -36.54 -30.64
CA PRO A 760 18.13 -36.01 -31.46
C PRO A 760 17.65 -35.51 -32.83
N THR A 761 18.23 -34.42 -33.31
CA THR A 761 17.86 -33.79 -34.58
C THR A 761 19.07 -33.67 -35.51
N ASP A 762 19.76 -34.79 -35.70
CA ASP A 762 20.99 -34.85 -36.50
C ASP A 762 20.71 -35.12 -37.97
N GLY A 763 20.09 -36.27 -38.25
CA GLY A 763 19.86 -36.73 -39.62
C GLY A 763 18.73 -36.02 -40.36
N GLU A 764 18.48 -36.47 -41.59
CA GLU A 764 17.43 -35.87 -42.44
C GLU A 764 16.02 -36.24 -41.96
N GLN A 765 15.83 -37.52 -41.62
CA GLN A 765 14.54 -38.00 -41.10
C GLN A 765 14.18 -37.41 -39.74
N ASP A 766 15.19 -37.13 -38.92
CA ASP A 766 14.97 -36.53 -37.59
C ASP A 766 14.49 -35.09 -37.69
N ARG A 767 15.18 -34.29 -38.51
CA ARG A 767 14.81 -32.89 -38.75
C ARG A 767 13.51 -32.76 -39.56
N ALA A 768 13.25 -33.71 -40.45
CA ALA A 768 11.98 -33.77 -41.17
C ALA A 768 10.81 -34.05 -40.21
N LEU A 769 11.04 -34.94 -39.24
CA LEU A 769 10.07 -35.23 -38.18
C LEU A 769 9.90 -34.04 -37.23
N MET A 770 11.00 -33.36 -36.91
CA MET A 770 10.98 -32.18 -36.05
C MET A 770 10.22 -31.00 -36.67
N GLN A 771 10.25 -30.88 -38.01
CA GLN A 771 9.46 -29.89 -38.72
C GLN A 771 7.96 -30.12 -38.51
N GLU A 772 7.52 -31.36 -38.73
CA GLU A 772 6.11 -31.74 -38.55
C GLU A 772 5.61 -31.49 -37.13
N ALA A 773 6.43 -31.83 -36.14
CA ALA A 773 6.09 -31.66 -34.73
C ALA A 773 5.96 -30.19 -34.36
N LEU A 774 6.97 -29.40 -34.69
CA LEU A 774 6.99 -27.97 -34.35
C LEU A 774 5.88 -27.16 -35.05
N LEU A 775 5.57 -27.52 -36.29
CA LEU A 775 4.42 -26.92 -37.00
C LEU A 775 3.09 -27.26 -36.31
N ALA A 776 2.98 -28.47 -35.79
CA ALA A 776 1.79 -28.89 -35.03
C ALA A 776 1.70 -28.20 -33.67
N VAL A 777 2.82 -28.15 -32.94
CA VAL A 777 2.85 -27.57 -31.59
C VAL A 777 2.58 -26.05 -31.61
N VAL A 778 3.17 -25.35 -32.58
CA VAL A 778 2.96 -23.91 -32.73
C VAL A 778 1.50 -23.59 -33.08
N ARG A 779 0.85 -24.44 -33.87
CA ARG A 779 -0.58 -24.29 -34.18
C ARG A 779 -1.49 -24.57 -32.97
N MET A 780 -1.16 -25.59 -32.19
CA MET A 780 -1.92 -25.92 -30.98
C MET A 780 -1.80 -24.87 -29.86
N LEU A 781 -0.68 -24.14 -29.83
CA LEU A 781 -0.47 -23.03 -28.88
C LEU A 781 -1.04 -21.69 -29.34
N ASN A 782 -1.29 -21.53 -30.65
CA ASN A 782 -1.81 -20.29 -31.23
C ASN A 782 -3.10 -19.75 -30.57
N PRO A 783 -4.07 -20.63 -30.25
CA PRO A 783 -5.24 -20.18 -29.48
C PRO A 783 -4.92 -19.51 -28.13
N PHE A 784 -3.92 -20.04 -27.42
CA PHE A 784 -3.55 -19.54 -26.09
C PHE A 784 -2.59 -18.37 -26.18
N THR A 785 -1.50 -18.58 -26.92
CA THR A 785 -0.41 -17.61 -27.05
C THR A 785 -0.25 -17.19 -28.52
N PRO A 786 -1.16 -16.32 -29.03
CA PRO A 786 -1.18 -16.01 -30.46
C PRO A 786 -0.01 -15.17 -31.00
N HIS A 787 0.59 -14.34 -30.15
CA HIS A 787 1.65 -13.41 -30.59
C HIS A 787 2.95 -14.14 -30.93
N ILE A 788 3.41 -14.96 -29.99
CA ILE A 788 4.64 -15.77 -30.19
C ILE A 788 4.49 -16.78 -31.33
N CYS A 789 3.30 -17.38 -31.46
CA CYS A 789 3.06 -18.40 -32.49
C CYS A 789 2.99 -17.81 -33.90
N PHE A 790 2.45 -16.60 -34.02
CA PHE A 790 2.44 -15.85 -35.29
C PHE A 790 3.86 -15.60 -35.81
N THR A 791 4.78 -15.26 -34.90
CA THR A 791 6.19 -15.06 -35.23
C THR A 791 6.88 -16.37 -35.61
N LEU A 792 6.67 -17.40 -34.80
CA LEU A 792 7.26 -18.73 -35.03
C LEU A 792 6.75 -19.42 -36.29
N TRP A 793 5.50 -19.14 -36.68
CA TRP A 793 4.90 -19.72 -37.90
C TRP A 793 5.61 -19.26 -39.17
N GLN A 794 6.02 -17.99 -39.21
CA GLN A 794 6.79 -17.44 -40.33
C GLN A 794 8.22 -18.00 -40.40
N GLU A 795 8.82 -18.26 -39.24
CA GLU A 795 10.18 -18.82 -39.16
C GLU A 795 10.26 -20.29 -39.57
N LEU A 796 9.20 -21.05 -39.27
CA LEU A 796 9.06 -22.44 -39.75
C LEU A 796 8.63 -22.53 -41.23
N LYS A 797 8.30 -21.40 -41.85
CA LYS A 797 7.94 -21.29 -43.27
C LYS A 797 6.62 -22.01 -43.57
N GLY A 798 5.58 -21.63 -42.84
CA GLY A 798 4.23 -22.14 -43.05
C GLY A 798 3.46 -21.29 -44.04
N GLU A 799 2.32 -21.82 -44.50
CA GLU A 799 1.51 -21.16 -45.52
C GLU A 799 0.69 -20.00 -44.94
N GLY A 800 1.12 -18.77 -45.23
CA GLY A 800 0.38 -17.56 -44.86
C GLY A 800 0.43 -17.26 -43.37
N ASP A 801 -0.59 -16.54 -42.90
CA ASP A 801 -0.72 -16.21 -41.47
C ASP A 801 -1.26 -17.41 -40.70
N ILE A 802 -0.78 -17.58 -39.47
CA ILE A 802 -1.23 -18.70 -38.61
C ILE A 802 -2.72 -18.61 -38.23
N ASP A 803 -3.26 -17.40 -38.17
CA ASP A 803 -4.67 -17.16 -37.85
C ASP A 803 -5.63 -17.89 -38.79
N ASN A 804 -5.28 -17.88 -40.09
CA ASN A 804 -6.09 -18.53 -41.14
C ASN A 804 -5.59 -19.94 -41.51
N ALA A 805 -4.41 -20.33 -41.06
CA ALA A 805 -3.86 -21.67 -41.29
C ALA A 805 -4.71 -22.76 -40.63
N PRO A 806 -4.79 -23.95 -41.26
CA PRO A 806 -5.72 -24.99 -40.78
C PRO A 806 -5.29 -25.66 -39.48
N TRP A 807 -6.27 -26.13 -38.71
CA TRP A 807 -6.02 -26.84 -37.46
C TRP A 807 -5.48 -28.24 -37.76
N PRO A 808 -4.44 -28.69 -37.02
CA PRO A 808 -3.85 -30.00 -37.32
C PRO A 808 -4.78 -31.19 -37.05
N VAL A 809 -4.81 -32.13 -37.99
CA VAL A 809 -5.59 -33.35 -37.89
C VAL A 809 -4.64 -34.52 -37.64
N ALA A 810 -4.98 -35.37 -36.67
CA ALA A 810 -4.18 -36.54 -36.33
C ALA A 810 -4.35 -37.64 -37.39
N ASP A 811 -3.30 -38.44 -37.56
CA ASP A 811 -3.28 -39.52 -38.54
C ASP A 811 -3.55 -40.82 -37.79
N GLU A 812 -4.61 -41.53 -38.16
CA GLU A 812 -5.00 -42.79 -37.49
C GLU A 812 -3.97 -43.91 -37.65
N LYS A 813 -3.27 -43.92 -38.78
CA LYS A 813 -2.19 -44.88 -39.03
C LYS A 813 -0.97 -44.63 -38.12
N ALA A 814 -0.68 -43.36 -37.84
CA ALA A 814 0.44 -42.98 -36.98
C ALA A 814 0.26 -43.36 -35.52
N MET A 815 -0.99 -43.44 -35.06
CA MET A 815 -1.32 -43.65 -33.64
C MET A 815 -1.62 -45.09 -33.23
N VAL A 816 -1.29 -46.06 -34.09
CA VAL A 816 -1.61 -47.47 -33.83
C VAL A 816 -0.66 -48.05 -32.77
N GLU A 817 -1.25 -48.58 -31.69
CA GLU A 817 -0.48 -49.18 -30.59
C GLU A 817 -0.19 -50.65 -30.89
N ASP A 818 1.02 -51.09 -30.53
CA ASP A 818 1.41 -52.51 -30.66
C ASP A 818 1.09 -53.32 -29.39
N SER A 819 1.34 -52.71 -28.23
CA SER A 819 1.09 -53.34 -26.92
C SER A 819 0.37 -52.36 -25.99
N THR A 820 -0.07 -52.87 -24.83
CA THR A 820 -0.79 -52.07 -23.83
C THR A 820 -0.38 -52.46 -22.40
N LEU A 821 -0.40 -51.48 -21.51
CA LEU A 821 -0.04 -51.72 -20.10
C LEU A 821 -1.19 -52.39 -19.36
N VAL A 822 -0.84 -53.30 -18.45
CA VAL A 822 -1.80 -54.01 -17.60
C VAL A 822 -1.29 -53.99 -16.15
N VAL A 823 -2.15 -53.53 -15.24
CA VAL A 823 -1.84 -53.51 -13.81
C VAL A 823 -2.31 -54.82 -13.19
N VAL A 824 -1.48 -55.38 -12.30
CA VAL A 824 -1.77 -56.65 -11.63
C VAL A 824 -1.96 -56.39 -10.14
N GLN A 825 -3.20 -56.53 -9.67
CA GLN A 825 -3.53 -56.37 -8.25
C GLN A 825 -3.70 -57.72 -7.56
N VAL A 826 -3.62 -57.70 -6.23
CA VAL A 826 -3.93 -58.85 -5.38
C VAL A 826 -4.78 -58.35 -4.21
N ASN A 827 -6.08 -58.68 -4.24
CA ASN A 827 -7.09 -58.17 -3.30
C ASN A 827 -7.22 -56.63 -3.33
N GLY A 828 -7.09 -56.05 -4.52
CA GLY A 828 -7.24 -54.60 -4.71
C GLY A 828 -5.94 -53.79 -4.72
N LYS A 829 -4.92 -54.25 -4.00
CA LYS A 829 -3.64 -53.54 -3.90
C LYS A 829 -2.69 -53.95 -5.03
N VAL A 830 -1.97 -52.97 -5.58
CA VAL A 830 -1.15 -53.18 -6.77
C VAL A 830 0.19 -53.82 -6.40
N ARG A 831 0.51 -54.94 -7.03
CA ARG A 831 1.77 -55.66 -6.82
C ARG A 831 2.73 -55.69 -8.02
N ALA A 832 2.20 -55.55 -9.24
CA ALA A 832 3.05 -55.55 -10.44
C ALA A 832 2.40 -54.85 -11.64
N LYS A 833 3.23 -54.42 -12.58
CA LYS A 833 2.80 -53.83 -13.85
C LYS A 833 3.56 -54.50 -14.99
N ILE A 834 2.84 -54.83 -16.06
CA ILE A 834 3.42 -55.59 -17.19
C ILE A 834 3.00 -55.04 -18.55
N THR A 835 3.88 -55.17 -19.54
CA THR A 835 3.58 -54.85 -20.93
C THR A 835 3.10 -56.11 -21.62
N VAL A 836 1.95 -56.03 -22.26
CA VAL A 836 1.31 -57.16 -22.94
C VAL A 836 0.77 -56.68 -24.30
N PRO A 837 0.92 -57.49 -25.37
CA PRO A 837 0.29 -57.17 -26.66
C PRO A 837 -1.20 -56.86 -26.57
N VAL A 838 -1.69 -56.03 -27.49
CA VAL A 838 -3.07 -55.53 -27.45
C VAL A 838 -4.07 -56.67 -27.64
N ASP A 839 -3.86 -57.45 -28.70
CA ASP A 839 -4.65 -58.67 -28.97
C ASP A 839 -4.15 -59.84 -28.10
N ALA A 840 -4.53 -59.83 -26.83
CA ALA A 840 -4.12 -60.85 -25.86
C ALA A 840 -5.28 -61.27 -24.97
N THR A 841 -5.43 -62.59 -24.79
CA THR A 841 -6.52 -63.17 -23.99
C THR A 841 -6.24 -63.05 -22.49
N GLU A 842 -7.25 -63.38 -21.68
CA GLU A 842 -7.12 -63.37 -20.21
C GLU A 842 -6.10 -64.37 -19.69
N GLU A 843 -6.01 -65.53 -20.33
CA GLU A 843 -5.05 -66.58 -19.92
C GLU A 843 -3.60 -66.14 -20.17
N GLN A 844 -3.36 -65.47 -21.29
CA GLN A 844 -2.04 -64.92 -21.61
C GLN A 844 -1.59 -63.84 -20.62
N VAL A 845 -2.54 -63.05 -20.13
CA VAL A 845 -2.25 -62.03 -19.09
C VAL A 845 -2.00 -62.69 -17.74
N ARG A 846 -2.81 -63.69 -17.38
CA ARG A 846 -2.61 -64.47 -16.15
C ARG A 846 -1.26 -65.19 -16.10
N GLU A 847 -0.84 -65.73 -17.25
CA GLU A 847 0.43 -66.44 -17.36
C GLU A 847 1.61 -65.48 -17.15
N ARG A 848 1.56 -64.33 -17.81
CA ARG A 848 2.56 -63.28 -17.62
C ARG A 848 2.54 -62.72 -16.20
N ALA A 849 1.33 -62.56 -15.64
CA ALA A 849 1.16 -62.10 -14.25
C ALA A 849 1.74 -63.07 -13.21
N GLY A 850 1.68 -64.36 -13.50
CA GLY A 850 2.26 -65.38 -12.63
C GLY A 850 3.78 -65.36 -12.54
N GLN A 851 4.44 -64.95 -13.63
CA GLN A 851 5.92 -64.88 -13.67
C GLN A 851 6.55 -63.80 -12.79
N GLU A 852 5.76 -62.77 -12.44
CA GLU A 852 6.26 -61.68 -11.57
C GLU A 852 6.41 -62.17 -10.13
N HIS A 853 7.53 -61.83 -9.49
CA HIS A 853 7.85 -62.30 -8.15
C HIS A 853 7.01 -61.63 -7.05
N LEU A 854 6.70 -60.35 -7.22
CA LEU A 854 5.84 -59.62 -6.28
C LEU A 854 4.37 -60.09 -6.32
N VAL A 855 3.95 -60.63 -7.46
CA VAL A 855 2.62 -61.23 -7.59
C VAL A 855 2.64 -62.62 -6.93
N ALA A 856 3.63 -63.43 -7.28
CA ALA A 856 3.77 -64.80 -6.77
C ALA A 856 4.03 -64.89 -5.26
N LYS A 857 4.58 -63.82 -4.67
CA LYS A 857 4.81 -63.73 -3.23
C LYS A 857 3.50 -63.89 -2.43
N TYR A 858 2.48 -63.13 -2.81
CA TYR A 858 1.18 -63.14 -2.12
C TYR A 858 0.22 -64.25 -2.56
N LEU A 859 0.58 -65.01 -3.60
CA LEU A 859 -0.22 -66.16 -4.06
C LEU A 859 0.19 -67.49 -3.39
N ASP A 860 1.37 -67.55 -2.76
CA ASP A 860 1.83 -68.79 -2.11
C ASP A 860 1.05 -69.12 -0.84
N GLY A 861 0.66 -70.37 -0.70
CA GLY A 861 -0.09 -70.85 0.46
C GLY A 861 -1.56 -70.44 0.49
N VAL A 862 -2.10 -69.99 -0.64
CA VAL A 862 -3.48 -69.48 -0.70
C VAL A 862 -4.12 -69.74 -2.07
N THR A 863 -5.45 -69.88 -2.07
CA THR A 863 -6.22 -70.24 -3.26
C THR A 863 -6.79 -69.00 -3.94
N VAL A 864 -6.87 -69.04 -5.27
CA VAL A 864 -7.47 -67.97 -6.06
C VAL A 864 -8.99 -68.17 -6.09
N ARG A 865 -9.71 -67.37 -5.31
CA ARG A 865 -11.17 -67.49 -5.20
C ARG A 865 -11.90 -66.91 -6.42
N LYS A 866 -11.51 -65.70 -6.82
CA LYS A 866 -12.13 -65.00 -7.95
C LYS A 866 -11.08 -64.23 -8.76
N VAL A 867 -11.31 -64.14 -10.07
CA VAL A 867 -10.42 -63.43 -10.99
C VAL A 867 -11.23 -62.37 -11.73
N ILE A 868 -10.77 -61.13 -11.67
CA ILE A 868 -11.38 -60.00 -12.37
C ILE A 868 -10.38 -59.51 -13.42
N TYR A 869 -10.87 -59.24 -14.63
CA TYR A 869 -10.03 -58.82 -15.74
C TYR A 869 -10.72 -57.77 -16.62
N VAL A 870 -10.20 -56.54 -16.60
CA VAL A 870 -10.62 -55.48 -17.51
C VAL A 870 -9.72 -55.58 -18.74
N PRO A 871 -10.30 -55.81 -19.95
CA PRO A 871 -9.49 -56.00 -21.16
C PRO A 871 -8.46 -54.88 -21.47
N GLY A 872 -7.18 -55.26 -21.48
CA GLY A 872 -6.09 -54.34 -21.79
C GLY A 872 -5.85 -53.22 -20.78
N LYS A 873 -6.28 -53.43 -19.53
CA LYS A 873 -6.29 -52.38 -18.51
C LYS A 873 -5.84 -52.87 -17.13
N LEU A 874 -6.52 -53.88 -16.60
CA LEU A 874 -6.33 -54.32 -15.21
C LEU A 874 -6.62 -55.81 -15.00
N LEU A 875 -5.94 -56.40 -14.00
CA LEU A 875 -6.22 -57.74 -13.50
C LEU A 875 -6.17 -57.73 -11.98
N ASN A 876 -7.26 -58.14 -11.33
CA ASN A 876 -7.32 -58.21 -9.86
C ASN A 876 -7.62 -59.65 -9.42
N LEU A 877 -6.60 -60.32 -8.88
CA LEU A 877 -6.75 -61.67 -8.34
C LEU A 877 -7.25 -61.59 -6.90
N VAL A 878 -8.47 -62.09 -6.66
CA VAL A 878 -9.05 -62.14 -5.31
C VAL A 878 -8.57 -63.45 -4.66
N VAL A 879 -8.01 -63.32 -3.46
CA VAL A 879 -7.26 -64.40 -2.80
C VAL A 879 -7.71 -64.57 -1.36
N GLY A 880 -7.86 -65.83 -0.93
CA GLY A 880 -8.22 -66.16 0.45
C GLY A 880 -7.01 -66.16 1.38
N MET C 21 18.43 -23.48 35.84
CA MET C 21 18.69 -22.78 34.55
C MET C 21 18.41 -23.71 33.37
N GLN C 22 17.74 -23.19 32.34
CA GLN C 22 17.52 -23.93 31.11
C GLN C 22 18.82 -23.98 30.29
N GLU C 23 19.01 -25.08 29.56
CA GLU C 23 20.26 -25.33 28.85
C GLU C 23 20.45 -24.41 27.63
N GLN C 24 19.40 -24.27 26.82
CA GLN C 24 19.45 -23.44 25.61
C GLN C 24 19.06 -21.99 25.91
N TYR C 25 19.68 -21.05 25.20
CA TYR C 25 19.34 -19.63 25.29
C TYR C 25 18.01 -19.38 24.58
N ARG C 26 17.06 -18.79 25.31
CA ARG C 26 15.69 -18.60 24.81
C ARG C 26 15.17 -17.20 25.19
N PRO C 27 15.39 -16.19 24.32
CA PRO C 27 15.08 -14.80 24.67
C PRO C 27 13.60 -14.44 24.71
N GLU C 28 12.75 -15.18 23.99
CA GLU C 28 11.29 -14.97 24.04
C GLU C 28 10.69 -15.19 25.45
N GLU C 29 11.32 -16.06 26.24
CA GLU C 29 10.95 -16.30 27.64
C GLU C 29 11.68 -15.37 28.62
N ILE C 30 12.96 -15.10 28.33
CA ILE C 30 13.82 -14.33 29.24
C ILE C 30 13.52 -12.83 29.22
N GLU C 31 13.49 -12.23 28.03
CA GLU C 31 13.53 -10.77 27.87
C GLU C 31 12.28 -10.05 28.40
N SER C 32 11.10 -10.57 28.06
CA SER C 32 9.83 -9.98 28.51
C SER C 32 9.64 -10.00 30.03
N LYS C 33 10.19 -11.02 30.69
CA LYS C 33 10.19 -11.12 32.15
C LYS C 33 11.07 -10.03 32.80
N VAL C 34 12.24 -9.80 32.22
CA VAL C 34 13.19 -8.79 32.74
C VAL C 34 12.67 -7.38 32.49
N GLN C 35 12.04 -7.15 31.33
CA GLN C 35 11.38 -5.87 31.04
C GLN C 35 10.24 -5.57 32.01
N LEU C 36 9.47 -6.61 32.33
CA LEU C 36 8.37 -6.51 33.32
C LEU C 36 8.89 -6.23 34.73
N HIS C 37 10.06 -6.78 35.07
CA HIS C 37 10.71 -6.52 36.37
C HIS C 37 11.11 -5.04 36.53
N TRP C 38 11.65 -4.44 35.46
CA TRP C 38 12.05 -3.03 35.47
C TRP C 38 10.84 -2.08 35.61
N ASP C 39 9.73 -2.43 34.97
CA ASP C 39 8.49 -1.63 35.03
C ASP C 39 7.84 -1.65 36.42
N GLU C 40 7.72 -2.84 36.99
CA GLU C 40 7.07 -3.02 38.31
C GLU C 40 7.89 -2.42 39.45
N LYS C 41 9.18 -2.71 39.46
CA LYS C 41 10.08 -2.18 40.50
C LYS C 41 10.52 -0.72 40.26
N ARG C 42 10.31 -0.21 39.05
CA ARG C 42 10.67 1.17 38.68
C ARG C 42 12.17 1.42 38.91
N THR C 43 12.98 0.61 38.24
CA THR C 43 14.43 0.57 38.45
C THR C 43 15.11 1.88 38.00
N PHE C 44 14.77 2.33 36.80
CA PHE C 44 15.41 3.51 36.19
C PHE C 44 14.67 4.84 36.43
N GLU C 45 13.64 4.82 37.28
CA GLU C 45 13.03 6.06 37.78
C GLU C 45 13.94 6.66 38.84
N VAL C 46 14.24 7.95 38.71
CA VAL C 46 15.19 8.63 39.59
C VAL C 46 14.67 9.99 40.05
N THR C 47 15.01 10.36 41.29
CA THR C 47 14.70 11.67 41.87
C THR C 47 15.98 12.49 41.99
N GLU C 48 15.85 13.73 42.44
CA GLU C 48 16.99 14.62 42.60
C GLU C 48 17.74 14.30 43.89
N ASP C 49 18.55 13.24 43.83
CA ASP C 49 19.25 12.70 44.99
C ASP C 49 20.56 13.46 45.25
N GLU C 50 20.59 14.22 46.35
CA GLU C 50 21.75 15.06 46.68
C GLU C 50 22.97 14.23 47.09
N SER C 51 22.74 13.13 47.81
CA SER C 51 23.84 12.26 48.29
C SER C 51 24.59 11.53 47.18
N LYS C 52 23.91 11.23 46.06
CA LYS C 52 24.53 10.61 44.89
C LYS C 52 25.01 11.65 43.87
N GLU C 53 25.99 11.26 43.06
CA GLU C 53 26.50 12.10 41.97
C GLU C 53 25.60 11.94 40.75
N LYS C 54 25.19 13.05 40.16
CA LYS C 54 24.28 13.04 39.00
C LYS C 54 25.00 12.75 37.68
N TYR C 55 24.24 12.24 36.71
CA TYR C 55 24.71 12.10 35.32
C TYR C 55 23.53 12.11 34.35
N TYR C 56 23.37 13.22 33.63
CA TYR C 56 22.32 13.37 32.64
C TYR C 56 22.81 12.82 31.29
N CYS C 57 22.30 11.65 30.91
CA CYS C 57 22.59 11.03 29.61
C CYS C 57 21.38 11.15 28.70
N LEU C 58 21.35 12.22 27.90
CA LEU C 58 20.21 12.55 27.04
C LEU C 58 20.37 11.98 25.64
N SER C 59 19.27 11.47 25.08
CA SER C 59 19.18 11.06 23.68
C SER C 59 18.10 11.91 23.01
N MET C 60 18.31 12.23 21.73
CA MET C 60 17.39 13.10 20.99
C MET C 60 16.03 12.44 20.78
N LEU C 61 14.96 13.10 21.24
CA LEU C 61 13.60 12.54 21.19
C LEU C 61 13.10 12.43 19.74
N PRO C 62 12.35 11.36 19.42
CA PRO C 62 11.97 11.10 18.03
C PRO C 62 10.69 11.80 17.60
N TYR C 63 10.49 11.90 16.28
CA TYR C 63 9.20 12.26 15.71
C TYR C 63 8.40 10.96 15.54
N PRO C 64 7.15 10.91 16.08
CA PRO C 64 6.36 9.69 15.96
C PRO C 64 5.83 9.49 14.53
N SER C 65 6.67 8.93 13.67
CA SER C 65 6.34 8.72 12.26
C SER C 65 5.37 7.56 12.06
N GLY C 66 5.55 6.49 12.83
CA GLY C 66 4.73 5.29 12.71
C GLY C 66 5.40 4.06 13.30
N ARG C 67 6.66 3.85 12.92
CA ARG C 67 7.45 2.71 13.38
C ARG C 67 8.93 3.06 13.42
N LEU C 68 9.66 2.37 14.30
CA LEU C 68 11.10 2.58 14.45
C LEU C 68 11.87 2.01 13.27
N HIS C 69 13.09 2.50 13.10
CA HIS C 69 14.04 1.99 12.10
C HIS C 69 15.44 1.88 12.73
N MET C 70 16.38 1.30 12.00
CA MET C 70 17.71 0.99 12.55
C MET C 70 18.51 2.24 12.94
N GLY C 71 18.18 3.39 12.33
CA GLY C 71 18.67 4.69 12.78
C GLY C 71 18.31 5.04 14.21
N HIS C 72 17.06 4.78 14.59
CA HIS C 72 16.60 4.96 15.98
C HIS C 72 17.25 3.95 16.92
N VAL C 73 17.37 2.70 16.46
CA VAL C 73 17.95 1.62 17.27
C VAL C 73 19.41 1.94 17.61
N ARG C 74 20.16 2.44 16.63
CA ARG C 74 21.56 2.83 16.85
C ARG C 74 21.68 4.03 17.80
N ASN C 75 20.79 5.01 17.66
CA ASN C 75 20.82 6.22 18.48
C ASN C 75 20.56 5.90 19.96
N TYR C 76 19.49 5.16 20.22
CA TYR C 76 19.03 4.89 21.59
C TYR C 76 19.76 3.75 22.30
N THR C 77 20.37 2.84 21.54
CA THR C 77 21.24 1.81 22.11
C THR C 77 22.54 2.41 22.63
N ILE C 78 23.14 3.32 21.85
CA ILE C 78 24.34 4.06 22.27
C ILE C 78 24.08 4.79 23.58
N GLY C 79 22.97 5.52 23.64
CA GLY C 79 22.56 6.25 24.84
C GLY C 79 22.31 5.36 26.05
N ASP C 80 21.70 4.20 25.81
CA ASP C 80 21.41 3.25 26.88
C ASP C 80 22.67 2.55 27.42
N VAL C 81 23.63 2.28 26.52
CA VAL C 81 24.93 1.72 26.92
C VAL C 81 25.68 2.69 27.83
N ILE C 82 25.68 3.97 27.49
CA ILE C 82 26.32 5.01 28.30
C ILE C 82 25.55 5.21 29.61
N ALA C 83 24.22 5.12 29.54
CA ALA C 83 23.36 5.27 30.72
C ALA C 83 23.57 4.15 31.74
N ARG C 84 23.60 2.90 31.27
CA ARG C 84 23.79 1.73 32.13
C ARG C 84 25.22 1.63 32.69
N TYR C 85 26.21 1.98 31.86
CA TYR C 85 27.61 2.03 32.28
C TYR C 85 27.82 3.01 33.45
N GLN C 86 27.31 4.23 33.28
CA GLN C 86 27.46 5.28 34.30
C GLN C 86 26.71 4.99 35.60
N ARG C 87 25.61 4.23 35.51
CA ARG C 87 24.90 3.76 36.70
C ARG C 87 25.75 2.76 37.49
N MET C 88 26.42 1.85 36.77
CA MET C 88 27.29 0.85 37.41
C MET C 88 28.54 1.48 38.06
N LEU C 89 28.97 2.65 37.57
CA LEU C 89 30.01 3.45 38.24
C LEU C 89 29.54 4.05 39.58
N GLY C 90 28.23 4.13 39.79
CA GLY C 90 27.62 4.52 41.06
C GLY C 90 27.07 5.93 41.07
N LYS C 91 26.39 6.29 39.97
CA LYS C 91 25.83 7.64 39.79
C LYS C 91 24.32 7.55 39.62
N ASN C 92 23.63 8.63 40.02
CA ASN C 92 22.19 8.76 39.84
C ASN C 92 21.93 9.19 38.39
N VAL C 93 21.71 8.22 37.50
CA VAL C 93 21.62 8.48 36.07
C VAL C 93 20.19 8.79 35.63
N LEU C 94 20.04 9.84 34.83
CA LEU C 94 18.76 10.20 34.21
C LEU C 94 18.85 9.98 32.69
N GLN C 95 18.17 8.94 32.21
CA GLN C 95 17.95 8.74 30.78
C GLN C 95 16.45 8.94 30.51
N PRO C 96 16.06 10.14 30.01
CA PRO C 96 14.67 10.41 29.72
C PRO C 96 14.27 10.08 28.28
N ILE C 97 12.96 10.01 28.05
CA ILE C 97 12.39 9.79 26.73
C ILE C 97 11.09 10.59 26.58
N GLY C 98 10.85 11.11 25.38
CA GLY C 98 9.65 11.89 25.06
C GLY C 98 9.27 11.75 23.60
N TRP C 99 8.41 12.65 23.12
CA TRP C 99 7.91 12.59 21.74
C TRP C 99 7.76 14.00 21.14
N ASP C 100 8.56 14.30 20.12
CA ASP C 100 8.45 15.55 19.35
C ASP C 100 7.26 15.38 18.39
N ALA C 101 6.06 15.69 18.89
CA ALA C 101 4.80 15.25 18.27
C ALA C 101 4.33 16.09 17.08
N PHE C 102 4.49 17.42 17.17
CA PHE C 102 4.08 18.32 16.08
C PHE C 102 4.94 18.13 14.83
N GLY C 103 4.37 18.44 13.66
CA GLY C 103 5.07 18.26 12.39
C GLY C 103 4.22 18.30 11.13
N LEU C 104 4.90 18.47 10.00
CA LEU C 104 4.29 18.42 8.67
C LEU C 104 3.82 17.01 8.25
N PRO C 105 4.60 15.94 8.57
CA PRO C 105 4.19 14.59 8.13
C PRO C 105 2.85 14.07 8.68
N ALA C 106 2.41 14.58 9.84
CA ALA C 106 1.10 14.23 10.41
C ALA C 106 -0.06 14.67 9.52
N GLU C 107 0.07 15.86 8.91
CA GLU C 107 -0.90 16.34 7.92
C GLU C 107 -0.86 15.50 6.64
N GLY C 108 0.35 15.20 6.17
CA GLY C 108 0.55 14.37 4.97
C GLY C 108 -0.14 13.02 5.02
N ALA C 109 -0.07 12.37 6.17
CA ALA C 109 -0.79 11.12 6.42
C ALA C 109 -2.30 11.36 6.61
N ALA C 110 -2.65 12.45 7.30
CA ALA C 110 -4.05 12.80 7.57
C ALA C 110 -4.90 13.10 6.33
N VAL C 111 -4.27 13.55 5.24
CA VAL C 111 -4.97 13.84 3.98
C VAL C 111 -5.05 12.60 3.07
N LYS C 112 -3.94 11.86 2.96
CA LYS C 112 -3.89 10.62 2.16
C LYS C 112 -4.83 9.56 2.74
N ASN C 113 -4.75 9.36 4.06
CA ASN C 113 -5.65 8.46 4.78
C ASN C 113 -6.88 9.25 5.27
N ASN C 114 -7.83 8.53 5.86
CA ASN C 114 -9.08 9.13 6.37
C ASN C 114 -9.01 9.21 7.90
N THR C 115 -8.06 10.02 8.39
CA THR C 115 -7.83 10.21 9.84
C THR C 115 -7.38 11.65 10.13
N ALA C 116 -7.67 12.13 11.34
CA ALA C 116 -7.19 13.44 11.79
C ALA C 116 -5.72 13.37 12.23
N PRO C 117 -5.04 14.52 12.37
CA PRO C 117 -3.61 14.49 12.75
C PRO C 117 -3.32 14.08 14.20
N ALA C 118 -4.16 14.52 15.14
CA ALA C 118 -3.94 14.22 16.57
C ALA C 118 -4.06 12.72 16.93
N PRO C 119 -5.17 12.06 16.53
CA PRO C 119 -5.28 10.60 16.76
C PRO C 119 -4.19 9.78 16.06
N TRP C 120 -3.80 10.20 14.86
CA TRP C 120 -2.70 9.59 14.11
C TRP C 120 -1.37 9.69 14.87
N THR C 121 -1.15 10.81 15.55
CA THR C 121 0.07 11.04 16.33
C THR C 121 0.12 10.19 17.60
N TYR C 122 -0.98 10.18 18.37
CA TYR C 122 -1.05 9.41 19.63
C TYR C 122 -0.97 7.90 19.45
N ASP C 123 -1.49 7.39 18.32
CA ASP C 123 -1.36 5.97 17.99
C ASP C 123 0.08 5.60 17.61
N ASN C 124 0.75 6.47 16.87
CA ASN C 124 2.17 6.27 16.52
C ASN C 124 3.09 6.38 17.74
N ILE C 125 2.71 7.21 18.72
CA ILE C 125 3.40 7.27 20.02
C ILE C 125 3.25 5.93 20.76
N ALA C 126 2.02 5.43 20.85
CA ALA C 126 1.72 4.19 21.57
C ALA C 126 2.36 2.95 20.95
N TYR C 127 2.40 2.91 19.61
CA TYR C 127 3.04 1.80 18.88
C TYR C 127 4.55 1.79 19.09
N MET C 128 5.18 2.95 18.90
CA MET C 128 6.63 3.11 19.05
C MET C 128 7.10 3.01 20.51
N LYS C 129 6.25 3.42 21.46
CA LYS C 129 6.52 3.25 22.89
C LYS C 129 6.69 1.77 23.25
N ASN C 130 5.88 0.90 22.66
CA ASN C 130 5.98 -0.55 22.86
C ASN C 130 7.28 -1.10 22.26
N GLN C 131 7.63 -0.63 21.06
CA GLN C 131 8.87 -1.04 20.39
C GLN C 131 10.14 -0.63 21.17
N LEU C 132 10.11 0.54 21.80
CA LEU C 132 11.20 0.98 22.68
C LEU C 132 11.32 0.10 23.92
N LYS C 133 10.19 -0.28 24.51
CA LYS C 133 10.17 -1.16 25.68
C LYS C 133 10.63 -2.59 25.38
N MET C 134 10.28 -3.10 24.20
CA MET C 134 10.74 -4.43 23.76
C MET C 134 12.25 -4.49 23.52
N LEU C 135 12.84 -3.39 23.02
CA LEU C 135 14.30 -3.26 22.89
C LEU C 135 14.99 -3.19 24.26
N GLY C 136 14.29 -2.71 25.28
CA GLY C 136 14.72 -2.81 26.67
C GLY C 136 15.67 -1.72 27.10
N PHE C 137 15.35 -0.48 26.72
CA PHE C 137 16.15 0.69 27.13
C PHE C 137 15.63 1.16 28.48
N GLY C 138 16.54 1.32 29.44
CA GLY C 138 16.18 1.71 30.81
C GLY C 138 15.85 3.19 30.94
N TYR C 139 14.69 3.58 30.42
CA TYR C 139 14.23 4.96 30.46
C TYR C 139 13.47 5.26 31.75
N ASP C 140 13.43 6.55 32.11
CA ASP C 140 12.61 7.05 33.20
C ASP C 140 11.25 7.43 32.61
N TRP C 141 10.33 6.46 32.60
CA TRP C 141 9.01 6.65 31.98
C TRP C 141 8.05 7.57 32.76
N SER C 142 8.36 7.83 34.04
CA SER C 142 7.62 8.83 34.81
C SER C 142 7.83 10.27 34.31
N ARG C 143 8.98 10.51 33.66
CA ARG C 143 9.30 11.80 33.05
C ARG C 143 9.00 11.82 31.54
N GLU C 144 7.88 11.22 31.13
CA GLU C 144 7.51 11.17 29.72
C GLU C 144 6.88 12.50 29.30
N LEU C 145 7.08 12.86 28.04
CA LEU C 145 6.57 14.11 27.47
C LEU C 145 6.02 13.88 26.06
N ALA C 146 4.91 14.54 25.76
CA ALA C 146 4.40 14.68 24.40
C ALA C 146 4.29 16.18 24.15
N THR C 147 4.98 16.66 23.13
CA THR C 147 5.04 18.10 22.85
C THR C 147 3.76 18.69 22.24
N CYS C 148 2.83 17.83 21.81
CA CYS C 148 1.52 18.26 21.29
C CYS C 148 0.44 18.42 22.36
N THR C 149 0.75 18.09 23.62
CA THR C 149 -0.20 18.25 24.72
C THR C 149 -0.14 19.68 25.29
N PRO C 150 -1.30 20.28 25.64
CA PRO C 150 -1.36 21.61 26.28
C PRO C 150 -0.50 21.80 27.54
N GLU C 151 -0.24 20.73 28.28
CA GLU C 151 0.62 20.80 29.47
C GLU C 151 2.07 21.16 29.14
N TYR C 152 2.53 20.82 27.93
CA TYR C 152 3.88 21.15 27.48
C TYR C 152 3.93 22.54 26.84
N TYR C 153 3.20 22.74 25.74
CA TYR C 153 3.35 23.95 24.92
C TYR C 153 2.76 25.24 25.49
N ARG C 154 2.08 25.17 26.63
CA ARG C 154 1.67 26.37 27.37
C ARG C 154 2.84 27.24 27.82
N TRP C 155 3.97 26.61 28.18
CA TRP C 155 5.12 27.31 28.76
C TRP C 155 5.94 28.07 27.72
N GLU C 156 6.13 27.46 26.55
CA GLU C 156 6.79 28.13 25.42
C GLU C 156 5.97 29.30 24.87
N GLN C 157 4.64 29.20 24.96
CA GLN C 157 3.75 30.32 24.63
C GLN C 157 3.95 31.49 25.59
N LYS C 158 3.95 31.19 26.89
CA LYS C 158 4.21 32.19 27.93
C LYS C 158 5.63 32.74 27.86
N PHE C 159 6.57 31.89 27.43
CA PHE C 159 7.96 32.31 27.19
C PHE C 159 8.04 33.26 25.99
N PHE C 160 7.28 32.98 24.93
CA PHE C 160 7.24 33.81 23.73
C PHE C 160 6.69 35.21 23.98
N THR C 161 5.71 35.32 24.88
CA THR C 161 5.15 36.62 25.30
C THR C 161 6.14 37.45 26.11
N GLU C 162 6.93 36.78 26.97
CA GLU C 162 8.00 37.42 27.73
C GLU C 162 9.14 37.93 26.83
N LEU C 163 9.51 37.12 25.83
CA LEU C 163 10.51 37.53 24.83
C LEU C 163 10.08 38.74 23.98
N TYR C 164 8.76 38.89 23.75
CA TYR C 164 8.24 40.06 23.04
C TYR C 164 8.43 41.35 23.83
N LYS C 165 8.10 41.31 25.11
CA LYS C 165 8.22 42.49 25.99
C LYS C 165 9.67 42.92 26.29
N LYS C 166 10.62 41.98 26.17
CA LYS C 166 12.05 42.30 26.28
C LYS C 166 12.65 42.88 25.00
N GLY C 167 12.00 42.66 23.86
CA GLY C 167 12.46 43.17 22.55
C GLY C 167 13.24 42.17 21.71
N LEU C 168 13.06 40.87 21.98
CA LEU C 168 13.72 39.80 21.23
C LEU C 168 12.79 39.14 20.20
N VAL C 169 11.61 39.73 19.97
CA VAL C 169 10.67 39.29 18.93
C VAL C 169 10.26 40.49 18.09
N TYR C 170 10.15 40.29 16.78
CA TYR C 170 9.73 41.33 15.84
C TYR C 170 9.09 40.72 14.59
N LYS C 171 8.13 41.45 14.02
CA LYS C 171 7.43 41.02 12.81
C LYS C 171 8.11 41.63 11.58
N LYS C 172 8.27 40.84 10.52
CA LYS C 172 8.80 41.35 9.25
C LYS C 172 8.32 40.50 8.06
N THR C 173 8.46 41.06 6.86
CA THR C 173 8.08 40.40 5.63
C THR C 173 9.17 39.40 5.21
N SER C 174 8.74 38.19 4.80
CA SER C 174 9.66 37.11 4.45
C SER C 174 9.15 36.28 3.27
N ALA C 175 10.09 35.71 2.52
CA ALA C 175 9.78 34.91 1.32
C ALA C 175 9.28 33.52 1.70
N VAL C 176 8.36 32.99 0.91
CA VAL C 176 7.69 31.71 1.18
C VAL C 176 7.38 31.00 -0.14
N ASN C 177 7.50 29.66 -0.14
CA ASN C 177 7.12 28.84 -1.30
C ASN C 177 5.60 28.76 -1.39
N TRP C 178 5.03 29.44 -2.40
CA TRP C 178 3.59 29.57 -2.57
C TRP C 178 3.13 29.01 -3.92
N CYS C 179 2.34 27.95 -3.89
CA CYS C 179 1.66 27.44 -5.09
C CYS C 179 0.37 28.24 -5.28
N PRO C 180 0.24 28.97 -6.41
CA PRO C 180 -0.96 29.79 -6.63
C PRO C 180 -2.23 29.01 -7.00
N ASN C 181 -2.07 27.75 -7.42
CA ASN C 181 -3.22 26.90 -7.79
C ASN C 181 -4.06 26.53 -6.56
N ASP C 182 -3.41 25.98 -5.53
CA ASP C 182 -4.09 25.57 -4.30
C ASP C 182 -4.27 26.68 -3.25
N GLN C 183 -3.60 27.83 -3.44
CA GLN C 183 -3.66 28.98 -2.51
C GLN C 183 -3.14 28.62 -1.11
N THR C 184 -2.05 27.84 -1.06
CA THR C 184 -1.49 27.34 0.21
C THR C 184 0.04 27.37 0.19
N VAL C 185 0.64 27.57 1.36
CA VAL C 185 2.10 27.56 1.53
C VAL C 185 2.62 26.11 1.50
N LEU C 186 3.74 25.91 0.81
CA LEU C 186 4.43 24.61 0.75
C LEU C 186 5.78 24.69 1.45
N ALA C 187 6.31 23.52 1.81
CA ALA C 187 7.65 23.41 2.39
C ALA C 187 8.71 23.30 1.29
N ASN C 188 9.97 23.24 1.68
CA ASN C 188 11.08 22.98 0.75
C ASN C 188 11.05 21.53 0.24
N GLU C 189 10.65 20.60 1.11
CA GLU C 189 10.53 19.18 0.75
C GLU C 189 9.37 18.88 -0.21
N GLN C 190 8.35 19.75 -0.23
CA GLN C 190 7.17 19.57 -1.09
C GLN C 190 7.28 20.26 -2.46
N VAL C 191 8.49 20.32 -3.01
CA VAL C 191 8.74 20.90 -4.34
C VAL C 191 9.66 19.94 -5.12
N ILE C 192 9.06 19.07 -5.93
CA ILE C 192 9.80 18.06 -6.70
C ILE C 192 10.42 18.69 -7.95
N ASP C 193 11.74 18.89 -7.91
CA ASP C 193 12.54 19.38 -9.06
C ASP C 193 12.07 20.75 -9.58
N GLY C 194 11.92 21.71 -8.66
CA GLY C 194 11.45 23.05 -9.00
C GLY C 194 10.02 23.12 -9.48
N CYS C 195 9.16 22.26 -8.92
CA CYS C 195 7.73 22.21 -9.28
C CYS C 195 6.93 21.55 -8.17
N CYS C 196 5.63 21.90 -8.10
CA CYS C 196 4.73 21.42 -7.04
C CYS C 196 4.62 19.90 -7.02
N TRP C 197 4.62 19.32 -5.82
CA TRP C 197 4.64 17.85 -5.65
C TRP C 197 3.38 17.11 -6.12
N ARG C 198 2.22 17.77 -6.08
CA ARG C 198 0.96 17.21 -6.58
C ARG C 198 0.59 17.76 -7.96
N CYS C 199 0.39 19.08 -8.04
CA CYS C 199 -0.09 19.73 -9.26
C CYS C 199 1.05 20.09 -10.21
N ASP C 200 0.69 20.50 -11.44
CA ASP C 200 1.67 20.87 -12.48
C ASP C 200 1.57 22.36 -12.82
N THR C 201 2.09 23.20 -11.93
CA THR C 201 2.19 24.66 -12.14
C THR C 201 3.50 25.18 -11.54
N LYS C 202 3.78 26.47 -11.75
CA LYS C 202 4.98 27.12 -11.19
C LYS C 202 4.84 27.37 -9.69
N VAL C 203 5.96 27.25 -8.98
CA VAL C 203 6.02 27.48 -7.53
C VAL C 203 6.65 28.87 -7.29
N GLU C 204 5.80 29.89 -7.26
CA GLU C 204 6.24 31.28 -7.10
C GLU C 204 6.48 31.68 -5.64
N ARG C 205 7.08 32.86 -5.45
CA ARG C 205 7.28 33.43 -4.11
C ARG C 205 6.02 34.13 -3.62
N LYS C 206 6.05 34.56 -2.36
CA LYS C 206 5.03 35.44 -1.79
C LYS C 206 5.58 36.18 -0.57
N GLU C 207 5.08 37.40 -0.36
CA GLU C 207 5.56 38.30 0.69
C GLU C 207 4.57 38.36 1.85
N ILE C 208 4.74 37.46 2.83
CA ILE C 208 3.87 37.37 4.00
C ILE C 208 4.61 37.94 5.23
N PRO C 209 3.91 38.72 6.08
CA PRO C 209 4.51 39.15 7.35
C PRO C 209 4.53 38.02 8.37
N GLN C 210 5.68 37.79 9.01
CA GLN C 210 5.89 36.66 9.91
C GLN C 210 6.71 37.05 11.14
N TRP C 211 6.57 36.27 12.21
CA TRP C 211 7.25 36.52 13.48
C TRP C 211 8.65 35.91 13.48
N PHE C 212 9.64 36.71 13.91
CA PHE C 212 11.04 36.29 14.00
C PHE C 212 11.57 36.53 15.41
N ILE C 213 12.17 35.50 16.01
CA ILE C 213 12.92 35.66 17.26
C ILE C 213 14.33 36.14 16.94
N LYS C 214 14.84 37.06 17.76
CA LYS C 214 16.06 37.81 17.46
C LYS C 214 17.33 37.06 17.92
N ILE C 215 17.65 35.98 17.21
CA ILE C 215 18.83 35.15 17.50
C ILE C 215 20.17 35.87 17.21
N THR C 216 20.14 36.85 16.30
CA THR C 216 21.34 37.63 15.95
C THR C 216 21.92 38.45 17.11
N ALA C 217 21.09 38.76 18.11
CA ALA C 217 21.55 39.40 19.35
C ALA C 217 22.57 38.55 20.11
N TYR C 218 22.41 37.22 20.06
CA TYR C 218 23.32 36.27 20.70
C TYR C 218 24.32 35.63 19.72
N ALA C 219 24.56 36.28 18.58
CA ALA C 219 25.42 35.72 17.53
C ALA C 219 26.89 35.65 17.95
N ASP C 220 27.37 36.70 18.60
CA ASP C 220 28.76 36.77 19.07
C ASP C 220 29.02 35.77 20.20
N GLU C 221 28.03 35.60 21.10
CA GLU C 221 28.13 34.65 22.21
C GLU C 221 28.10 33.20 21.73
N LEU C 222 27.21 32.90 20.78
CA LEU C 222 27.13 31.57 20.18
C LEU C 222 28.38 31.17 19.39
N LEU C 223 29.09 32.15 18.84
CA LEU C 223 30.33 31.92 18.09
C LEU C 223 31.51 31.61 19.01
N ASN C 224 31.76 32.49 19.97
CA ASN C 224 32.94 32.41 20.84
C ASN C 224 32.90 31.24 21.84
N ASP C 225 31.70 30.88 22.31
CA ASP C 225 31.55 29.77 23.28
C ASP C 225 31.86 28.37 22.70
N LEU C 226 31.94 28.25 21.38
CA LEU C 226 32.44 27.02 20.73
C LEU C 226 33.90 26.70 21.09
N ASP C 227 34.68 27.74 21.43
CA ASP C 227 36.05 27.56 21.90
C ASP C 227 36.11 26.82 23.25
N LYS C 228 35.15 27.09 24.12
CA LYS C 228 35.05 26.40 25.42
C LYS C 228 34.57 24.94 25.31
N LEU C 229 33.71 24.65 24.32
CA LEU C 229 33.17 23.29 24.12
C LEU C 229 34.23 22.35 23.51
N ASP C 230 35.16 21.91 24.35
CA ASP C 230 36.25 21.02 23.91
C ASP C 230 35.79 19.58 23.70
N HIS C 231 34.81 19.13 24.49
CA HIS C 231 34.24 17.78 24.35
C HIS C 231 33.29 17.61 23.15
N TRP C 232 32.84 18.72 22.56
CA TRP C 232 32.14 18.68 21.28
C TRP C 232 33.15 18.37 20.16
N PRO C 233 32.69 17.70 19.07
CA PRO C 233 33.59 17.39 17.96
C PRO C 233 33.86 18.61 17.07
N ASP C 234 34.99 18.60 16.38
CA ASP C 234 35.38 19.70 15.50
C ASP C 234 34.49 19.82 14.25
N THR C 235 33.84 18.73 13.87
CA THR C 235 32.93 18.71 12.72
C THR C 235 31.73 19.63 12.91
N VAL C 236 31.10 19.56 14.10
CA VAL C 236 29.91 20.34 14.40
C VAL C 236 30.25 21.81 14.68
N LYS C 237 31.38 22.05 15.36
CA LYS C 237 31.82 23.40 15.69
C LYS C 237 32.17 24.21 14.43
N THR C 238 32.96 23.61 13.53
CA THR C 238 33.36 24.26 12.28
C THR C 238 32.16 24.55 11.36
N MET C 239 31.19 23.64 11.34
CA MET C 239 29.94 23.85 10.58
C MET C 239 29.14 25.05 11.12
N GLN C 240 29.04 25.15 12.45
CA GLN C 240 28.36 26.29 13.08
C GLN C 240 29.10 27.61 12.91
N ARG C 241 30.44 27.57 12.93
CA ARG C 241 31.25 28.77 12.67
C ARG C 241 31.02 29.32 11.27
N ASN C 242 31.02 28.43 10.28
CA ASN C 242 30.73 28.81 8.88
C ASN C 242 29.28 29.23 8.69
N TRP C 243 28.37 28.59 9.44
CA TRP C 243 26.96 28.94 9.42
C TRP C 243 26.69 30.33 9.98
N ILE C 244 27.24 30.59 11.17
CA ILE C 244 27.14 31.91 11.82
C ILE C 244 27.84 32.95 10.96
N GLY C 245 29.03 32.62 10.47
CA GLY C 245 29.72 33.39 9.45
C GLY C 245 30.01 34.82 9.87
N ARG C 246 30.90 34.97 10.85
CA ARG C 246 31.30 36.29 11.32
C ARG C 246 32.20 36.92 10.26
N SER C 247 32.11 38.23 10.13
CA SER C 247 32.72 38.95 9.01
C SER C 247 33.06 40.40 9.39
N GLU C 248 34.35 40.71 9.44
CA GLU C 248 34.82 42.09 9.64
C GLU C 248 35.09 42.72 8.28
N GLY C 249 34.34 43.77 7.96
CA GLY C 249 34.47 44.48 6.68
C GLY C 249 34.36 45.98 6.86
N VAL C 250 33.96 46.66 5.78
CA VAL C 250 33.79 48.11 5.75
C VAL C 250 32.49 48.44 5.02
N GLU C 251 31.71 49.35 5.59
CA GLU C 251 30.60 49.99 4.87
C GLU C 251 31.16 51.21 4.13
N ILE C 252 30.71 51.42 2.89
CA ILE C 252 31.15 52.54 2.06
C ILE C 252 29.92 53.25 1.48
N THR C 253 29.91 54.58 1.57
CA THR C 253 28.76 55.40 1.17
C THR C 253 29.07 56.23 -0.08
N PHE C 254 28.23 56.11 -1.11
CA PHE C 254 28.38 56.85 -2.37
C PHE C 254 27.35 57.96 -2.50
N ASN C 255 27.71 59.02 -3.22
CA ASN C 255 26.78 60.09 -3.61
C ASN C 255 26.33 59.84 -5.05
N VAL C 256 25.02 59.76 -5.26
CA VAL C 256 24.42 59.62 -6.60
C VAL C 256 23.95 61.00 -7.08
N ASN C 257 24.02 61.24 -8.39
CA ASN C 257 23.78 62.56 -8.96
C ASN C 257 22.31 62.98 -8.93
N ASP C 258 21.47 62.32 -9.74
CA ASP C 258 20.04 62.68 -9.85
C ASP C 258 19.22 62.22 -8.65
N TYR C 259 19.59 61.08 -8.05
CA TYR C 259 18.92 60.57 -6.85
C TYR C 259 19.26 61.43 -5.64
N ASP C 260 18.29 61.59 -4.74
CA ASP C 260 18.41 62.52 -3.61
C ASP C 260 19.32 61.99 -2.51
N ASN C 261 19.06 60.76 -2.07
CA ASN C 261 19.75 60.17 -0.92
C ASN C 261 21.04 59.45 -1.33
N THR C 262 21.84 59.09 -0.33
CA THR C 262 23.08 58.34 -0.54
C THR C 262 22.79 56.84 -0.67
N LEU C 263 23.77 56.12 -1.22
CA LEU C 263 23.71 54.67 -1.39
C LEU C 263 24.90 54.05 -0.66
N THR C 264 24.62 53.21 0.33
CA THR C 264 25.65 52.57 1.15
C THR C 264 25.74 51.06 0.86
N VAL C 265 26.95 50.53 0.86
CA VAL C 265 27.24 49.13 0.55
C VAL C 265 28.13 48.51 1.62
N TYR C 266 28.12 47.17 1.71
CA TYR C 266 29.01 46.42 2.60
C TYR C 266 29.98 45.55 1.80
N THR C 267 31.21 45.40 2.31
CA THR C 267 32.23 44.57 1.67
C THR C 267 33.36 44.18 2.64
N THR C 268 33.88 42.97 2.45
CA THR C 268 35.05 42.48 3.19
C THR C 268 36.35 42.71 2.42
N ARG C 269 36.25 43.24 1.19
CA ARG C 269 37.41 43.50 0.35
C ARG C 269 37.49 44.98 -0.06
N PRO C 270 37.73 45.89 0.92
CA PRO C 270 38.02 47.28 0.60
C PRO C 270 39.41 47.49 -0.02
N ASP C 271 40.29 46.48 0.08
CA ASP C 271 41.55 46.47 -0.68
C ASP C 271 41.34 46.49 -2.20
N THR C 272 40.22 45.92 -2.67
CA THR C 272 39.86 45.90 -4.10
C THR C 272 38.99 47.08 -4.54
N PHE C 273 38.89 48.12 -3.70
CA PHE C 273 37.95 49.23 -3.92
C PHE C 273 38.26 50.07 -5.17
N MET C 274 39.53 50.18 -5.52
CA MET C 274 39.95 50.95 -6.70
C MET C 274 39.61 50.25 -8.03
N GLY C 275 39.27 48.96 -7.98
CA GLY C 275 38.77 48.22 -9.15
C GLY C 275 37.26 48.18 -9.30
N CYS C 276 36.54 49.04 -8.58
CA CYS C 276 35.07 49.07 -8.64
C CYS C 276 34.59 49.75 -9.92
N THR C 277 33.97 48.96 -10.80
CA THR C 277 33.46 49.45 -12.10
C THR C 277 31.95 49.76 -12.09
N TYR C 278 31.20 49.13 -11.19
CA TYR C 278 29.76 49.43 -11.01
C TYR C 278 29.26 49.05 -9.62
N LEU C 279 28.02 49.44 -9.31
CA LEU C 279 27.36 49.10 -8.06
C LEU C 279 26.09 48.29 -8.33
N ALA C 280 26.03 47.06 -7.82
CA ALA C 280 24.84 46.21 -7.94
C ALA C 280 23.92 46.44 -6.74
N VAL C 281 22.64 46.72 -7.02
CA VAL C 281 21.63 46.99 -6.00
C VAL C 281 20.55 45.91 -6.04
N ALA C 282 19.85 45.71 -4.93
CA ALA C 282 18.78 44.71 -4.84
C ALA C 282 17.54 45.08 -5.65
N ALA C 283 16.65 44.11 -5.83
CA ALA C 283 15.44 44.28 -6.64
C ALA C 283 14.43 45.26 -6.02
N GLY C 284 14.20 45.12 -4.71
CA GLY C 284 13.26 45.98 -3.98
C GLY C 284 13.86 47.16 -3.23
N HIS C 285 15.05 47.60 -3.66
CA HIS C 285 15.74 48.73 -3.03
C HIS C 285 15.08 50.04 -3.46
N PRO C 286 15.01 51.06 -2.55
CA PRO C 286 14.42 52.37 -2.86
C PRO C 286 14.83 52.99 -4.21
N LEU C 287 16.12 52.94 -4.53
CA LEU C 287 16.64 53.42 -5.82
C LEU C 287 16.08 52.64 -7.01
N ALA C 288 15.97 51.32 -6.87
CA ALA C 288 15.36 50.46 -7.89
C ALA C 288 13.87 50.74 -8.05
N GLN C 289 13.18 50.99 -6.94
CA GLN C 289 11.77 51.38 -6.96
C GLN C 289 11.56 52.78 -7.56
N LYS C 290 12.44 53.71 -7.23
CA LYS C 290 12.38 55.08 -7.76
C LYS C 290 12.67 55.13 -9.26
N ALA C 291 13.63 54.32 -9.72
CA ALA C 291 13.94 54.20 -11.14
C ALA C 291 12.85 53.52 -11.97
N ALA C 292 12.02 52.70 -11.33
CA ALA C 292 10.91 51.99 -12.00
C ALA C 292 9.78 52.90 -12.52
N GLU C 293 9.68 54.12 -12.00
CA GLU C 293 8.71 55.12 -12.50
C GLU C 293 8.84 55.37 -14.01
N ASN C 294 10.08 55.55 -14.46
CA ASN C 294 10.38 55.84 -15.87
C ASN C 294 11.18 54.71 -16.52
N ASN C 295 10.75 53.47 -16.29
CA ASN C 295 11.41 52.28 -16.84
C ASN C 295 10.49 51.05 -16.78
N PRO C 296 9.93 50.63 -17.95
CA PRO C 296 9.09 49.43 -17.97
C PRO C 296 9.87 48.12 -17.88
N GLU C 297 11.11 48.10 -18.41
CA GLU C 297 11.98 46.92 -18.35
C GLU C 297 12.41 46.59 -16.91
N LEU C 298 12.63 47.62 -16.10
CA LEU C 298 13.07 47.46 -14.71
C LEU C 298 11.95 46.92 -13.81
N ALA C 299 10.73 47.41 -14.00
CA ALA C 299 9.55 46.91 -13.29
C ALA C 299 9.24 45.45 -13.65
N ALA C 300 9.44 45.10 -14.93
CA ALA C 300 9.30 43.72 -15.40
C ALA C 300 10.36 42.79 -14.81
N PHE C 301 11.58 43.31 -14.62
CA PHE C 301 12.67 42.57 -13.97
C PHE C 301 12.39 42.29 -12.48
N ILE C 302 11.72 43.22 -11.80
CA ILE C 302 11.34 43.04 -10.39
C ILE C 302 10.23 41.97 -10.27
N ASP C 303 9.32 41.93 -11.24
CA ASP C 303 8.32 40.85 -11.34
C ASP C 303 8.97 39.50 -11.66
N GLU C 304 10.02 39.51 -12.49
CA GLU C 304 10.84 38.31 -12.74
C GLU C 304 11.53 37.78 -11.48
N CYS C 305 11.96 38.69 -10.60
CA CYS C 305 12.59 38.31 -9.31
C CYS C 305 11.63 37.67 -8.31
N ARG C 306 10.32 37.85 -8.49
CA ARG C 306 9.32 37.09 -7.71
C ARG C 306 9.14 35.63 -8.18
N ASN C 307 9.67 35.30 -9.37
CA ASN C 307 9.68 33.94 -9.89
C ASN C 307 10.92 33.12 -9.44
N THR C 308 11.88 33.77 -8.78
CA THR C 308 13.09 33.09 -8.29
C THR C 308 12.78 32.17 -7.10
N LYS C 309 13.72 31.27 -6.78
CA LYS C 309 13.54 30.26 -5.74
C LYS C 309 14.17 30.67 -4.41
N VAL C 310 13.60 30.16 -3.32
CA VAL C 310 13.91 30.62 -1.96
C VAL C 310 15.19 30.00 -1.39
N ALA C 311 15.39 28.69 -1.62
CA ALA C 311 16.54 27.96 -1.07
C ALA C 311 17.87 28.46 -1.63
N GLU C 312 18.90 28.47 -0.78
CA GLU C 312 20.21 29.06 -1.13
C GLU C 312 20.99 28.24 -2.16
N ALA C 313 20.71 26.95 -2.26
CA ALA C 313 21.33 26.07 -3.28
C ALA C 313 20.88 26.45 -4.69
N GLU C 314 19.57 26.63 -4.86
CA GLU C 314 19.00 27.10 -6.14
C GLU C 314 19.33 28.57 -6.41
N MET C 315 19.32 29.39 -5.35
CA MET C 315 19.56 30.83 -5.45
C MET C 315 20.99 31.19 -5.85
N ALA C 316 21.97 30.38 -5.42
CA ALA C 316 23.38 30.58 -5.77
C ALA C 316 23.68 30.14 -7.20
N THR C 317 23.20 28.95 -7.57
CA THR C 317 23.49 28.32 -8.86
C THR C 317 22.77 28.93 -10.07
N MET C 318 21.66 29.63 -9.85
CA MET C 318 20.80 30.13 -10.95
C MET C 318 21.47 31.18 -11.85
N GLU C 319 20.80 31.49 -12.95
CA GLU C 319 21.22 32.52 -13.90
C GLU C 319 21.25 33.91 -13.25
N LYS C 320 22.23 34.72 -13.64
CA LYS C 320 22.42 36.06 -13.11
C LYS C 320 21.85 37.10 -14.08
N LYS C 321 20.68 37.62 -13.74
CA LYS C 321 19.97 38.60 -14.57
C LYS C 321 20.03 39.99 -13.95
N GLY C 322 19.90 41.02 -14.79
CA GLY C 322 19.95 42.41 -14.33
C GLY C 322 19.67 43.44 -15.41
N VAL C 323 19.27 44.64 -14.97
CA VAL C 323 18.97 45.76 -15.87
C VAL C 323 19.60 47.04 -15.30
N ASP C 324 20.08 47.91 -16.20
CA ASP C 324 20.66 49.20 -15.81
C ASP C 324 19.55 50.14 -15.34
N THR C 325 19.73 50.74 -14.17
CA THR C 325 18.74 51.65 -13.58
C THR C 325 18.73 53.01 -14.28
N GLY C 326 19.92 53.53 -14.57
CA GLY C 326 20.08 54.84 -15.21
C GLY C 326 20.90 55.79 -14.35
N PHE C 327 20.66 55.77 -13.05
CA PHE C 327 21.38 56.63 -12.10
C PHE C 327 22.83 56.17 -11.96
N LYS C 328 23.71 57.12 -11.68
CA LYS C 328 25.16 56.87 -11.62
C LYS C 328 25.76 57.40 -10.33
N ALA C 329 26.34 56.50 -9.53
CA ALA C 329 26.99 56.86 -8.26
C ALA C 329 28.41 57.31 -8.51
N VAL C 330 28.85 58.31 -7.74
CA VAL C 330 30.20 58.88 -7.86
C VAL C 330 31.17 58.12 -6.96
N HIS C 331 32.31 57.73 -7.52
CA HIS C 331 33.36 57.01 -6.77
C HIS C 331 34.10 58.03 -5.89
N PRO C 332 34.17 57.79 -4.57
CA PRO C 332 34.69 58.81 -3.64
C PRO C 332 36.19 59.12 -3.77
N LEU C 333 37.01 58.11 -4.03
CA LEU C 333 38.46 58.30 -4.17
C LEU C 333 38.85 58.71 -5.59
N THR C 334 38.29 58.04 -6.60
CA THR C 334 38.60 58.30 -8.01
C THR C 334 37.97 59.60 -8.50
N GLY C 335 36.66 59.74 -8.24
CA GLY C 335 35.87 60.89 -8.71
C GLY C 335 34.98 60.58 -9.90
N GLU C 336 35.35 59.56 -10.68
CA GLU C 336 34.57 59.14 -11.85
C GLU C 336 33.23 58.54 -11.47
N GLU C 337 32.20 58.84 -12.26
CA GLU C 337 30.87 58.25 -12.08
C GLU C 337 30.85 56.81 -12.60
N ILE C 338 30.01 55.98 -12.00
CA ILE C 338 29.85 54.57 -12.38
C ILE C 338 28.36 54.17 -12.35
N PRO C 339 27.94 53.28 -13.27
CA PRO C 339 26.52 52.93 -13.37
C PRO C 339 26.03 52.06 -12.22
N VAL C 340 24.73 52.15 -11.93
CA VAL C 340 24.07 51.33 -10.92
C VAL C 340 23.13 50.35 -11.61
N TRP C 341 23.25 49.07 -11.27
CA TRP C 341 22.46 48.00 -11.88
C TRP C 341 21.63 47.26 -10.84
N ALA C 342 20.42 46.88 -11.22
CA ALA C 342 19.60 45.97 -10.42
C ALA C 342 20.07 44.54 -10.71
N ALA C 343 20.10 43.70 -9.67
CA ALA C 343 20.57 42.32 -9.80
C ALA C 343 19.81 41.38 -8.88
N ASN C 344 19.50 40.20 -9.37
CA ASN C 344 18.74 39.20 -8.60
C ASN C 344 19.58 38.51 -7.51
N PHE C 345 20.88 38.34 -7.76
CA PHE C 345 21.80 37.72 -6.78
C PHE C 345 22.03 38.59 -5.53
N VAL C 346 21.91 39.91 -5.68
CA VAL C 346 21.94 40.84 -4.55
C VAL C 346 20.54 40.92 -3.95
N LEU C 347 20.39 40.47 -2.70
CA LEU C 347 19.12 40.58 -1.97
C LEU C 347 19.22 41.61 -0.85
N MET C 348 18.06 42.11 -0.42
CA MET C 348 17.97 43.11 0.63
C MET C 348 17.67 42.44 1.97
N GLU C 349 18.64 41.63 2.42
CA GLU C 349 18.59 40.95 3.71
C GLU C 349 19.99 40.97 4.35
N TYR C 350 20.96 40.38 3.66
CA TYR C 350 22.37 40.46 4.07
C TYR C 350 22.92 41.84 3.72
N GLY C 351 23.57 42.48 4.69
CA GLY C 351 24.17 43.81 4.49
C GLY C 351 23.16 44.91 4.36
N THR C 352 23.42 45.86 3.45
CA THR C 352 22.57 47.03 3.23
C THR C 352 21.67 46.93 1.98
N GLY C 353 21.60 45.75 1.38
CA GLY C 353 20.86 45.55 0.13
C GLY C 353 21.51 46.20 -1.08
N ALA C 354 22.84 46.27 -1.07
CA ALA C 354 23.61 46.86 -2.17
C ALA C 354 25.08 46.48 -2.01
N VAL C 355 25.77 46.31 -3.13
CA VAL C 355 27.20 45.96 -3.14
C VAL C 355 27.99 46.81 -4.12
N MET C 356 29.26 47.05 -3.80
CA MET C 356 30.22 47.57 -4.77
C MET C 356 30.85 46.37 -5.48
N ALA C 357 30.65 46.32 -6.80
CA ALA C 357 31.08 45.18 -7.62
C ALA C 357 32.47 45.41 -8.17
N VAL C 358 33.33 44.40 -8.02
CA VAL C 358 34.70 44.43 -8.54
C VAL C 358 34.90 43.15 -9.38
N PRO C 359 34.53 43.20 -10.68
CA PRO C 359 34.61 42.02 -11.57
C PRO C 359 35.98 41.36 -11.65
N GLY C 360 37.05 42.14 -11.50
CA GLY C 360 38.41 41.61 -11.49
C GLY C 360 38.73 40.59 -10.41
N HIS C 361 38.02 40.66 -9.28
CA HIS C 361 38.29 39.79 -8.12
C HIS C 361 37.03 39.32 -7.39
N ASP C 362 36.02 38.93 -8.16
CA ASP C 362 34.82 38.26 -7.65
C ASP C 362 34.15 37.56 -8.81
N GLN C 363 33.91 36.25 -8.66
CA GLN C 363 33.42 35.43 -9.76
C GLN C 363 31.97 35.74 -10.16
N ARG C 364 31.14 36.11 -9.19
CA ARG C 364 29.76 36.54 -9.46
C ARG C 364 29.70 37.87 -10.19
N ASP C 365 30.56 38.82 -9.81
CA ASP C 365 30.67 40.11 -10.50
C ASP C 365 31.29 39.96 -11.90
N TYR C 366 32.23 39.03 -12.05
CA TYR C 366 32.86 38.74 -13.34
C TYR C 366 31.84 38.20 -14.35
N GLU C 367 31.11 37.17 -13.96
CA GLU C 367 30.07 36.55 -14.80
C GLU C 367 28.94 37.52 -15.15
N PHE C 368 28.60 38.41 -14.21
CA PHE C 368 27.61 39.48 -14.44
C PHE C 368 28.15 40.52 -15.43
N ALA C 369 29.38 40.96 -15.21
CA ALA C 369 30.04 41.95 -16.08
C ALA C 369 30.40 41.41 -17.47
N SER C 370 30.61 40.09 -17.57
CA SER C 370 30.88 39.44 -18.85
C SER C 370 29.66 39.46 -19.78
N LYS C 371 28.51 39.04 -19.24
CA LYS C 371 27.28 38.94 -20.04
C LYS C 371 26.69 40.29 -20.42
N TYR C 372 26.67 41.24 -19.48
CA TYR C 372 26.07 42.56 -19.71
C TYR C 372 27.06 43.66 -20.16
N GLY C 373 28.28 43.27 -20.52
CA GLY C 373 29.23 44.16 -21.20
C GLY C 373 29.78 45.30 -20.36
N LEU C 374 30.07 45.01 -19.09
CA LEU C 374 30.60 46.01 -18.15
C LEU C 374 32.11 45.89 -18.05
N ASN C 375 32.73 46.91 -17.45
CA ASN C 375 34.20 46.99 -17.36
C ASN C 375 34.74 45.96 -16.36
N ILE C 376 35.88 45.34 -16.71
CA ILE C 376 36.58 44.42 -15.82
C ILE C 376 37.99 44.99 -15.60
N LYS C 377 38.16 45.69 -14.48
CA LYS C 377 39.41 46.39 -14.16
C LYS C 377 40.19 45.62 -13.09
N PRO C 378 41.46 45.23 -13.37
CA PRO C 378 42.30 44.54 -12.40
C PRO C 378 43.07 45.49 -11.48
N VAL C 379 43.08 45.21 -10.18
CA VAL C 379 43.86 45.98 -9.19
C VAL C 379 44.58 45.14 -8.12
N ILE C 380 44.76 43.83 -8.35
CA ILE C 380 45.47 42.95 -7.41
C ILE C 380 46.47 42.10 -8.19
N LEU C 381 47.74 42.15 -7.78
CA LEU C 381 48.79 41.33 -8.42
C LEU C 381 48.67 39.87 -8.01
N ALA C 382 49.22 38.99 -8.84
CA ALA C 382 49.26 37.55 -8.57
C ALA C 382 50.32 37.23 -7.51
N ALA C 383 50.31 35.97 -7.04
CA ALA C 383 51.22 35.52 -5.98
C ALA C 383 52.70 35.66 -6.35
N ASP C 384 53.03 35.32 -7.60
CA ASP C 384 54.40 35.44 -8.12
C ASP C 384 54.86 36.90 -8.30
N GLY C 385 53.94 37.79 -8.68
CA GLY C 385 54.23 39.21 -8.85
C GLY C 385 53.61 39.86 -10.08
N SER C 386 53.41 39.07 -11.14
CA SER C 386 52.90 39.58 -12.42
C SER C 386 51.42 39.96 -12.37
N GLU C 387 51.01 40.79 -13.33
CA GLU C 387 49.60 41.20 -13.47
C GLU C 387 48.77 39.98 -13.93
N PRO C 388 47.58 39.77 -13.34
CA PRO C 388 46.78 38.60 -13.67
C PRO C 388 46.01 38.75 -14.98
N ASP C 389 45.89 37.65 -15.73
CA ASP C 389 45.06 37.61 -16.94
C ASP C 389 43.62 37.31 -16.54
N LEU C 390 42.68 38.11 -17.05
CA LEU C 390 41.26 37.95 -16.74
C LEU C 390 40.46 37.63 -18.01
N SER C 391 40.98 36.69 -18.79
CA SER C 391 40.32 36.24 -20.03
C SER C 391 39.13 35.33 -19.72
N GLN C 392 39.35 34.37 -18.82
CA GLN C 392 38.32 33.38 -18.45
C GLN C 392 37.63 33.67 -17.11
N GLN C 393 38.38 34.13 -16.11
CA GLN C 393 37.87 34.24 -14.74
C GLN C 393 38.56 35.34 -13.92
N ALA C 394 37.99 35.62 -12.75
CA ALA C 394 38.53 36.59 -11.81
C ALA C 394 39.61 35.97 -10.93
N LEU C 395 40.48 36.82 -10.38
CA LEU C 395 41.52 36.40 -9.44
C LEU C 395 40.98 36.51 -8.00
N THR C 396 40.65 35.35 -7.42
CA THR C 396 40.05 35.29 -6.08
C THR C 396 41.06 35.60 -4.95
N GLU C 397 42.32 35.24 -5.15
CA GLU C 397 43.35 35.37 -4.10
C GLU C 397 43.64 36.83 -3.73
N LYS C 398 43.99 37.04 -2.47
CA LYS C 398 44.42 38.34 -1.96
C LYS C 398 45.88 38.56 -2.30
N GLY C 399 46.31 39.82 -2.34
CA GLY C 399 47.69 40.14 -2.67
C GLY C 399 48.03 41.62 -2.69
N VAL C 400 49.09 41.94 -3.43
CA VAL C 400 49.61 43.32 -3.51
C VAL C 400 48.79 44.12 -4.52
N LEU C 401 48.55 45.40 -4.21
CA LEU C 401 47.76 46.28 -5.07
C LEU C 401 48.57 46.87 -6.23
N PHE C 402 47.87 47.13 -7.34
CA PHE C 402 48.38 47.99 -8.42
C PHE C 402 47.19 48.68 -9.11
N ASN C 403 47.48 49.70 -9.92
CA ASN C 403 46.45 50.58 -10.50
C ASN C 403 45.51 51.17 -9.43
N SER C 404 46.05 51.44 -8.25
CA SER C 404 45.28 51.89 -7.08
C SER C 404 45.79 53.22 -6.50
N GLY C 405 46.60 53.95 -7.26
CA GLY C 405 47.09 55.27 -6.86
C GLY C 405 47.95 55.26 -5.61
N GLU C 406 47.49 55.97 -4.57
CA GLU C 406 48.22 56.10 -3.30
C GLU C 406 48.46 54.78 -2.53
N PHE C 407 47.67 53.75 -2.82
CA PHE C 407 47.79 52.46 -2.14
C PHE C 407 48.60 51.41 -2.93
N ASN C 408 49.25 51.82 -4.02
CA ASN C 408 50.05 50.89 -4.85
C ASN C 408 51.19 50.26 -4.05
N GLY C 409 51.33 48.94 -4.18
CA GLY C 409 52.42 48.20 -3.52
C GLY C 409 52.12 47.65 -2.13
N LEU C 410 51.03 48.09 -1.51
CA LEU C 410 50.66 47.62 -0.17
C LEU C 410 50.08 46.21 -0.23
N ASP C 411 50.42 45.38 0.75
CA ASP C 411 49.84 44.03 0.89
C ASP C 411 48.37 44.12 1.34
N HIS C 412 47.72 42.96 1.48
CA HIS C 412 46.29 42.90 1.84
C HIS C 412 45.95 43.60 3.15
N GLU C 413 46.70 43.31 4.21
CA GLU C 413 46.45 43.90 5.53
C GLU C 413 46.64 45.42 5.55
N ALA C 414 47.73 45.88 4.95
CA ALA C 414 48.02 47.32 4.84
C ALA C 414 46.99 48.05 3.97
N ALA C 415 46.62 47.45 2.85
CA ALA C 415 45.61 48.01 1.93
C ALA C 415 44.23 48.10 2.56
N PHE C 416 43.85 47.06 3.31
CA PHE C 416 42.57 47.03 4.04
C PHE C 416 42.45 48.22 4.99
N ASN C 417 43.51 48.48 5.75
CA ASN C 417 43.52 49.54 6.76
C ASN C 417 43.62 50.92 6.12
N ALA C 418 44.58 51.09 5.21
CA ALA C 418 44.84 52.37 4.55
C ALA C 418 43.60 52.95 3.84
N ILE C 419 42.88 52.08 3.13
CA ILE C 419 41.65 52.47 2.43
C ILE C 419 40.49 52.71 3.41
N ALA C 420 40.40 51.87 4.44
CA ALA C 420 39.36 52.05 5.48
C ALA C 420 39.54 53.35 6.27
N ASP C 421 40.78 53.67 6.62
CA ASP C 421 41.11 54.91 7.34
C ASP C 421 40.91 56.17 6.48
N LYS C 422 41.17 56.05 5.18
CA LYS C 422 40.94 57.14 4.21
C LYS C 422 39.46 57.48 4.13
N LEU C 423 38.62 56.47 3.99
CA LEU C 423 37.15 56.64 3.91
C LEU C 423 36.55 57.11 5.25
N THR C 424 37.13 56.67 6.36
CA THR C 424 36.72 57.12 7.69
C THR C 424 37.13 58.58 7.94
N ALA C 425 38.31 58.95 7.46
CA ALA C 425 38.78 60.35 7.52
C ALA C 425 37.90 61.27 6.67
N MET C 426 37.57 60.83 5.45
CA MET C 426 36.65 61.57 4.56
C MET C 426 35.21 61.57 5.05
N GLY C 427 34.84 60.58 5.85
CA GLY C 427 33.50 60.50 6.44
C GLY C 427 32.47 59.95 5.47
N VAL C 428 32.86 58.92 4.72
CA VAL C 428 31.98 58.25 3.76
C VAL C 428 32.15 56.72 3.88
N GLY C 429 32.31 56.24 5.11
CA GLY C 429 32.48 54.81 5.37
C GLY C 429 33.13 54.51 6.70
N GLU C 430 32.69 53.43 7.35
CA GLU C 430 33.25 52.97 8.62
C GLU C 430 33.34 51.44 8.66
N ARG C 431 34.13 50.94 9.60
CA ARG C 431 34.32 49.51 9.78
C ARG C 431 33.11 48.92 10.51
N LYS C 432 32.69 47.73 10.11
CA LYS C 432 31.52 47.08 10.72
C LYS C 432 31.67 45.56 10.81
N VAL C 433 30.99 44.99 11.80
CA VAL C 433 30.87 43.55 11.98
C VAL C 433 29.55 43.12 11.35
N ASN C 434 29.57 41.98 10.65
CA ASN C 434 28.39 41.47 9.95
C ASN C 434 28.32 39.95 10.10
N TYR C 435 27.09 39.43 10.11
CA TYR C 435 26.83 38.00 10.31
C TYR C 435 26.04 37.40 9.16
N ARG C 436 26.45 36.21 8.73
CA ARG C 436 25.73 35.44 7.71
C ARG C 436 24.40 34.93 8.29
N LEU C 437 24.39 34.61 9.59
CA LEU C 437 23.19 34.20 10.32
C LEU C 437 22.09 35.26 10.28
N ARG C 438 20.95 34.90 9.69
CA ARG C 438 19.72 35.71 9.76
C ARG C 438 18.92 35.28 10.98
N ASP C 439 17.85 36.03 11.28
CA ASP C 439 17.00 35.73 12.44
C ASP C 439 16.11 34.51 12.20
N TRP C 440 15.66 33.91 13.31
CA TRP C 440 14.91 32.65 13.30
C TRP C 440 13.41 32.89 13.09
N GLY C 441 12.94 32.61 11.87
CA GLY C 441 11.52 32.73 11.53
C GLY C 441 10.70 31.58 12.09
N VAL C 442 9.79 31.90 12.99
CA VAL C 442 9.01 30.89 13.73
C VAL C 442 7.59 30.64 13.18
N SER C 443 7.08 31.55 12.37
CA SER C 443 5.70 31.48 11.88
C SER C 443 5.52 30.42 10.80
N ARG C 444 4.58 29.51 11.03
CA ARG C 444 4.15 28.53 10.04
C ARG C 444 2.64 28.65 9.88
N GLN C 445 2.17 28.57 8.64
CA GLN C 445 0.74 28.70 8.33
C GLN C 445 0.19 27.29 8.13
N ARG C 446 0.07 26.59 9.26
CA ARG C 446 -0.21 25.17 9.31
C ARG C 446 -1.03 24.85 10.56
N TYR C 447 -1.78 23.75 10.52
CA TYR C 447 -2.63 23.34 11.66
C TYR C 447 -1.84 22.71 12.79
N TRP C 448 -1.19 21.58 12.49
CA TRP C 448 -0.60 20.72 13.53
C TRP C 448 0.69 21.32 14.10
N GLY C 449 0.51 22.28 14.99
CA GLY C 449 1.61 23.03 15.61
C GLY C 449 1.09 23.85 16.78
N ALA C 450 1.99 24.22 17.69
CA ALA C 450 1.62 25.08 18.82
C ALA C 450 1.33 26.49 18.30
N PRO C 451 0.11 27.03 18.56
CA PRO C 451 -0.27 28.32 17.98
C PRO C 451 0.43 29.51 18.65
N ILE C 452 0.69 30.55 17.87
CA ILE C 452 1.45 31.71 18.33
C ILE C 452 0.56 32.58 19.23
N PRO C 453 1.01 32.87 20.46
CA PRO C 453 0.20 33.69 21.37
C PRO C 453 0.33 35.19 21.06
N MET C 454 -0.41 35.62 20.04
CA MET C 454 -0.50 37.03 19.65
C MET C 454 -1.93 37.36 19.27
N VAL C 455 -2.33 38.60 19.52
CA VAL C 455 -3.72 39.05 19.32
C VAL C 455 -3.74 40.44 18.66
N THR C 456 -4.45 40.54 17.55
CA THR C 456 -4.69 41.81 16.87
C THR C 456 -6.09 42.31 17.26
N LEU C 457 -6.15 43.53 17.81
CA LEU C 457 -7.41 44.11 18.29
C LEU C 457 -8.22 44.73 17.16
N GLU C 458 -9.42 45.20 17.48
CA GLU C 458 -10.25 45.98 16.54
C GLU C 458 -9.65 47.36 16.24
N ASP C 459 -8.86 47.88 17.17
CA ASP C 459 -8.08 49.11 16.96
C ASP C 459 -7.20 49.05 15.70
N GLY C 460 -6.51 47.92 15.54
CA GLY C 460 -5.44 47.76 14.55
C GLY C 460 -4.12 47.42 15.20
N THR C 461 -4.00 47.68 16.50
CA THR C 461 -2.81 47.36 17.28
C THR C 461 -2.63 45.86 17.46
N VAL C 462 -1.38 45.44 17.67
CA VAL C 462 -1.01 44.04 17.91
C VAL C 462 -0.33 43.94 19.28
N MET C 463 -0.59 42.84 19.97
CA MET C 463 -0.02 42.60 21.29
C MET C 463 -0.09 41.11 21.66
N PRO C 464 0.73 40.66 22.64
CA PRO C 464 0.66 39.26 23.07
C PRO C 464 -0.64 38.90 23.78
N THR C 465 -0.97 37.61 23.78
CA THR C 465 -2.19 37.11 24.44
C THR C 465 -2.06 37.29 25.96
N PRO C 466 -3.11 37.82 26.63
CA PRO C 466 -3.10 37.98 28.09
C PRO C 466 -2.81 36.68 28.86
N ASP C 467 -2.17 36.82 30.03
CA ASP C 467 -1.76 35.67 30.85
C ASP C 467 -2.93 34.79 31.31
N ASP C 468 -4.06 35.42 31.62
CA ASP C 468 -5.29 34.70 31.98
C ASP C 468 -5.85 33.83 30.84
N GLN C 469 -5.67 34.28 29.59
CA GLN C 469 -6.13 33.52 28.40
C GLN C 469 -5.19 32.39 27.97
N LEU C 470 -3.94 32.40 28.42
CA LEU C 470 -2.99 31.33 28.09
C LEU C 470 -3.31 30.05 28.88
N PRO C 471 -3.13 28.86 28.29
CA PRO C 471 -2.60 28.68 26.93
C PRO C 471 -3.65 28.78 25.83
N VAL C 472 -3.21 29.16 24.63
CA VAL C 472 -4.05 29.12 23.45
C VAL C 472 -4.07 27.68 22.97
N ILE C 473 -5.15 26.96 23.29
CA ILE C 473 -5.25 25.53 23.04
C ILE C 473 -5.57 25.24 21.57
N LEU C 474 -4.83 24.33 20.96
CA LEU C 474 -5.12 23.84 19.61
C LEU C 474 -6.21 22.77 19.72
N PRO C 475 -7.32 22.89 18.95
CA PRO C 475 -8.38 21.89 19.02
C PRO C 475 -8.01 20.62 18.27
N GLU C 476 -8.00 19.48 18.96
CA GLU C 476 -7.58 18.20 18.38
C GLU C 476 -8.59 17.64 17.39
N ASP C 477 -9.85 17.57 17.82
CA ASP C 477 -10.94 17.01 17.00
C ASP C 477 -11.40 18.03 15.95
N VAL C 478 -10.95 17.85 14.71
CA VAL C 478 -11.31 18.71 13.58
C VAL C 478 -11.32 17.93 12.25
N VAL C 479 -12.10 18.44 11.29
CA VAL C 479 -12.19 17.86 9.95
C VAL C 479 -11.13 18.52 9.06
N MET C 480 -10.12 17.75 8.66
CA MET C 480 -9.03 18.25 7.81
C MET C 480 -9.41 18.21 6.34
N ASP C 481 -9.72 19.38 5.79
CA ASP C 481 -9.77 19.55 4.33
C ASP C 481 -8.33 19.68 3.82
N GLY C 482 -8.11 19.29 2.57
CA GLY C 482 -6.79 19.30 1.96
C GLY C 482 -6.18 20.68 1.70
N ILE C 483 -7.04 21.68 1.49
CA ILE C 483 -6.61 23.00 1.04
C ILE C 483 -5.93 23.80 2.15
N THR C 484 -6.69 24.18 3.18
CA THR C 484 -6.21 25.07 4.26
C THR C 484 -6.49 24.49 5.64
N SER C 485 -5.92 25.14 6.66
CA SER C 485 -6.08 24.73 8.05
C SER C 485 -7.53 24.83 8.55
N PRO C 486 -7.94 23.97 9.51
CA PRO C 486 -9.28 24.11 10.11
C PRO C 486 -9.45 25.40 10.92
N ILE C 487 -8.46 25.75 11.73
CA ILE C 487 -8.48 26.99 12.53
C ILE C 487 -8.46 28.28 11.69
N LYS C 488 -7.89 28.20 10.49
CA LYS C 488 -7.93 29.31 9.53
C LYS C 488 -9.27 29.40 8.79
N ALA C 489 -9.82 28.25 8.40
CA ALA C 489 -11.09 28.18 7.67
C ALA C 489 -12.30 28.58 8.52
N ASP C 490 -12.38 28.03 9.72
CA ASP C 490 -13.46 28.36 10.67
C ASP C 490 -13.21 29.74 11.29
N PRO C 491 -14.10 30.73 11.02
CA PRO C 491 -13.88 32.08 11.54
C PRO C 491 -14.19 32.25 13.04
N GLU C 492 -14.90 31.29 13.64
CA GLU C 492 -15.28 31.37 15.05
C GLU C 492 -14.11 31.18 16.03
N TRP C 493 -13.07 30.45 15.63
CA TRP C 493 -11.94 30.14 16.51
C TRP C 493 -11.10 31.36 16.88
N ALA C 494 -10.80 32.19 15.88
CA ALA C 494 -9.95 33.37 16.08
C ALA C 494 -10.57 34.45 16.98
N LYS C 495 -11.90 34.53 17.02
CA LYS C 495 -12.59 35.58 17.78
C LYS C 495 -12.42 35.42 19.29
N THR C 496 -12.13 36.54 19.97
CA THR C 496 -11.92 36.56 21.42
C THR C 496 -12.07 38.00 21.96
N THR C 497 -11.81 38.19 23.24
CA THR C 497 -11.93 39.51 23.89
C THR C 497 -10.66 39.87 24.68
N VAL C 498 -10.10 41.05 24.38
CA VAL C 498 -8.91 41.58 25.06
C VAL C 498 -9.12 43.08 25.29
N ASN C 499 -8.89 43.52 26.53
CA ASN C 499 -9.12 44.91 26.95
C ASN C 499 -10.55 45.43 26.68
N GLY C 500 -11.53 44.54 26.83
CA GLY C 500 -12.94 44.88 26.66
C GLY C 500 -13.36 45.26 25.24
N MET C 501 -12.83 44.55 24.25
CA MET C 501 -13.24 44.74 22.85
C MET C 501 -12.92 43.49 22.01
N PRO C 502 -13.56 43.36 20.82
CA PRO C 502 -13.26 42.22 19.95
C PRO C 502 -11.81 42.18 19.46
N ALA C 503 -11.32 40.97 19.19
CA ALA C 503 -9.95 40.76 18.71
C ALA C 503 -9.78 39.39 18.03
N LEU C 504 -8.75 39.28 17.20
CA LEU C 504 -8.45 38.06 16.45
C LEU C 504 -7.09 37.50 16.86
N ARG C 505 -7.05 36.19 17.14
CA ARG C 505 -5.81 35.49 17.50
C ARG C 505 -5.02 35.10 16.25
N GLU C 506 -3.71 34.93 16.42
CA GLU C 506 -2.83 34.52 15.33
C GLU C 506 -3.06 33.05 14.99
N THR C 507 -3.54 32.80 13.77
CA THR C 507 -3.83 31.43 13.31
C THR C 507 -2.58 30.63 12.92
N ASP C 508 -1.45 31.32 12.69
CA ASP C 508 -0.18 30.65 12.44
C ASP C 508 0.33 29.89 13.67
N THR C 509 1.12 28.86 13.42
CA THR C 509 1.71 28.02 14.47
C THR C 509 3.23 28.16 14.50
N PHE C 510 3.82 27.69 15.60
CA PHE C 510 5.27 27.73 15.80
C PHE C 510 6.01 26.75 14.89
N ASP C 511 7.31 26.99 14.76
CA ASP C 511 8.23 26.05 14.14
C ASP C 511 8.35 24.81 15.04
N THR C 512 8.55 23.65 14.44
CA THR C 512 8.71 22.40 15.22
C THR C 512 9.99 22.38 16.07
N PHE C 513 10.99 23.15 15.65
CA PHE C 513 12.21 23.34 16.44
C PHE C 513 11.97 24.07 17.77
N MET C 514 10.90 24.86 17.85
CA MET C 514 10.50 25.56 19.08
C MET C 514 10.31 24.62 20.27
N GLU C 515 9.64 23.50 20.05
CA GLU C 515 9.36 22.52 21.11
C GLU C 515 10.63 21.76 21.51
N SER C 516 11.42 21.36 20.51
CA SER C 516 12.68 20.64 20.74
C SER C 516 13.87 21.53 21.18
N SER C 517 13.69 22.85 21.22
CA SER C 517 14.73 23.75 21.71
C SER C 517 14.92 23.75 23.24
N TRP C 518 13.92 23.29 23.99
CA TRP C 518 13.96 23.30 25.46
C TRP C 518 13.42 22.04 26.17
N TYR C 519 13.21 20.95 25.44
CA TYR C 519 12.70 19.69 26.01
C TYR C 519 13.66 19.05 27.03
N TYR C 520 14.96 19.21 26.78
CA TYR C 520 16.02 18.75 27.72
C TYR C 520 15.86 19.30 29.14
N ALA C 521 15.42 20.56 29.27
CA ALA C 521 15.21 21.19 30.56
C ALA C 521 13.92 20.70 31.23
N ARG C 522 12.87 20.50 30.44
CA ARG C 522 11.56 20.10 30.95
C ARG C 522 11.52 18.65 31.47
N TYR C 523 12.45 17.81 31.05
CA TYR C 523 12.62 16.45 31.62
C TYR C 523 12.98 16.46 33.11
N THR C 524 13.64 17.52 33.57
CA THR C 524 14.04 17.64 34.98
C THR C 524 12.83 17.84 35.92
N CYS C 525 11.75 18.41 35.40
CA CYS C 525 10.55 18.70 36.19
C CYS C 525 9.29 18.74 35.31
N PRO C 526 8.92 17.60 34.70
CA PRO C 526 7.87 17.57 33.69
C PRO C 526 6.43 17.72 34.21
N GLN C 527 6.22 17.45 35.50
CA GLN C 527 4.91 17.61 36.15
C GLN C 527 4.83 18.86 37.04
N TYR C 528 5.70 19.84 36.79
CA TYR C 528 5.73 21.10 37.55
C TYR C 528 4.66 22.05 37.00
N LYS C 529 3.59 22.24 37.77
CA LYS C 529 2.39 22.94 37.30
C LYS C 529 2.40 24.47 37.49
N GLU C 530 3.43 25.02 38.12
CA GLU C 530 3.47 26.45 38.48
C GLU C 530 4.76 27.14 37.98
N GLY C 531 5.14 26.83 36.75
CA GLY C 531 6.29 27.46 36.08
C GLY C 531 6.79 26.67 34.88
N MET C 532 7.69 27.28 34.13
CA MET C 532 8.33 26.62 32.98
C MET C 532 9.32 25.56 33.44
N LEU C 533 10.17 25.94 34.39
CA LEU C 533 11.16 25.03 34.99
C LEU C 533 11.24 25.22 36.50
N ASP C 534 11.50 24.12 37.21
CA ASP C 534 11.85 24.15 38.63
C ASP C 534 13.37 24.32 38.69
N SER C 535 13.82 25.46 39.23
CA SER C 535 15.25 25.82 39.24
C SER C 535 16.11 24.88 40.10
N GLU C 536 15.53 24.32 41.15
CA GLU C 536 16.20 23.29 41.96
C GLU C 536 16.47 22.02 41.14
N ALA C 537 15.42 21.53 40.49
CA ALA C 537 15.50 20.30 39.67
C ALA C 537 16.35 20.49 38.41
N ALA C 538 16.22 21.66 37.76
CA ALA C 538 16.97 21.95 36.55
C ALA C 538 18.47 22.06 36.80
N ASN C 539 18.85 22.87 37.79
CA ASN C 539 20.27 23.08 38.14
C ASN C 539 20.95 21.85 38.74
N TYR C 540 20.16 20.90 39.27
CA TYR C 540 20.68 19.61 39.71
C TYR C 540 21.16 18.78 38.51
N TRP C 541 20.29 18.57 37.54
CA TRP C 541 20.58 17.74 36.38
C TRP C 541 21.47 18.45 35.35
N LEU C 542 21.14 19.70 35.03
CA LEU C 542 21.87 20.46 34.01
C LEU C 542 23.22 20.95 34.55
N PRO C 543 24.25 21.10 33.70
CA PRO C 543 24.18 20.84 32.26
C PRO C 543 24.21 19.35 31.90
N VAL C 544 23.85 19.04 30.66
CA VAL C 544 23.77 17.66 30.17
C VAL C 544 25.18 17.10 30.00
N ASP C 545 25.43 15.92 30.55
CA ASP C 545 26.77 15.32 30.53
C ASP C 545 27.16 14.82 29.15
N ILE C 546 26.22 14.15 28.48
CA ILE C 546 26.42 13.69 27.10
C ILE C 546 25.09 13.69 26.34
N TYR C 547 25.15 14.13 25.08
CA TYR C 547 23.96 14.36 24.25
C TYR C 547 24.12 13.61 22.93
N ILE C 548 23.43 12.47 22.81
CA ILE C 548 23.60 11.56 21.67
C ILE C 548 22.54 11.89 20.61
N GLY C 549 23.00 12.19 19.40
CA GLY C 549 22.11 12.54 18.29
C GLY C 549 22.77 12.34 16.95
N GLY C 550 22.04 12.66 15.88
CA GLY C 550 22.55 12.55 14.52
C GLY C 550 23.42 13.73 14.13
N ILE C 551 24.36 13.48 13.21
CA ILE C 551 25.17 14.54 12.60
C ILE C 551 24.32 15.52 11.78
N GLU C 552 23.19 15.04 11.27
CA GLU C 552 22.19 15.89 10.58
C GLU C 552 21.79 17.18 11.32
N HIS C 553 21.69 17.11 12.65
CA HIS C 553 21.28 18.24 13.49
C HIS C 553 22.40 19.22 13.90
N ALA C 554 23.63 18.99 13.43
CA ALA C 554 24.80 19.81 13.79
C ALA C 554 24.57 21.32 13.70
N ILE C 555 23.93 21.75 12.61
CA ILE C 555 23.77 23.17 12.31
C ILE C 555 22.47 23.74 12.90
N MET C 556 21.33 23.22 12.49
CA MET C 556 20.03 23.87 12.79
C MET C 556 19.54 23.69 14.23
N HIS C 557 19.25 22.45 14.63
CA HIS C 557 18.70 22.17 15.97
C HIS C 557 19.68 22.53 17.08
N LEU C 558 20.91 22.06 16.95
CA LEU C 558 21.94 22.28 17.99
C LEU C 558 22.31 23.75 18.23
N LEU C 559 22.12 24.61 17.23
CA LEU C 559 22.32 26.05 17.39
C LEU C 559 21.15 26.72 18.11
N TYR C 560 19.92 26.29 17.83
CA TYR C 560 18.73 26.75 18.58
C TYR C 560 18.80 26.26 20.02
N PHE C 561 19.03 24.95 20.16
CA PHE C 561 19.30 24.27 21.44
C PHE C 561 20.26 25.05 22.36
N ARG C 562 21.34 25.58 21.77
CA ARG C 562 22.28 26.45 22.50
C ARG C 562 21.70 27.85 22.75
N PHE C 563 21.09 28.42 21.71
CA PHE C 563 20.44 29.74 21.80
C PHE C 563 19.35 29.79 22.87
N PHE C 564 18.53 28.74 22.94
CA PHE C 564 17.39 28.69 23.86
C PHE C 564 17.85 28.49 25.32
N HIS C 565 18.95 27.78 25.51
CA HIS C 565 19.58 27.66 26.83
C HIS C 565 20.00 29.03 27.39
N LYS C 566 20.63 29.84 26.53
CA LYS C 566 21.14 31.15 26.92
C LYS C 566 20.03 32.15 27.23
N LEU C 567 18.89 32.06 26.54
CA LEU C 567 17.71 32.86 26.88
C LEU C 567 17.18 32.48 28.27
N MET C 568 17.05 31.18 28.52
CA MET C 568 16.61 30.68 29.83
C MET C 568 17.59 31.01 30.96
N ARG C 569 18.88 31.04 30.64
CA ARG C 569 19.92 31.46 31.60
C ARG C 569 19.79 32.93 31.97
N ASP C 570 19.55 33.78 30.97
CA ASP C 570 19.40 35.23 31.18
C ASP C 570 18.18 35.59 32.03
N ALA C 571 17.10 34.82 31.90
CA ALA C 571 15.91 34.97 32.75
C ALA C 571 16.15 34.53 34.20
N GLY C 572 17.12 33.62 34.40
CA GLY C 572 17.48 33.13 35.73
C GLY C 572 16.90 31.77 36.08
N MET C 573 16.51 31.00 35.07
CA MET C 573 15.97 29.65 35.28
C MET C 573 17.08 28.62 35.37
N VAL C 574 18.07 28.72 34.47
CA VAL C 574 19.23 27.81 34.45
C VAL C 574 20.52 28.54 34.82
N ASN C 575 21.53 27.76 35.23
CA ASN C 575 22.75 28.28 35.84
C ASN C 575 23.92 28.39 34.85
N SER C 576 24.14 27.34 34.07
CA SER C 576 25.32 27.23 33.20
C SER C 576 25.21 28.05 31.90
N ASP C 577 26.37 28.26 31.27
CA ASP C 577 26.46 29.00 30.00
C ASP C 577 26.00 28.16 28.81
N GLU C 578 26.44 26.90 28.76
CA GLU C 578 26.08 25.98 27.69
C GLU C 578 25.22 24.82 28.22
N PRO C 579 24.31 24.29 27.39
CA PRO C 579 23.41 23.22 27.83
C PRO C 579 24.06 21.85 27.99
N ALA C 580 24.97 21.49 27.09
CA ALA C 580 25.59 20.15 27.07
C ALA C 580 27.11 20.23 27.13
N LYS C 581 27.72 19.38 27.96
CA LYS C 581 29.19 19.27 28.06
C LYS C 581 29.76 18.59 26.81
N GLN C 582 29.31 17.36 26.57
CA GLN C 582 29.79 16.54 25.47
C GLN C 582 28.67 16.28 24.46
N LEU C 583 29.06 16.18 23.19
CA LEU C 583 28.13 15.86 22.09
C LEU C 583 28.69 14.68 21.31
N LEU C 584 27.88 13.63 21.17
CA LEU C 584 28.25 12.46 20.38
C LEU C 584 27.36 12.39 19.15
N CYS C 585 27.77 13.10 18.10
CA CYS C 585 27.07 13.07 16.81
C CYS C 585 27.38 11.76 16.08
N GLN C 586 26.49 10.79 16.22
CA GLN C 586 26.63 9.50 15.53
C GLN C 586 26.43 9.64 14.02
N GLY C 587 27.01 8.71 13.28
CA GLY C 587 26.86 8.67 11.82
C GLY C 587 25.49 8.13 11.43
N MET C 588 25.03 8.52 10.24
CA MET C 588 23.71 8.13 9.74
C MET C 588 23.70 6.67 9.30
N VAL C 589 22.61 5.98 9.59
CA VAL C 589 22.37 4.62 9.11
C VAL C 589 21.71 4.75 7.73
N LEU C 590 22.46 4.43 6.69
CA LEU C 590 22.00 4.57 5.31
C LEU C 590 21.33 3.29 4.79
N ALA C 591 20.57 3.43 3.70
CA ALA C 591 19.94 2.30 3.03
C ALA C 591 19.54 2.69 1.60
N ASP C 592 19.23 1.69 0.79
CA ASP C 592 18.82 1.91 -0.60
C ASP C 592 17.42 2.55 -0.65
N ALA C 593 17.20 3.41 -1.64
CA ALA C 593 15.95 4.15 -1.78
C ALA C 593 15.37 3.94 -3.19
N PHE C 594 14.44 3.00 -3.31
CA PHE C 594 13.78 2.67 -4.57
C PHE C 594 12.40 3.31 -4.65
N TYR C 595 11.96 3.64 -5.87
CA TYR C 595 10.61 4.15 -6.12
C TYR C 595 10.14 3.82 -7.54
N TYR C 596 8.83 3.94 -7.77
CA TYR C 596 8.25 3.84 -9.11
C TYR C 596 7.08 4.82 -9.29
N VAL C 597 6.93 5.31 -10.51
CA VAL C 597 5.85 6.26 -10.84
C VAL C 597 4.55 5.47 -11.02
N GLY C 598 3.59 5.70 -10.13
CA GLY C 598 2.32 4.99 -10.13
C GLY C 598 1.33 5.51 -11.18
N GLU C 599 0.04 5.41 -10.85
CA GLU C 599 -1.02 5.85 -11.75
C GLU C 599 -1.07 7.38 -11.85
N ASN C 600 -1.14 8.05 -10.70
CA ASN C 600 -1.26 9.50 -10.65
C ASN C 600 0.00 10.28 -11.05
N GLY C 601 1.17 9.78 -10.65
CA GLY C 601 2.46 10.42 -10.96
C GLY C 601 3.44 10.45 -9.79
N GLU C 602 2.93 10.47 -8.56
CA GLU C 602 3.74 10.53 -7.34
C GLU C 602 4.60 9.29 -7.15
N ARG C 603 5.76 9.47 -6.52
CA ARG C 603 6.73 8.39 -6.32
C ARG C 603 6.27 7.46 -5.19
N ASN C 604 5.89 6.23 -5.55
CA ASN C 604 5.54 5.20 -4.58
C ASN C 604 6.84 4.53 -4.10
N TRP C 605 7.30 4.90 -2.91
CA TRP C 605 8.60 4.46 -2.40
C TRP C 605 8.56 3.01 -1.91
N VAL C 606 9.37 2.15 -2.52
CA VAL C 606 9.45 0.72 -2.19
C VAL C 606 10.57 0.47 -1.19
N SER C 607 10.35 -0.51 -0.31
CA SER C 607 11.32 -0.86 0.73
C SER C 607 12.46 -1.72 0.16
N PRO C 608 13.66 -1.68 0.79
CA PRO C 608 14.75 -2.60 0.41
C PRO C 608 14.46 -4.10 0.62
N VAL C 609 13.62 -4.44 1.59
CA VAL C 609 13.30 -5.84 1.91
C VAL C 609 12.41 -6.44 0.81
N ASP C 610 11.43 -5.66 0.35
CA ASP C 610 10.53 -6.10 -0.73
C ASP C 610 11.20 -6.08 -2.12
N ALA C 611 12.09 -5.11 -2.35
CA ALA C 611 12.71 -4.91 -3.66
C ALA C 611 13.75 -5.98 -4.01
N ILE C 612 13.53 -6.69 -5.12
CA ILE C 612 14.49 -7.65 -5.68
C ILE C 612 15.46 -6.89 -6.59
N VAL C 613 16.75 -7.24 -6.54
CA VAL C 613 17.81 -6.48 -7.22
C VAL C 613 18.71 -7.35 -8.10
N GLU C 614 19.42 -6.69 -9.02
CA GLU C 614 20.38 -7.34 -9.92
C GLU C 614 21.55 -6.39 -10.18
N ARG C 615 22.76 -6.82 -9.84
CA ARG C 615 23.95 -5.96 -9.82
C ARG C 615 25.00 -6.36 -10.85
N ASP C 616 25.95 -5.46 -11.08
CA ASP C 616 27.16 -5.72 -11.86
C ASP C 616 28.25 -6.19 -10.89
N GLU C 617 29.38 -6.66 -11.43
CA GLU C 617 30.53 -7.09 -10.61
C GLU C 617 31.18 -5.91 -9.86
N LYS C 618 31.15 -4.72 -10.47
CA LYS C 618 31.72 -3.51 -9.85
C LYS C 618 30.99 -3.11 -8.56
N GLY C 619 29.66 -3.25 -8.55
CA GLY C 619 28.84 -2.89 -7.38
C GLY C 619 27.55 -2.14 -7.69
N ARG C 620 27.48 -1.49 -8.85
CA ARG C 620 26.31 -0.70 -9.24
C ARG C 620 25.07 -1.56 -9.46
N ILE C 621 23.93 -1.10 -8.94
CA ILE C 621 22.64 -1.75 -9.14
C ILE C 621 22.09 -1.31 -10.49
N VAL C 622 21.93 -2.27 -11.42
CA VAL C 622 21.53 -1.97 -12.80
C VAL C 622 20.03 -1.77 -12.88
N LYS C 623 19.27 -2.76 -12.43
CA LYS C 623 17.81 -2.71 -12.42
C LYS C 623 17.21 -3.51 -11.26
N ALA C 624 15.94 -3.24 -10.96
CA ALA C 624 15.26 -3.85 -9.81
C ALA C 624 13.74 -3.88 -9.99
N LYS C 625 13.09 -4.79 -9.24
CA LYS C 625 11.63 -4.91 -9.23
C LYS C 625 11.13 -5.29 -7.83
N ASP C 626 9.82 -5.45 -7.69
CA ASP C 626 9.18 -5.90 -6.44
C ASP C 626 8.30 -7.14 -6.71
N ALA C 627 7.61 -7.62 -5.67
CA ALA C 627 6.74 -8.81 -5.76
C ALA C 627 5.64 -8.71 -6.82
N ALA C 628 5.10 -7.50 -7.01
CA ALA C 628 4.11 -7.24 -8.07
C ALA C 628 4.77 -7.23 -9.45
N GLY C 629 5.87 -6.48 -9.57
CA GLY C 629 6.68 -6.40 -10.80
C GLY C 629 6.75 -5.02 -11.44
N HIS C 630 6.97 -3.99 -10.63
CA HIS C 630 7.09 -2.61 -11.11
C HIS C 630 8.57 -2.29 -11.34
N GLU C 631 8.89 -1.74 -12.51
CA GLU C 631 10.27 -1.34 -12.83
C GLU C 631 10.65 -0.13 -11.97
N LEU C 632 11.53 -0.35 -11.01
CA LEU C 632 11.87 0.67 -10.01
C LEU C 632 12.96 1.63 -10.52
N VAL C 633 13.16 2.71 -9.78
CA VAL C 633 14.17 3.73 -10.08
C VAL C 633 15.03 3.95 -8.82
N TYR C 634 16.34 3.74 -8.95
CA TYR C 634 17.28 3.81 -7.84
C TYR C 634 17.85 5.23 -7.72
N THR C 635 17.47 5.92 -6.64
CA THR C 635 17.99 7.27 -6.35
C THR C 635 19.42 7.20 -5.84
N GLY C 636 19.63 6.38 -4.80
CA GLY C 636 20.94 6.17 -4.20
C GLY C 636 20.88 5.79 -2.73
N MET C 637 22.04 5.69 -2.10
CA MET C 637 22.13 5.51 -0.65
C MET C 637 21.64 6.79 0.05
N SER C 638 20.77 6.61 1.06
CA SER C 638 20.24 7.75 1.81
C SER C 638 19.77 7.33 3.20
N LYS C 639 19.62 8.31 4.08
CA LYS C 639 19.22 8.07 5.47
C LYS C 639 17.86 7.41 5.58
N MET C 640 17.72 6.50 6.54
CA MET C 640 16.44 5.83 6.82
C MET C 640 15.42 6.83 7.37
N SER C 641 14.25 6.89 6.73
CA SER C 641 13.14 7.73 7.19
C SER C 641 11.82 7.31 6.55
N LYS C 642 10.72 7.75 7.15
CA LYS C 642 9.38 7.49 6.60
C LYS C 642 9.09 8.23 5.27
N SER C 643 9.88 9.27 4.96
CA SER C 643 9.71 10.03 3.73
C SER C 643 10.03 9.21 2.49
N LYS C 644 11.21 8.58 2.49
CA LYS C 644 11.66 7.73 1.38
C LYS C 644 11.37 6.23 1.59
N ASN C 645 10.72 5.87 2.70
CA ASN C 645 10.22 4.51 2.96
C ASN C 645 11.31 3.43 2.90
N ASN C 646 12.48 3.76 3.45
CA ASN C 646 13.63 2.84 3.46
C ASN C 646 14.09 2.47 4.88
N GLY C 647 13.22 2.72 5.87
CA GLY C 647 13.50 2.36 7.25
C GLY C 647 13.17 0.90 7.50
N ILE C 648 14.19 0.09 7.75
CA ILE C 648 14.01 -1.34 8.06
C ILE C 648 13.58 -1.46 9.52
N ASP C 649 12.38 -2.00 9.74
CA ASP C 649 11.81 -2.17 11.08
C ASP C 649 12.56 -3.29 11.80
N PRO C 650 13.04 -3.05 13.04
CA PRO C 650 13.75 -4.10 13.78
C PRO C 650 12.89 -5.26 14.34
N GLN C 651 11.57 -5.18 14.21
CA GLN C 651 10.66 -6.18 14.83
C GLN C 651 10.79 -7.60 14.28
N VAL C 652 11.27 -7.74 13.04
CA VAL C 652 11.49 -9.06 12.43
C VAL C 652 12.68 -9.76 13.10
N MET C 653 13.77 -9.02 13.27
CA MET C 653 14.99 -9.55 13.91
C MET C 653 14.83 -9.81 15.41
N VAL C 654 14.06 -8.96 16.09
CA VAL C 654 13.81 -9.11 17.54
C VAL C 654 13.02 -10.38 17.85
N GLU C 655 12.02 -10.68 17.01
CA GLU C 655 11.23 -11.91 17.15
C GLU C 655 12.04 -13.17 16.83
N ARG C 656 12.92 -13.09 15.82
CA ARG C 656 13.76 -14.21 15.42
C ARG C 656 14.94 -14.41 16.38
N TYR C 657 15.86 -13.45 16.43
CA TYR C 657 17.13 -13.59 17.16
C TYR C 657 17.06 -13.13 18.63
N GLY C 658 16.44 -11.97 18.86
CA GLY C 658 16.31 -11.39 20.21
C GLY C 658 16.79 -9.96 20.26
N ALA C 659 16.25 -9.19 21.19
CA ALA C 659 16.61 -7.77 21.39
C ALA C 659 18.09 -7.56 21.74
N ASP C 660 18.66 -8.47 22.53
CA ASP C 660 20.10 -8.43 22.86
C ASP C 660 20.98 -8.64 21.63
N THR C 661 20.56 -9.53 20.73
CA THR C 661 21.29 -9.80 19.49
C THR C 661 21.31 -8.59 18.55
N VAL C 662 20.18 -7.88 18.48
CA VAL C 662 20.07 -6.67 17.64
C VAL C 662 20.91 -5.53 18.22
N ARG C 663 20.87 -5.38 19.54
CA ARG C 663 21.65 -4.35 20.23
C ARG C 663 23.16 -4.55 20.14
N LEU C 664 23.61 -5.77 20.36
CA LEU C 664 25.04 -6.12 20.26
C LEU C 664 25.59 -5.96 18.84
N PHE C 665 24.78 -6.32 17.85
CA PHE C 665 25.15 -6.21 16.43
C PHE C 665 25.35 -4.77 15.97
N MET C 666 24.44 -3.88 16.39
CA MET C 666 24.48 -2.46 16.00
C MET C 666 25.72 -1.72 16.53
N MET C 667 26.15 -2.05 17.73
CA MET C 667 27.36 -1.47 18.32
C MET C 667 28.63 -2.10 17.75
N PHE C 668 28.59 -3.40 17.48
CA PHE C 668 29.74 -4.15 16.95
C PHE C 668 30.07 -3.84 15.49
N ALA C 669 29.06 -3.50 14.68
CA ALA C 669 29.22 -3.30 13.24
C ALA C 669 30.15 -2.15 12.85
N SER C 670 30.12 -1.05 13.62
CA SER C 670 30.89 0.15 13.30
C SER C 670 31.05 1.04 14.54
N PRO C 671 32.10 1.89 14.58
CA PRO C 671 32.16 2.91 15.64
C PRO C 671 31.05 3.94 15.50
N ALA C 672 30.65 4.55 16.61
CA ALA C 672 29.44 5.40 16.69
C ALA C 672 29.40 6.53 15.66
N ASP C 673 30.51 7.26 15.52
CA ASP C 673 30.57 8.43 14.62
C ASP C 673 30.63 8.09 13.12
N MET C 674 30.99 6.85 12.77
CA MET C 674 31.06 6.42 11.36
C MET C 674 29.68 6.25 10.75
N THR C 675 29.54 6.64 9.48
CA THR C 675 28.33 6.41 8.69
C THR C 675 28.27 4.93 8.31
N LEU C 676 27.07 4.36 8.34
CA LEU C 676 26.86 2.91 8.20
C LEU C 676 25.84 2.59 7.11
N GLU C 677 26.26 1.82 6.12
CA GLU C 677 25.33 1.23 5.15
C GLU C 677 24.73 -0.02 5.78
N TRP C 678 23.40 -0.07 5.88
CA TRP C 678 22.71 -1.16 6.59
C TRP C 678 22.88 -2.51 5.88
N GLN C 679 23.17 -3.54 6.67
CA GLN C 679 23.44 -4.88 6.15
C GLN C 679 23.09 -5.92 7.21
N GLU C 680 22.13 -6.79 6.91
CA GLU C 680 21.71 -7.84 7.84
C GLU C 680 22.73 -8.97 7.95
N SER C 681 23.52 -9.19 6.89
CA SER C 681 24.60 -10.18 6.91
C SER C 681 25.64 -9.80 7.96
N GLY C 682 25.58 -10.50 9.11
CA GLY C 682 26.36 -10.12 10.29
C GLY C 682 25.68 -10.48 11.60
N VAL C 683 24.34 -10.37 11.62
CA VAL C 683 23.51 -10.63 12.83
C VAL C 683 23.76 -11.99 13.50
N GLU C 684 24.07 -13.01 12.71
CA GLU C 684 24.30 -14.37 13.23
C GLU C 684 25.48 -14.46 14.20
N GLY C 685 26.51 -13.64 13.99
CA GLY C 685 27.68 -13.58 14.87
C GLY C 685 27.38 -13.11 16.28
N ALA C 686 26.49 -12.12 16.40
CA ALA C 686 26.01 -11.64 17.69
C ALA C 686 25.15 -12.69 18.42
N ASN C 687 24.36 -13.44 17.65
CA ASN C 687 23.49 -14.49 18.21
C ASN C 687 24.31 -15.66 18.74
N ARG C 688 25.24 -16.16 17.91
CA ARG C 688 26.09 -17.30 18.29
C ARG C 688 27.12 -16.97 19.36
N PHE C 689 27.50 -15.70 19.48
CA PHE C 689 28.38 -15.25 20.57
C PHE C 689 27.68 -15.35 21.93
N LEU C 690 26.43 -14.89 22.00
CA LEU C 690 25.63 -14.97 23.23
C LEU C 690 25.31 -16.41 23.67
N LYS C 691 25.20 -17.33 22.70
CA LYS C 691 25.04 -18.75 23.00
C LYS C 691 26.27 -19.34 23.69
N ARG C 692 27.46 -18.94 23.26
CA ARG C 692 28.73 -19.36 23.91
C ARG C 692 28.89 -18.77 25.31
N VAL C 693 28.38 -17.55 25.52
CA VAL C 693 28.35 -16.94 26.86
C VAL C 693 27.34 -17.67 27.76
N TRP C 694 26.20 -18.02 27.19
CA TRP C 694 25.18 -18.83 27.89
C TRP C 694 25.68 -20.25 28.17
N LYS C 695 26.44 -20.82 27.24
CA LYS C 695 26.99 -22.17 27.37
C LYS C 695 28.04 -22.25 28.48
N LEU C 696 28.98 -21.31 28.47
CA LEU C 696 30.09 -21.29 29.44
C LEU C 696 29.64 -21.07 30.89
N VAL C 697 28.59 -20.27 31.07
CA VAL C 697 28.01 -20.02 32.39
C VAL C 697 27.22 -21.25 32.87
N TYR C 698 26.48 -21.90 31.96
CA TYR C 698 25.75 -23.13 32.29
C TYR C 698 26.69 -24.25 32.73
N GLU C 699 27.76 -24.47 31.96
CA GLU C 699 28.79 -25.47 32.30
C GLU C 699 29.51 -25.16 33.61
N HIS C 700 29.72 -23.87 33.89
CA HIS C 700 30.39 -23.44 35.12
C HIS C 700 29.51 -23.65 36.36
N THR C 701 28.24 -23.22 36.28
CA THR C 701 27.30 -23.35 37.40
C THR C 701 26.85 -24.79 37.67
N ALA C 702 26.73 -25.58 36.60
CA ALA C 702 26.29 -26.99 36.71
C ALA C 702 27.18 -27.85 37.61
N LYS C 703 28.48 -27.59 37.60
CA LYS C 703 29.44 -28.30 38.45
C LYS C 703 29.28 -27.96 39.95
N GLY C 704 28.81 -26.74 40.24
CA GLY C 704 28.40 -26.35 41.59
C GLY C 704 29.01 -25.05 42.07
N ASP C 705 29.12 -24.91 43.39
CA ASP C 705 29.64 -23.69 44.02
C ASP C 705 31.17 -23.66 43.94
N VAL C 706 31.75 -22.51 44.24
CA VAL C 706 33.21 -22.29 44.15
C VAL C 706 33.80 -21.73 45.44
N ALA C 707 35.08 -21.99 45.66
CA ALA C 707 35.83 -21.47 46.81
C ALA C 707 36.43 -20.11 46.49
N ALA C 708 36.92 -19.43 47.53
CA ALA C 708 37.55 -18.12 47.39
C ALA C 708 38.89 -18.24 46.68
N LEU C 709 39.18 -17.29 45.79
CA LEU C 709 40.38 -17.33 44.97
C LEU C 709 41.60 -16.90 45.79
N ASN C 710 42.60 -17.79 45.86
CA ASN C 710 43.88 -17.47 46.50
C ASN C 710 44.70 -16.63 45.52
N VAL C 711 44.94 -15.37 45.88
CA VAL C 711 45.52 -14.38 44.96
C VAL C 711 47.01 -14.62 44.73
N ASP C 712 47.75 -14.85 45.82
CA ASP C 712 49.21 -15.05 45.76
C ASP C 712 49.60 -16.53 45.91
N ALA C 713 48.97 -17.38 45.10
CA ALA C 713 49.27 -18.81 45.03
C ALA C 713 48.70 -19.42 43.75
N LEU C 714 49.18 -18.90 42.61
CA LEU C 714 48.67 -19.27 41.29
C LEU C 714 49.80 -19.72 40.37
N THR C 715 49.43 -20.50 39.35
CA THR C 715 50.38 -20.98 38.34
C THR C 715 50.68 -19.87 37.33
N GLU C 716 51.80 -19.99 36.64
CA GLU C 716 52.16 -19.04 35.56
C GLU C 716 51.20 -19.09 34.35
N ASN C 717 50.59 -20.24 34.11
CA ASN C 717 49.53 -20.40 33.10
C ASN C 717 48.24 -19.71 33.54
N GLN C 718 47.93 -19.78 34.84
CA GLN C 718 46.77 -19.10 35.43
C GLN C 718 47.00 -17.58 35.51
N LYS C 719 48.22 -17.17 35.89
CA LYS C 719 48.59 -15.75 36.00
C LYS C 719 48.43 -15.01 34.67
N ALA C 720 48.82 -15.64 33.58
CA ALA C 720 48.68 -15.07 32.23
C ALA C 720 47.21 -14.88 31.82
N LEU C 721 46.34 -15.79 32.25
CA LEU C 721 44.90 -15.69 32.00
C LEU C 721 44.28 -14.55 32.82
N ARG C 722 44.64 -14.47 34.10
CA ARG C 722 44.15 -13.41 34.98
C ARG C 722 44.63 -12.01 34.57
N ARG C 723 45.82 -11.95 33.96
CA ARG C 723 46.30 -10.71 33.33
C ARG C 723 45.42 -10.31 32.15
N ASP C 724 45.09 -11.27 31.28
CA ASP C 724 44.24 -11.03 30.12
C ASP C 724 42.80 -10.65 30.49
N VAL C 725 42.32 -11.11 31.64
CA VAL C 725 40.99 -10.73 32.15
C VAL C 725 41.00 -9.24 32.54
N HIS C 726 41.99 -8.85 33.34
CA HIS C 726 42.08 -7.47 33.87
C HIS C 726 42.43 -6.43 32.80
N LYS C 727 43.26 -6.80 31.82
CA LYS C 727 43.56 -5.91 30.69
C LYS C 727 42.33 -5.67 29.80
N THR C 728 41.48 -6.70 29.65
CA THR C 728 40.22 -6.56 28.93
C THR C 728 39.26 -5.61 29.64
N ILE C 729 39.24 -5.66 30.97
CA ILE C 729 38.44 -4.73 31.79
C ILE C 729 38.93 -3.29 31.62
N ALA C 730 40.24 -3.10 31.70
CA ALA C 730 40.86 -1.78 31.49
C ALA C 730 40.57 -1.20 30.11
N LYS C 731 40.60 -2.07 29.09
CA LYS C 731 40.29 -1.65 27.71
C LYS C 731 38.80 -1.33 27.54
N VAL C 732 37.94 -2.22 28.02
CA VAL C 732 36.48 -2.04 27.91
C VAL C 732 36.00 -0.81 28.70
N THR C 733 36.64 -0.52 29.83
CA THR C 733 36.37 0.71 30.59
C THR C 733 36.78 1.96 29.81
N ASP C 734 37.96 1.92 29.18
CA ASP C 734 38.47 3.03 28.40
C ASP C 734 37.68 3.26 27.10
N ASP C 735 37.38 2.17 26.40
CA ASP C 735 36.67 2.23 25.11
C ASP C 735 35.23 2.77 25.24
N ILE C 736 34.54 2.38 26.31
CA ILE C 736 33.18 2.86 26.57
C ILE C 736 33.19 4.29 27.12
N GLY C 737 34.01 4.53 28.15
CA GLY C 737 34.03 5.80 28.87
C GLY C 737 34.61 6.98 28.10
N ARG C 738 35.79 6.78 27.49
CA ARG C 738 36.53 7.85 26.85
C ARG C 738 36.31 7.89 25.32
N ARG C 739 36.58 6.77 24.66
CA ARG C 739 36.60 6.70 23.19
C ARG C 739 35.21 6.62 22.55
N GLN C 740 34.27 5.95 23.22
CA GLN C 740 32.98 5.55 22.64
C GLN C 740 33.14 4.73 21.35
N THR C 741 34.14 3.84 21.34
CA THR C 741 34.35 2.87 20.27
C THR C 741 33.87 1.53 20.80
N PHE C 742 32.56 1.28 20.66
CA PHE C 742 31.93 0.10 21.23
C PHE C 742 32.34 -1.19 20.51
N ASN C 743 32.57 -1.10 19.20
CA ASN C 743 33.05 -2.25 18.42
C ASN C 743 34.39 -2.82 18.91
N THR C 744 35.30 -1.94 19.34
CA THR C 744 36.59 -2.38 19.90
C THR C 744 36.45 -2.97 21.31
N ALA C 745 35.48 -2.47 22.08
CA ALA C 745 35.18 -3.02 23.40
C ALA C 745 34.53 -4.41 23.32
N ILE C 746 33.60 -4.57 22.36
CA ILE C 746 32.92 -5.85 22.14
C ILE C 746 33.89 -6.91 21.63
N ALA C 747 34.74 -6.53 20.68
CA ALA C 747 35.77 -7.42 20.13
C ALA C 747 36.81 -7.85 21.19
N ALA C 748 37.14 -6.94 22.11
CA ALA C 748 38.05 -7.25 23.21
C ALA C 748 37.48 -8.31 24.16
N ILE C 749 36.16 -8.29 24.35
CA ILE C 749 35.47 -9.30 25.16
C ILE C 749 35.42 -10.65 24.41
N MET C 750 35.21 -10.60 23.10
CA MET C 750 35.25 -11.80 22.25
C MET C 750 36.62 -12.49 22.26
N GLU C 751 37.70 -11.71 22.35
CA GLU C 751 39.06 -12.26 22.53
C GLU C 751 39.22 -12.99 23.87
N LEU C 752 38.63 -12.42 24.92
CA LEU C 752 38.65 -13.02 26.26
C LEU C 752 37.79 -14.29 26.34
N MET C 753 36.61 -14.26 25.71
CA MET C 753 35.71 -15.42 25.71
C MET C 753 36.31 -16.66 25.02
N ASN C 754 37.12 -16.44 23.99
CA ASN C 754 37.85 -17.53 23.33
C ASN C 754 38.94 -18.10 24.23
N LYS C 755 39.61 -17.23 24.98
CA LYS C 755 40.62 -17.65 25.98
C LYS C 755 39.99 -18.42 27.15
N LEU C 756 38.86 -17.90 27.66
CA LEU C 756 38.14 -18.55 28.76
C LEU C 756 37.49 -19.89 28.38
N ALA C 757 37.20 -20.09 27.10
CA ALA C 757 36.63 -21.35 26.61
C ALA C 757 37.65 -22.49 26.66
N LYS C 758 38.87 -22.22 26.20
CA LYS C 758 39.93 -23.24 26.13
C LYS C 758 40.67 -23.50 27.47
N ALA C 759 40.42 -22.68 28.49
CA ALA C 759 41.06 -22.85 29.80
C ALA C 759 40.50 -24.07 30.55
N PRO C 760 41.33 -24.71 31.41
CA PRO C 760 40.87 -25.89 32.15
C PRO C 760 39.93 -25.53 33.30
N THR C 761 38.94 -26.38 33.56
CA THR C 761 37.90 -26.10 34.56
C THR C 761 37.57 -27.38 35.37
N ASP C 762 38.62 -28.08 35.82
CA ASP C 762 38.47 -29.29 36.63
C ASP C 762 38.88 -29.03 38.07
N GLY C 763 40.12 -28.58 38.25
CA GLY C 763 40.64 -28.20 39.56
C GLY C 763 39.90 -26.99 40.12
N GLU C 764 39.69 -26.98 41.43
CA GLU C 764 38.84 -25.98 42.08
C GLU C 764 39.43 -24.56 42.16
N GLN C 765 40.76 -24.45 42.03
CA GLN C 765 41.41 -23.13 41.94
C GLN C 765 41.20 -22.46 40.58
N ASP C 766 41.15 -23.26 39.51
CA ASP C 766 40.77 -22.76 38.18
C ASP C 766 39.31 -22.32 38.12
N ARG C 767 38.44 -23.03 38.85
CA ARG C 767 37.02 -22.66 38.96
C ARG C 767 36.81 -21.38 39.77
N ALA C 768 37.68 -21.12 40.75
CA ALA C 768 37.69 -19.84 41.48
C ALA C 768 38.08 -18.68 40.57
N LEU C 769 39.05 -18.92 39.69
CA LEU C 769 39.45 -17.94 38.66
C LEU C 769 38.36 -17.76 37.59
N MET C 770 37.70 -18.87 37.21
CA MET C 770 36.59 -18.84 36.24
C MET C 770 35.37 -18.07 36.75
N GLN C 771 35.18 -18.05 38.08
CA GLN C 771 34.14 -17.23 38.71
C GLN C 771 34.43 -15.74 38.56
N GLU C 772 35.70 -15.35 38.77
CA GLU C 772 36.12 -13.95 38.63
C GLU C 772 35.92 -13.43 37.20
N ALA C 773 36.32 -14.24 36.23
CA ALA C 773 36.24 -13.86 34.82
C ALA C 773 34.79 -13.76 34.32
N LEU C 774 33.97 -14.76 34.65
CA LEU C 774 32.55 -14.78 34.24
C LEU C 774 31.72 -13.68 34.89
N LEU C 775 32.02 -13.36 36.16
CA LEU C 775 31.42 -12.21 36.82
C LEU C 775 31.82 -10.89 36.16
N ALA C 776 33.09 -10.80 35.75
CA ALA C 776 33.60 -9.62 35.04
C ALA C 776 33.00 -9.48 33.63
N VAL C 777 32.98 -10.59 32.88
CA VAL C 777 32.47 -10.60 31.50
C VAL C 777 30.99 -10.18 31.45
N VAL C 778 30.17 -10.81 32.29
CA VAL C 778 28.71 -10.55 32.32
C VAL C 778 28.40 -9.10 32.70
N ARG C 779 29.18 -8.51 33.59
CA ARG C 779 29.06 -7.08 33.93
C ARG C 779 29.46 -6.17 32.77
N MET C 780 30.49 -6.56 32.01
CA MET C 780 30.92 -5.79 30.83
C MET C 780 29.92 -5.80 29.67
N LEU C 781 29.20 -6.92 29.49
CA LEU C 781 28.13 -7.01 28.48
C LEU C 781 26.82 -6.32 28.90
N ASN C 782 26.61 -6.11 30.19
CA ASN C 782 25.32 -5.61 30.73
C ASN C 782 24.76 -4.36 30.04
N PRO C 783 25.60 -3.34 29.77
CA PRO C 783 25.09 -2.17 29.03
C PRO C 783 24.62 -2.48 27.60
N PHE C 784 25.25 -3.45 26.95
CA PHE C 784 24.91 -3.83 25.57
C PHE C 784 23.70 -4.78 25.54
N THR C 785 23.76 -5.82 26.37
CA THR C 785 22.75 -6.87 26.42
C THR C 785 22.24 -7.06 27.86
N PRO C 786 21.39 -6.14 28.35
CA PRO C 786 20.98 -6.16 29.76
C PRO C 786 20.03 -7.27 30.19
N HIS C 787 19.35 -7.93 29.24
CA HIS C 787 18.38 -8.98 29.57
C HIS C 787 19.07 -10.29 29.90
N ILE C 788 19.94 -10.75 29.00
CA ILE C 788 20.73 -11.97 29.20
C ILE C 788 21.68 -11.86 30.41
N CYS C 789 22.27 -10.68 30.61
CA CYS C 789 23.21 -10.47 31.72
C CYS C 789 22.52 -10.41 33.08
N PHE C 790 21.32 -9.85 33.13
CA PHE C 790 20.48 -9.86 34.36
C PHE C 790 20.19 -11.27 34.82
N THR C 791 19.86 -12.15 33.88
CA THR C 791 19.58 -13.55 34.17
C THR C 791 20.85 -14.29 34.60
N LEU C 792 21.94 -14.12 33.85
CA LEU C 792 23.23 -14.76 34.15
C LEU C 792 23.85 -14.30 35.48
N TRP C 793 23.58 -13.06 35.88
CA TRP C 793 24.03 -12.52 37.17
C TRP C 793 23.40 -13.28 38.35
N GLN C 794 22.13 -13.63 38.21
CA GLN C 794 21.42 -14.46 39.22
C GLN C 794 21.97 -15.89 39.28
N GLU C 795 22.31 -16.45 38.12
CA GLU C 795 22.84 -17.82 38.03
C GLU C 795 24.25 -17.95 38.62
N LEU C 796 25.03 -16.88 38.58
CA LEU C 796 26.37 -16.83 39.18
C LEU C 796 26.37 -16.45 40.68
N LYS C 797 25.19 -16.28 41.27
CA LYS C 797 25.02 -15.88 42.69
C LYS C 797 25.67 -14.52 43.00
N GLY C 798 25.43 -13.56 42.13
CA GLY C 798 25.91 -12.18 42.32
C GLY C 798 25.01 -11.43 43.27
N GLU C 799 25.56 -10.44 43.97
CA GLU C 799 24.83 -9.71 45.00
C GLU C 799 23.82 -8.73 44.40
N GLY C 800 22.53 -9.00 44.62
CA GLY C 800 21.46 -8.14 44.13
C GLY C 800 21.27 -8.20 42.63
N ASP C 801 20.70 -7.12 42.08
CA ASP C 801 20.51 -7.00 40.63
C ASP C 801 21.78 -6.48 39.97
N ILE C 802 21.95 -6.84 38.69
CA ILE C 802 23.14 -6.41 37.91
C ILE C 802 23.16 -4.91 37.61
N ASP C 803 21.98 -4.29 37.51
CA ASP C 803 21.86 -2.87 37.15
C ASP C 803 22.44 -1.94 38.21
N ASN C 804 22.30 -2.30 39.48
CA ASN C 804 22.85 -1.53 40.61
C ASN C 804 24.21 -2.05 41.11
N ALA C 805 24.78 -3.05 40.42
CA ALA C 805 26.07 -3.64 40.80
C ALA C 805 27.23 -2.73 40.41
N PRO C 806 28.37 -2.83 41.11
CA PRO C 806 29.53 -2.00 40.75
C PRO C 806 30.20 -2.45 39.45
N TRP C 807 30.76 -1.49 38.71
CA TRP C 807 31.51 -1.78 37.49
C TRP C 807 32.86 -2.40 37.86
N PRO C 808 33.32 -3.44 37.12
CA PRO C 808 34.58 -4.08 37.46
C PRO C 808 35.81 -3.18 37.32
N VAL C 809 36.61 -3.10 38.39
CA VAL C 809 37.84 -2.30 38.42
C VAL C 809 39.03 -3.21 38.19
N ALA C 810 39.98 -2.76 37.36
CA ALA C 810 41.17 -3.53 37.03
C ALA C 810 42.26 -3.31 38.08
N ASP C 811 42.60 -4.37 38.81
CA ASP C 811 43.74 -4.35 39.75
C ASP C 811 45.07 -4.22 38.99
N GLU C 812 45.92 -3.32 39.47
CA GLU C 812 47.19 -2.99 38.80
C GLU C 812 48.23 -4.11 38.92
N LYS C 813 48.35 -4.68 40.12
CA LYS C 813 49.30 -5.77 40.39
C LYS C 813 48.98 -7.07 39.62
N ALA C 814 47.71 -7.26 39.25
CA ALA C 814 47.28 -8.43 38.47
C ALA C 814 47.73 -8.43 37.01
N MET C 815 48.18 -7.29 36.49
CA MET C 815 48.55 -7.16 35.06
C MET C 815 49.90 -6.45 34.87
N VAL C 816 50.91 -6.89 35.60
CA VAL C 816 52.28 -6.38 35.46
C VAL C 816 52.97 -7.18 34.35
N GLU C 817 53.45 -6.47 33.33
CA GLU C 817 54.12 -7.09 32.19
C GLU C 817 55.59 -7.39 32.52
N ASP C 818 55.92 -8.68 32.69
CA ASP C 818 57.30 -9.12 32.94
C ASP C 818 58.23 -8.96 31.71
N SER C 819 57.66 -9.01 30.51
CA SER C 819 58.41 -8.83 29.26
C SER C 819 57.59 -8.02 28.24
N THR C 820 58.22 -7.66 27.12
CA THR C 820 57.58 -6.85 26.07
C THR C 820 58.07 -7.26 24.67
N LEU C 821 57.17 -7.17 23.69
CA LEU C 821 57.49 -7.51 22.29
C LEU C 821 58.21 -6.34 21.61
N VAL C 822 59.19 -6.67 20.76
CA VAL C 822 59.95 -5.69 19.98
C VAL C 822 60.09 -6.18 18.54
N VAL C 823 59.56 -5.42 17.59
CA VAL C 823 59.67 -5.72 16.17
C VAL C 823 61.03 -5.24 15.66
N VAL C 824 61.68 -6.05 14.83
CA VAL C 824 62.97 -5.73 14.22
C VAL C 824 62.77 -5.47 12.73
N GLN C 825 62.99 -4.22 12.31
CA GLN C 825 62.85 -3.82 10.91
C GLN C 825 64.22 -3.57 10.25
N VAL C 826 64.29 -3.90 8.95
CA VAL C 826 65.48 -3.64 8.14
C VAL C 826 65.01 -2.88 6.88
N ASN C 827 65.32 -1.58 6.84
CA ASN C 827 64.80 -0.66 5.80
C ASN C 827 63.26 -0.63 5.78
N GLY C 828 62.66 -0.55 6.97
CA GLY C 828 61.21 -0.51 7.13
C GLY C 828 60.47 -1.78 6.74
N LYS C 829 61.15 -2.93 6.81
CA LYS C 829 60.57 -4.23 6.44
C LYS C 829 60.71 -5.19 7.61
N VAL C 830 59.61 -5.83 8.00
CA VAL C 830 59.58 -6.71 9.17
C VAL C 830 60.24 -8.04 8.84
N ARG C 831 61.38 -8.31 9.47
CA ARG C 831 62.13 -9.55 9.28
C ARG C 831 62.00 -10.54 10.46
N ALA C 832 62.04 -10.02 11.69
CA ALA C 832 61.92 -10.86 12.89
C ALA C 832 61.21 -10.16 14.04
N LYS C 833 60.74 -10.96 15.00
CA LYS C 833 60.06 -10.48 16.20
C LYS C 833 60.64 -11.21 17.42
N ILE C 834 60.88 -10.46 18.50
CA ILE C 834 61.59 -11.00 19.68
C ILE C 834 60.96 -10.53 21.00
N THR C 835 61.13 -11.34 22.04
CA THR C 835 60.69 -11.00 23.39
C THR C 835 61.86 -10.37 24.15
N VAL C 836 61.58 -9.28 24.86
CA VAL C 836 62.58 -8.48 25.56
C VAL C 836 62.13 -8.26 27.02
N PRO C 837 63.07 -8.28 27.99
CA PRO C 837 62.74 -7.94 29.39
C PRO C 837 62.07 -6.58 29.60
N VAL C 838 61.37 -6.44 30.73
CA VAL C 838 60.54 -5.27 31.05
C VAL C 838 61.21 -3.91 30.82
N ASP C 839 62.51 -3.82 31.13
CA ASP C 839 63.28 -2.58 30.92
C ASP C 839 64.71 -2.92 30.46
N ALA C 840 64.85 -3.12 29.15
CA ALA C 840 66.13 -3.42 28.52
C ALA C 840 66.70 -2.17 27.85
N THR C 841 68.03 -2.09 27.77
CA THR C 841 68.72 -0.98 27.11
C THR C 841 68.74 -1.18 25.59
N GLU C 842 69.16 -0.15 24.87
CA GLU C 842 69.27 -0.20 23.40
C GLU C 842 70.28 -1.23 22.91
N GLU C 843 71.38 -1.39 23.65
CA GLU C 843 72.45 -2.31 23.28
C GLU C 843 72.03 -3.78 23.42
N GLN C 844 71.28 -4.08 24.49
CA GLN C 844 70.78 -5.44 24.73
C GLN C 844 69.78 -5.91 23.67
N VAL C 845 68.90 -5.01 23.23
CA VAL C 845 67.91 -5.32 22.19
C VAL C 845 68.59 -5.46 20.82
N ARG C 846 69.54 -4.57 20.54
CA ARG C 846 70.31 -4.59 19.28
C ARG C 846 71.18 -5.85 19.17
N GLU C 847 71.72 -6.32 20.30
CA GLU C 847 72.47 -7.58 20.35
C GLU C 847 71.57 -8.81 20.15
N ARG C 848 70.39 -8.80 20.79
CA ARG C 848 69.41 -9.89 20.66
C ARG C 848 68.83 -9.92 19.24
N ALA C 849 68.56 -8.73 18.68
CA ALA C 849 68.06 -8.61 17.30
C ALA C 849 69.02 -9.21 16.26
N GLY C 850 70.32 -9.09 16.51
CA GLY C 850 71.35 -9.67 15.64
C GLY C 850 71.42 -11.18 15.60
N GLN C 851 70.90 -11.85 16.63
CA GLN C 851 70.89 -13.32 16.70
C GLN C 851 69.92 -13.98 15.70
N GLU C 852 68.90 -13.25 15.24
CA GLU C 852 67.93 -13.77 14.28
C GLU C 852 68.56 -13.93 12.89
N HIS C 853 68.28 -15.05 12.23
CA HIS C 853 68.87 -15.36 10.92
C HIS C 853 68.35 -14.48 9.78
N LEU C 854 67.06 -14.14 9.84
CA LEU C 854 66.44 -13.22 8.87
C LEU C 854 67.00 -11.80 9.03
N VAL C 855 67.28 -11.39 10.27
CA VAL C 855 67.91 -10.10 10.55
C VAL C 855 69.38 -10.12 10.12
N ALA C 856 70.08 -11.20 10.48
CA ALA C 856 71.51 -11.36 10.19
C ALA C 856 71.87 -11.44 8.71
N LYS C 857 70.93 -11.87 7.87
CA LYS C 857 71.16 -11.99 6.42
C LYS C 857 71.38 -10.64 5.75
N TYR C 858 70.54 -9.66 6.07
CA TYR C 858 70.59 -8.32 5.45
C TYR C 858 71.68 -7.40 6.01
N LEU C 859 72.32 -7.79 7.12
CA LEU C 859 73.46 -7.04 7.69
C LEU C 859 74.84 -7.57 7.25
N ASP C 860 74.88 -8.49 6.29
CA ASP C 860 76.15 -9.05 5.80
C ASP C 860 76.88 -8.07 4.88
N GLY C 861 78.00 -7.54 5.36
CA GLY C 861 78.86 -6.66 4.56
C GLY C 861 78.28 -5.29 4.29
N VAL C 862 77.70 -4.68 5.34
CA VAL C 862 77.08 -3.35 5.23
C VAL C 862 77.17 -2.61 6.57
N THR C 863 77.63 -1.36 6.53
CA THR C 863 77.65 -0.49 7.71
C THR C 863 76.25 0.11 7.92
N VAL C 864 75.84 0.22 9.17
CA VAL C 864 74.51 0.72 9.52
C VAL C 864 74.55 2.25 9.55
N ARG C 865 73.74 2.88 8.69
CA ARG C 865 73.67 4.35 8.60
C ARG C 865 72.96 4.96 9.81
N LYS C 866 71.80 4.41 10.16
CA LYS C 866 70.98 4.89 11.27
C LYS C 866 70.36 3.74 12.06
N VAL C 867 70.13 3.98 13.35
CA VAL C 867 69.46 3.04 14.24
C VAL C 867 68.41 3.79 15.05
N ILE C 868 67.16 3.73 14.58
CA ILE C 868 66.02 4.36 15.26
C ILE C 868 65.36 3.33 16.16
N TYR C 869 65.11 3.70 17.41
CA TYR C 869 64.65 2.79 18.45
C TYR C 869 63.55 3.42 19.31
N VAL C 870 62.33 2.87 19.19
CA VAL C 870 61.21 3.22 20.08
C VAL C 870 61.26 2.24 21.25
N PRO C 871 61.44 2.74 22.50
CA PRO C 871 61.58 1.85 23.67
C PRO C 871 60.47 0.80 23.84
N GLY C 872 60.85 -0.47 23.76
CA GLY C 872 59.94 -1.59 23.97
C GLY C 872 58.83 -1.74 22.95
N LYS C 873 59.12 -1.40 21.69
CA LYS C 873 58.12 -1.42 20.61
C LYS C 873 58.73 -1.79 19.25
N LEU C 874 59.67 -0.96 18.78
CA LEU C 874 60.25 -1.11 17.44
C LEU C 874 61.74 -0.78 17.41
N LEU C 875 62.47 -1.45 16.51
CA LEU C 875 63.89 -1.18 16.24
C LEU C 875 64.14 -1.29 14.73
N ASN C 876 64.21 -0.14 14.06
CA ASN C 876 64.47 -0.07 12.62
C ASN C 876 65.96 0.13 12.37
N LEU C 877 66.49 -0.58 11.38
CA LEU C 877 67.92 -0.53 11.02
C LEU C 877 68.07 -0.16 9.54
N VAL C 878 68.65 1.02 9.28
CA VAL C 878 68.86 1.52 7.91
C VAL C 878 70.18 0.97 7.38
N VAL C 879 70.09 0.11 6.36
CA VAL C 879 71.26 -0.57 5.79
C VAL C 879 71.99 0.36 4.81
N GLY C 880 73.32 0.29 4.83
CA GLY C 880 74.17 1.09 3.93
C GLY C 880 74.16 0.55 2.51
ZN ZN E . -28.45 8.14 4.37
C1 LSS F . -20.75 -7.96 -16.24
N1 LSS F . -14.17 -13.94 -11.83
O1 LSS F . -20.72 -8.96 -15.53
S1 LSS F . -18.36 -7.31 -15.67
C2 LSS F . -14.54 -14.44 -13.03
N2 LSS F . -19.71 -7.12 -16.36
O2 LSS F . -19.14 -12.89 -15.33
N3 LSS F . -15.27 -13.72 -13.89
O3 LSS F . -18.80 -12.51 -17.94
C4 LSS F . -15.69 -12.46 -13.60
N4 LSS F . -21.81 -6.43 -17.83
O4 LSS F . -16.42 -10.94 -16.61
C5 LSS F . -15.36 -11.89 -12.39
O5 LSS F . -17.74 -8.64 -16.11
C6 LSS F . -14.54 -12.69 -11.46
N6 LSS F . -14.16 -12.21 -10.25
C7 LSS F . -23.84 -8.57 -18.49
N7 LSS F . -15.90 -10.65 -12.36
C8 LSS F . -16.54 -10.47 -13.54
C9 LSS F . -22.46 -8.79 -17.86
N9 LSS F . -16.42 -11.58 -14.28
CA LSS F . -22.00 -7.61 -16.99
C10 LSS F . -24.05 -9.59 -19.60
C11 LSS F . -24.96 -8.61 -17.46
O1A LSS F . -18.56 -7.33 -14.25
C21 LSS F . -16.96 -11.84 -15.64
C22 LSS F . -18.47 -11.69 -15.69
C23 LSS F . -18.69 -11.32 -17.14
C24 LSS F . -17.43 -10.55 -17.54
C25 LSS F . -17.64 -9.04 -17.48
O2A LSS F . -17.48 -6.23 -16.01
C VRT G . -48.48 -23.20 3.45
N VRT G . -48.48 -23.35 5.90
O VRT G . -49.47 -22.49 3.38
N1 VRT G . -44.84 -16.52 2.28
C2 VRT G . -44.20 -17.73 2.83
N3 VRT G . -44.81 -19.01 2.41
C4 VRT G . -45.87 -19.08 1.58
C5 VRT G . -46.48 -17.86 1.04
C6 VRT G . -45.90 -16.55 1.44
N6 VRT G . -46.44 -15.40 0.97
N7 VRT G . -47.49 -18.25 0.26
C8 VRT G . -47.54 -19.60 0.27
N9 VRT G . -46.57 -20.11 1.06
CA VRT G . -48.31 -24.10 4.65
CB VRT G . -49.33 -25.23 4.59
CD VRT G . -47.81 -27.25 4.55
CG VRT G . -48.85 -26.48 5.32
C1' VRT G . -46.27 -21.54 1.36
N10 VRT G . -47.51 -23.25 2.54
C2' VRT G . -47.50 -22.45 1.31
C3' VRT G . -47.27 -23.38 0.13
O3' VRT G . -47.56 -24.75 0.44
C4' VRT G . -45.81 -23.21 -0.26
O4' VRT G . -45.33 -22.03 0.39
C5' VRT G . -45.61 -23.08 -1.76
O5' VRT G . -44.22 -22.85 -2.04
MG MG H . -5.38 -28.59 0.78
ZN ZN I . 0.23 22.91 -6.23
C1 LSS J . 14.58 13.87 15.29
N1 LSS J . 20.67 7.13 11.27
O1 LSS J . 15.61 13.84 14.65
S1 LSS J . 13.87 11.52 14.66
C2 LSS J . 21.06 7.45 12.52
N2 LSS J . 13.70 12.85 15.36
O2 LSS J . 19.35 12.16 14.59
N3 LSS J . 20.30 8.21 13.32
O3 LSS J . 18.95 11.70 17.16
C4 LSS J . 19.09 8.68 12.92
N4 LSS J . 12.91 15.00 16.67
O4 LSS J . 17.34 9.43 15.79
C5 LSS J . 18.62 8.39 11.65
O5 LSS J . 15.09 10.76 15.20
C6 LSS J . 19.48 7.56 10.78
N6 LSS J . 19.10 7.22 9.52
C7 LSS J . 14.99 16.72 17.89
N7 LSS J . 17.42 8.99 11.51
C8 LSS J . 17.15 9.62 12.67
C9 LSS J . 15.28 15.42 17.12
N9 LSS J . 18.17 9.43 13.52
CA LSS J . 14.22 15.12 16.05
C10 LSS J . 15.92 16.86 19.10
C11 LSS J . 15.11 17.95 17.00
O1A LSS J . 14.05 11.71 13.25
C21 LSS J . 18.31 9.97 14.89
C22 LSS J . 18.15 11.48 14.94
C23 LSS J . 17.76 11.67 16.39
C24 LSS J . 16.93 10.45 16.72
C25 LSS J . 15.42 10.70 16.59
O2A LSS J . 12.69 10.71 14.85
C VRT K . 31.65 42.41 -2.37
N VRT K . 31.72 42.68 -4.78
O VRT K . 31.40 43.57 -2.05
N1 VRT K . 24.07 40.51 -1.42
C2 VRT K . 25.06 39.62 -2.05
N3 VRT K . 26.45 39.82 -1.61
C4 VRT K . 26.82 40.75 -0.70
C5 VRT K . 25.80 41.63 -0.09
C6 VRT K . 24.38 41.46 -0.50
N6 VRT K . 23.42 42.25 0.03
N7 VRT K . 26.45 42.43 0.75
C8 VRT K . 27.77 42.12 0.71
N9 VRT K . 28.00 41.11 -0.17
CA VRT K . 32.44 42.14 -3.61
CB VRT K . 33.82 42.82 -3.50
CD VRT K . 35.36 40.81 -3.64
CG VRT K . 34.89 42.09 -4.30
C1' VRT K . 29.30 40.47 -0.50
N10 VRT K . 31.27 41.35 -1.65
C2' VRT K . 30.50 41.42 -0.41
C3' VRT K . 31.37 40.87 0.72
O3' VRT K . 32.77 40.87 0.41
C4' VRT K . 30.86 39.45 0.96
O4' VRT K . 29.54 39.39 0.40
C5' VRT K . 30.84 39.09 2.44
O5' VRT K . 30.40 37.74 2.59
MG MG L . 36.53 -2.84 -0.47
#